data_2RK5
# 
_entry.id   2RK5 
# 
_audit_conform.dict_name       mmcif_pdbx.dic 
_audit_conform.dict_version    5.387 
_audit_conform.dict_location   http://mmcif.pdb.org/dictionaries/ascii/mmcif_pdbx.dic 
# 
loop_
_database_2.database_id 
_database_2.database_code 
_database_2.pdbx_database_accession 
_database_2.pdbx_DOI 
PDB   2RK5         pdb_00002rk5 10.2210/pdb2rk5/pdb 
RCSB  RCSB044957   ?            ?                   
WWPDB D_1000044957 ?            ?                   
# 
loop_
_pdbx_audit_revision_history.ordinal 
_pdbx_audit_revision_history.data_content_type 
_pdbx_audit_revision_history.major_revision 
_pdbx_audit_revision_history.minor_revision 
_pdbx_audit_revision_history.revision_date 
1 'Structure model' 1 0 2007-11-06 
2 'Structure model' 1 1 2011-07-13 
3 'Structure model' 1 2 2024-02-21 
# 
_pdbx_audit_revision_details.ordinal             1 
_pdbx_audit_revision_details.revision_ordinal    1 
_pdbx_audit_revision_details.data_content_type   'Structure model' 
_pdbx_audit_revision_details.provider            repository 
_pdbx_audit_revision_details.type                'Initial release' 
_pdbx_audit_revision_details.description         ? 
_pdbx_audit_revision_details.details             ? 
# 
loop_
_pdbx_audit_revision_group.ordinal 
_pdbx_audit_revision_group.revision_ordinal 
_pdbx_audit_revision_group.data_content_type 
_pdbx_audit_revision_group.group 
1 2 'Structure model' 'Version format compliance' 
2 3 'Structure model' 'Data collection'           
3 3 'Structure model' 'Database references'       
# 
loop_
_pdbx_audit_revision_category.ordinal 
_pdbx_audit_revision_category.revision_ordinal 
_pdbx_audit_revision_category.data_content_type 
_pdbx_audit_revision_category.category 
1 3 'Structure model' chem_comp_atom     
2 3 'Structure model' chem_comp_bond     
3 3 'Structure model' database_2         
4 3 'Structure model' struct_ref_seq_dif 
# 
loop_
_pdbx_audit_revision_item.ordinal 
_pdbx_audit_revision_item.revision_ordinal 
_pdbx_audit_revision_item.data_content_type 
_pdbx_audit_revision_item.item 
1 3 'Structure model' '_database_2.pdbx_DOI'                
2 3 'Structure model' '_database_2.pdbx_database_accession' 
3 3 'Structure model' '_struct_ref_seq_dif.details'         
# 
_pdbx_database_status.status_code                     REL 
_pdbx_database_status.entry_id                        2RK5 
_pdbx_database_status.recvd_initial_deposition_date   2007-10-16 
_pdbx_database_status.deposit_site                    RCSB 
_pdbx_database_status.process_site                    RCSB 
_pdbx_database_status.status_code_sf                  REL 
_pdbx_database_status.status_code_mr                  ? 
_pdbx_database_status.SG_entry                        Y 
_pdbx_database_status.pdb_format_compatible           Y 
_pdbx_database_status.status_code_cs                  ? 
_pdbx_database_status.status_code_nmr_data            ? 
_pdbx_database_status.methods_development_category    ? 
# 
_pdbx_database_related.db_name        TargetDB 
_pdbx_database_related.db_id          APC86174.3 
_pdbx_database_related.details        . 
_pdbx_database_related.content_type   unspecified 
# 
loop_
_audit_author.name 
_audit_author.pdbx_ordinal 
'Zhang, R.'                                     1 
'Li, H.'                                        2 
'Clancy, S.'                                    3 
'Joachimiak, A.'                                4 
'Midwest Center for Structural Genomics (MCSG)' 5 
# 
_citation.id                        primary 
_citation.title                     'The crystal structure of a domain of the putative hemolysin from Streptococcus mutans UA159.' 
_citation.journal_abbrev            'To be Published' 
_citation.journal_volume            ? 
_citation.page_first                ? 
_citation.page_last                 ? 
_citation.year                      ? 
_citation.journal_id_ASTM           ? 
_citation.country                   ? 
_citation.journal_id_ISSN           ? 
_citation.journal_id_CSD            0353 
_citation.book_publisher            ? 
_citation.pdbx_database_id_PubMed   ? 
_citation.pdbx_database_id_DOI      ? 
# 
loop_
_citation_author.citation_id 
_citation_author.name 
_citation_author.ordinal 
_citation_author.identifier_ORCID 
primary 'Zhang, R.'      1 ? 
primary 'Clancy, S.'     2 ? 
primary 'Li, H.'         3 ? 
primary 'Joachimiak, A.' 4 ? 
# 
loop_
_entity.id 
_entity.type 
_entity.src_method 
_entity.pdbx_description 
_entity.formula_weight 
_entity.pdbx_number_of_molecules 
_entity.pdbx_ec 
_entity.pdbx_mutation 
_entity.pdbx_fragment 
_entity.details 
1 polymer man 'Putative hemolysin' 9863.854 1   ? ? 'Domain: Residues 352-436' ? 
2 water   nat water                18.015   100 ? ? ?                          ? 
# 
_entity_poly.entity_id                      1 
_entity_poly.type                           'polypeptide(L)' 
_entity_poly.nstd_linkage                   no 
_entity_poly.nstd_monomer                   no 
_entity_poly.pdbx_seq_one_letter_code       
;QSREIADNTYIVLGTMTLNDFNEYFETDLESDNVDTIAGFYLTGVGTIPSQEEKEHFEVESNGKHLELINDKVKDGRVTK
LKILVSE
;
_entity_poly.pdbx_seq_one_letter_code_can   
;QSREIADNTYIVLGTMTLNDFNEYFETDLESDNVDTIAGFYLTGVGTIPSQEEKEHFEVESNGKHLELINDKVKDGRVTK
LKILVSE
;
_entity_poly.pdbx_strand_id                 A 
_entity_poly.pdbx_target_identifier         APC86174.3 
# 
_pdbx_entity_nonpoly.entity_id   2 
_pdbx_entity_nonpoly.name        water 
_pdbx_entity_nonpoly.comp_id     HOH 
# 
loop_
_entity_poly_seq.entity_id 
_entity_poly_seq.num 
_entity_poly_seq.mon_id 
_entity_poly_seq.hetero 
1 1  GLN n 
1 2  SER n 
1 3  ARG n 
1 4  GLU n 
1 5  ILE n 
1 6  ALA n 
1 7  ASP n 
1 8  ASN n 
1 9  THR n 
1 10 TYR n 
1 11 ILE n 
1 12 VAL n 
1 13 LEU n 
1 14 GLY n 
1 15 THR n 
1 16 MET n 
1 17 THR n 
1 18 LEU n 
1 19 ASN n 
1 20 ASP n 
1 21 PHE n 
1 22 ASN n 
1 23 GLU n 
1 24 TYR n 
1 25 PHE n 
1 26 GLU n 
1 27 THR n 
1 28 ASP n 
1 29 LEU n 
1 30 GLU n 
1 31 SER n 
1 32 ASP n 
1 33 ASN n 
1 34 VAL n 
1 35 ASP n 
1 36 THR n 
1 37 ILE n 
1 38 ALA n 
1 39 GLY n 
1 40 PHE n 
1 41 TYR n 
1 42 LEU n 
1 43 THR n 
1 44 GLY n 
1 45 VAL n 
1 46 GLY n 
1 47 THR n 
1 48 ILE n 
1 49 PRO n 
1 50 SER n 
1 51 GLN n 
1 52 GLU n 
1 53 GLU n 
1 54 LYS n 
1 55 GLU n 
1 56 HIS n 
1 57 PHE n 
1 58 GLU n 
1 59 VAL n 
1 60 GLU n 
1 61 SER n 
1 62 ASN n 
1 63 GLY n 
1 64 LYS n 
1 65 HIS n 
1 66 LEU n 
1 67 GLU n 
1 68 LEU n 
1 69 ILE n 
1 70 ASN n 
1 71 ASP n 
1 72 LYS n 
1 73 VAL n 
1 74 LYS n 
1 75 ASP n 
1 76 GLY n 
1 77 ARG n 
1 78 VAL n 
1 79 THR n 
1 80 LYS n 
1 81 LEU n 
1 82 LYS n 
1 83 ILE n 
1 84 LEU n 
1 85 VAL n 
1 86 SER n 
1 87 GLU n 
# 
_entity_src_gen.entity_id                          1 
_entity_src_gen.pdbx_src_id                        1 
_entity_src_gen.pdbx_alt_source_flag               sample 
_entity_src_gen.pdbx_seq_type                      ? 
_entity_src_gen.pdbx_beg_seq_num                   ? 
_entity_src_gen.pdbx_end_seq_num                   ? 
_entity_src_gen.gene_src_common_name               ? 
_entity_src_gen.gene_src_genus                     Streptococcus 
_entity_src_gen.pdbx_gene_src_gene                 'hlyX, SMU_1693' 
_entity_src_gen.gene_src_species                   'Streptococcus mutans' 
_entity_src_gen.gene_src_strain                    'UA159 / Serotype c' 
_entity_src_gen.gene_src_tissue                    ? 
_entity_src_gen.gene_src_tissue_fraction           ? 
_entity_src_gen.gene_src_details                   ? 
_entity_src_gen.pdbx_gene_src_fragment             ? 
_entity_src_gen.pdbx_gene_src_scientific_name      'Streptococcus mutans UA159' 
_entity_src_gen.pdbx_gene_src_ncbi_taxonomy_id     210007 
_entity_src_gen.pdbx_gene_src_variant              ? 
_entity_src_gen.pdbx_gene_src_cell_line            ? 
_entity_src_gen.pdbx_gene_src_atcc                 700610 
_entity_src_gen.pdbx_gene_src_organ                ? 
_entity_src_gen.pdbx_gene_src_organelle            ? 
_entity_src_gen.pdbx_gene_src_cell                 ? 
_entity_src_gen.pdbx_gene_src_cellular_location    ? 
_entity_src_gen.host_org_common_name               ? 
_entity_src_gen.pdbx_host_org_scientific_name      'Escherichia coli BL21' 
_entity_src_gen.pdbx_host_org_ncbi_taxonomy_id     511693 
_entity_src_gen.host_org_genus                     Escherichia 
_entity_src_gen.pdbx_host_org_gene                 ? 
_entity_src_gen.pdbx_host_org_organ                ? 
_entity_src_gen.host_org_species                   'Escherichia coli' 
_entity_src_gen.pdbx_host_org_tissue               ? 
_entity_src_gen.pdbx_host_org_tissue_fraction      ? 
_entity_src_gen.pdbx_host_org_strain               BL21 
_entity_src_gen.pdbx_host_org_variant              ? 
_entity_src_gen.pdbx_host_org_cell_line            ? 
_entity_src_gen.pdbx_host_org_atcc                 ? 
_entity_src_gen.pdbx_host_org_culture_collection   ? 
_entity_src_gen.pdbx_host_org_cell                 ? 
_entity_src_gen.pdbx_host_org_organelle            ? 
_entity_src_gen.pdbx_host_org_cellular_location    ? 
_entity_src_gen.pdbx_host_org_vector_type          Plasmid 
_entity_src_gen.pdbx_host_org_vector               ? 
_entity_src_gen.host_org_details                   ? 
_entity_src_gen.expression_system_id               ? 
_entity_src_gen.plasmid_name                       pDM68 
_entity_src_gen.plasmid_details                    ? 
_entity_src_gen.pdbx_description                   ? 
# 
loop_
_chem_comp.id 
_chem_comp.type 
_chem_comp.mon_nstd_flag 
_chem_comp.name 
_chem_comp.pdbx_synonyms 
_chem_comp.formula 
_chem_comp.formula_weight 
ALA 'L-peptide linking' y ALANINE         ? 'C3 H7 N O2'     89.093  
ARG 'L-peptide linking' y ARGININE        ? 'C6 H15 N4 O2 1' 175.209 
ASN 'L-peptide linking' y ASPARAGINE      ? 'C4 H8 N2 O3'    132.118 
ASP 'L-peptide linking' y 'ASPARTIC ACID' ? 'C4 H7 N O4'     133.103 
GLN 'L-peptide linking' y GLUTAMINE       ? 'C5 H10 N2 O3'   146.144 
GLU 'L-peptide linking' y 'GLUTAMIC ACID' ? 'C5 H9 N O4'     147.129 
GLY 'peptide linking'   y GLYCINE         ? 'C2 H5 N O2'     75.067  
HIS 'L-peptide linking' y HISTIDINE       ? 'C6 H10 N3 O2 1' 156.162 
HOH non-polymer         . WATER           ? 'H2 O'           18.015  
ILE 'L-peptide linking' y ISOLEUCINE      ? 'C6 H13 N O2'    131.173 
LEU 'L-peptide linking' y LEUCINE         ? 'C6 H13 N O2'    131.173 
LYS 'L-peptide linking' y LYSINE          ? 'C6 H15 N2 O2 1' 147.195 
MET 'L-peptide linking' y METHIONINE      ? 'C5 H11 N O2 S'  149.211 
PHE 'L-peptide linking' y PHENYLALANINE   ? 'C9 H11 N O2'    165.189 
PRO 'L-peptide linking' y PROLINE         ? 'C5 H9 N O2'     115.130 
SER 'L-peptide linking' y SERINE          ? 'C3 H7 N O3'     105.093 
THR 'L-peptide linking' y THREONINE       ? 'C4 H9 N O3'     119.119 
TYR 'L-peptide linking' y TYROSINE        ? 'C9 H11 N O3'    181.189 
VAL 'L-peptide linking' y VALINE          ? 'C5 H11 N O2'    117.146 
# 
loop_
_pdbx_poly_seq_scheme.asym_id 
_pdbx_poly_seq_scheme.entity_id 
_pdbx_poly_seq_scheme.seq_id 
_pdbx_poly_seq_scheme.mon_id 
_pdbx_poly_seq_scheme.ndb_seq_num 
_pdbx_poly_seq_scheme.pdb_seq_num 
_pdbx_poly_seq_scheme.auth_seq_num 
_pdbx_poly_seq_scheme.pdb_mon_id 
_pdbx_poly_seq_scheme.auth_mon_id 
_pdbx_poly_seq_scheme.pdb_strand_id 
_pdbx_poly_seq_scheme.pdb_ins_code 
_pdbx_poly_seq_scheme.hetero 
A 1 1  GLN 1  3  3  GLN GLN A . n 
A 1 2  SER 2  4  4  SER SER A . n 
A 1 3  ARG 3  5  5  ARG ARG A . n 
A 1 4  GLU 4  6  6  GLU GLU A . n 
A 1 5  ILE 5  7  7  ILE ILE A . n 
A 1 6  ALA 6  8  8  ALA ALA A . n 
A 1 7  ASP 7  9  9  ASP ASP A . n 
A 1 8  ASN 8  10 10 ASN ASN A . n 
A 1 9  THR 9  11 11 THR THR A . n 
A 1 10 TYR 10 12 12 TYR TYR A . n 
A 1 11 ILE 11 13 13 ILE ILE A . n 
A 1 12 VAL 12 14 14 VAL VAL A . n 
A 1 13 LEU 13 15 15 LEU LEU A . n 
A 1 14 GLY 14 16 16 GLY GLY A . n 
A 1 15 THR 15 17 17 THR THR A . n 
A 1 16 MET 16 18 18 MET MET A . n 
A 1 17 THR 17 19 19 THR THR A . n 
A 1 18 LEU 18 20 20 LEU LEU A . n 
A 1 19 ASN 19 21 21 ASN ASN A . n 
A 1 20 ASP 20 22 22 ASP ASP A . n 
A 1 21 PHE 21 23 23 PHE PHE A . n 
A 1 22 ASN 22 24 24 ASN ASN A . n 
A 1 23 GLU 23 25 25 GLU GLU A . n 
A 1 24 TYR 24 26 26 TYR TYR A . n 
A 1 25 PHE 25 27 27 PHE PHE A . n 
A 1 26 GLU 26 28 28 GLU GLU A . n 
A 1 27 THR 27 29 29 THR THR A . n 
A 1 28 ASP 28 30 30 ASP ASP A . n 
A 1 29 LEU 29 31 31 LEU LEU A . n 
A 1 30 GLU 30 32 32 GLU GLU A . n 
A 1 31 SER 31 33 33 SER SER A . n 
A 1 32 ASP 32 34 34 ASP ASP A . n 
A 1 33 ASN 33 35 35 ASN ASN A . n 
A 1 34 VAL 34 36 36 VAL VAL A . n 
A 1 35 ASP 35 37 37 ASP ASP A . n 
A 1 36 THR 36 38 38 THR THR A . n 
A 1 37 ILE 37 39 39 ILE ILE A . n 
A 1 38 ALA 38 40 40 ALA ALA A . n 
A 1 39 GLY 39 41 41 GLY GLY A . n 
A 1 40 PHE 40 42 42 PHE PHE A . n 
A 1 41 TYR 41 43 43 TYR TYR A . n 
A 1 42 LEU 42 44 44 LEU LEU A . n 
A 1 43 THR 43 45 45 THR THR A . n 
A 1 44 GLY 44 46 46 GLY GLY A . n 
A 1 45 VAL 45 47 47 VAL VAL A . n 
A 1 46 GLY 46 48 48 GLY GLY A . n 
A 1 47 THR 47 49 49 THR THR A . n 
A 1 48 ILE 48 50 50 ILE ILE A . n 
A 1 49 PRO 49 51 51 PRO PRO A . n 
A 1 50 SER 50 52 52 SER SER A . n 
A 1 51 GLN 51 53 53 GLN GLN A . n 
A 1 52 GLU 52 54 54 GLU GLU A . n 
A 1 53 GLU 53 55 55 GLU GLU A . n 
A 1 54 LYS 54 56 56 LYS LYS A . n 
A 1 55 GLU 55 57 57 GLU GLU A . n 
A 1 56 HIS 56 58 58 HIS HIS A . n 
A 1 57 PHE 57 59 59 PHE PHE A . n 
A 1 58 GLU 58 60 60 GLU GLU A . n 
A 1 59 VAL 59 61 61 VAL VAL A . n 
A 1 60 GLU 60 62 62 GLU GLU A . n 
A 1 61 SER 61 63 63 SER SER A . n 
A 1 62 ASN 62 64 64 ASN ASN A . n 
A 1 63 GLY 63 65 65 GLY GLY A . n 
A 1 64 LYS 64 66 66 LYS LYS A . n 
A 1 65 HIS 65 67 67 HIS HIS A . n 
A 1 66 LEU 66 68 68 LEU LEU A . n 
A 1 67 GLU 67 69 69 GLU GLU A . n 
A 1 68 LEU 68 70 70 LEU LEU A . n 
A 1 69 ILE 69 71 71 ILE ILE A . n 
A 1 70 ASN 70 72 72 ASN ASN A . n 
A 1 71 ASP 71 73 73 ASP ASP A . n 
A 1 72 LYS 72 74 74 LYS LYS A . n 
A 1 73 VAL 73 75 75 VAL VAL A . n 
A 1 74 LYS 74 76 76 LYS LYS A . n 
A 1 75 ASP 75 77 77 ASP ASP A . n 
A 1 76 GLY 76 78 78 GLY GLY A . n 
A 1 77 ARG 77 79 79 ARG ARG A . n 
A 1 78 VAL 78 80 80 VAL VAL A . n 
A 1 79 THR 79 81 81 THR THR A . n 
A 1 80 LYS 80 82 82 LYS LYS A . n 
A 1 81 LEU 81 83 83 LEU LEU A . n 
A 1 82 LYS 82 84 84 LYS LYS A . n 
A 1 83 ILE 83 85 85 ILE ILE A . n 
A 1 84 LEU 84 86 86 LEU LEU A . n 
A 1 85 VAL 85 87 87 VAL VAL A . n 
A 1 86 SER 86 88 88 SER SER A . n 
A 1 87 GLU 87 89 ?  ?   ?   A . n 
# 
loop_
_pdbx_nonpoly_scheme.asym_id 
_pdbx_nonpoly_scheme.entity_id 
_pdbx_nonpoly_scheme.mon_id 
_pdbx_nonpoly_scheme.ndb_seq_num 
_pdbx_nonpoly_scheme.pdb_seq_num 
_pdbx_nonpoly_scheme.auth_seq_num 
_pdbx_nonpoly_scheme.pdb_mon_id 
_pdbx_nonpoly_scheme.auth_mon_id 
_pdbx_nonpoly_scheme.pdb_strand_id 
_pdbx_nonpoly_scheme.pdb_ins_code 
B 2 HOH 1   101 1   HOH HOH A . 
B 2 HOH 2   102 2   HOH HOH A . 
B 2 HOH 3   103 3   HOH HOH A . 
B 2 HOH 4   104 4   HOH HOH A . 
B 2 HOH 5   105 5   HOH HOH A . 
B 2 HOH 6   106 6   HOH HOH A . 
B 2 HOH 7   107 7   HOH HOH A . 
B 2 HOH 8   108 8   HOH HOH A . 
B 2 HOH 9   109 9   HOH HOH A . 
B 2 HOH 10  110 10  HOH HOH A . 
B 2 HOH 11  111 11  HOH HOH A . 
B 2 HOH 12  112 12  HOH HOH A . 
B 2 HOH 13  113 13  HOH HOH A . 
B 2 HOH 14  114 14  HOH HOH A . 
B 2 HOH 15  115 15  HOH HOH A . 
B 2 HOH 16  116 16  HOH HOH A . 
B 2 HOH 17  117 17  HOH HOH A . 
B 2 HOH 18  118 18  HOH HOH A . 
B 2 HOH 19  119 19  HOH HOH A . 
B 2 HOH 20  120 20  HOH HOH A . 
B 2 HOH 21  121 21  HOH HOH A . 
B 2 HOH 22  122 22  HOH HOH A . 
B 2 HOH 23  123 23  HOH HOH A . 
B 2 HOH 24  124 24  HOH HOH A . 
B 2 HOH 25  125 25  HOH HOH A . 
B 2 HOH 26  126 26  HOH HOH A . 
B 2 HOH 27  127 27  HOH HOH A . 
B 2 HOH 28  128 28  HOH HOH A . 
B 2 HOH 29  129 29  HOH HOH A . 
B 2 HOH 30  130 30  HOH HOH A . 
B 2 HOH 31  131 31  HOH HOH A . 
B 2 HOH 32  132 32  HOH HOH A . 
B 2 HOH 33  133 33  HOH HOH A . 
B 2 HOH 34  134 34  HOH HOH A . 
B 2 HOH 35  135 35  HOH HOH A . 
B 2 HOH 36  136 36  HOH HOH A . 
B 2 HOH 37  137 37  HOH HOH A . 
B 2 HOH 38  138 38  HOH HOH A . 
B 2 HOH 39  139 39  HOH HOH A . 
B 2 HOH 40  140 40  HOH HOH A . 
B 2 HOH 41  141 41  HOH HOH A . 
B 2 HOH 42  142 42  HOH HOH A . 
B 2 HOH 43  143 43  HOH HOH A . 
B 2 HOH 44  144 44  HOH HOH A . 
B 2 HOH 45  145 45  HOH HOH A . 
B 2 HOH 46  146 46  HOH HOH A . 
B 2 HOH 47  147 47  HOH HOH A . 
B 2 HOH 48  148 48  HOH HOH A . 
B 2 HOH 49  149 49  HOH HOH A . 
B 2 HOH 50  150 50  HOH HOH A . 
B 2 HOH 51  151 51  HOH HOH A . 
B 2 HOH 52  152 52  HOH HOH A . 
B 2 HOH 53  153 53  HOH HOH A . 
B 2 HOH 54  154 54  HOH HOH A . 
B 2 HOH 55  155 55  HOH HOH A . 
B 2 HOH 56  156 56  HOH HOH A . 
B 2 HOH 57  157 57  HOH HOH A . 
B 2 HOH 58  158 58  HOH HOH A . 
B 2 HOH 59  159 59  HOH HOH A . 
B 2 HOH 60  160 60  HOH HOH A . 
B 2 HOH 61  161 61  HOH HOH A . 
B 2 HOH 62  162 62  HOH HOH A . 
B 2 HOH 63  163 63  HOH HOH A . 
B 2 HOH 64  164 64  HOH HOH A . 
B 2 HOH 65  165 65  HOH HOH A . 
B 2 HOH 66  166 66  HOH HOH A . 
B 2 HOH 67  167 67  HOH HOH A . 
B 2 HOH 68  168 68  HOH HOH A . 
B 2 HOH 69  169 69  HOH HOH A . 
B 2 HOH 70  170 70  HOH HOH A . 
B 2 HOH 71  171 71  HOH HOH A . 
B 2 HOH 72  172 72  HOH HOH A . 
B 2 HOH 73  173 73  HOH HOH A . 
B 2 HOH 74  174 74  HOH HOH A . 
B 2 HOH 75  175 75  HOH HOH A . 
B 2 HOH 76  176 76  HOH HOH A . 
B 2 HOH 77  177 77  HOH HOH A . 
B 2 HOH 78  178 78  HOH HOH A . 
B 2 HOH 79  179 79  HOH HOH A . 
B 2 HOH 80  180 80  HOH HOH A . 
B 2 HOH 81  181 81  HOH HOH A . 
B 2 HOH 82  182 82  HOH HOH A . 
B 2 HOH 83  183 83  HOH HOH A . 
B 2 HOH 84  184 84  HOH HOH A . 
B 2 HOH 85  185 85  HOH HOH A . 
B 2 HOH 86  186 86  HOH HOH A . 
B 2 HOH 87  187 87  HOH HOH A . 
B 2 HOH 88  188 88  HOH HOH A . 
B 2 HOH 89  189 89  HOH HOH A . 
B 2 HOH 90  190 90  HOH HOH A . 
B 2 HOH 91  191 91  HOH HOH A . 
B 2 HOH 92  192 92  HOH HOH A . 
B 2 HOH 93  193 93  HOH HOH A . 
B 2 HOH 94  194 94  HOH HOH A . 
B 2 HOH 95  195 95  HOH HOH A . 
B 2 HOH 96  196 96  HOH HOH A . 
B 2 HOH 97  197 97  HOH HOH A . 
B 2 HOH 98  198 98  HOH HOH A . 
B 2 HOH 99  199 99  HOH HOH A . 
B 2 HOH 100 200 100 HOH HOH A . 
# 
loop_
_software.name 
_software.classification 
_software.version 
_software.citation_id 
_software.pdbx_ordinal 
REFMAC      refinement        5.2.0019 ? 1 
SBC-Collect 'data collection' .        ? 2 
HKL-3000    'data reduction'  .        ? 3 
HKL-3000    'data scaling'    .        ? 4 
MLPHARE     phasing           .        ? 5 
# 
_cell.entry_id           2RK5 
_cell.length_a           34.490 
_cell.length_b           40.598 
_cell.length_c           57.630 
_cell.angle_alpha        90.00 
_cell.angle_beta         91.58 
_cell.angle_gamma        90.00 
_cell.Z_PDB              4 
_cell.pdbx_unique_axis   ? 
_cell.length_a_esd       ? 
_cell.length_b_esd       ? 
_cell.length_c_esd       ? 
_cell.angle_alpha_esd    ? 
_cell.angle_beta_esd     ? 
_cell.angle_gamma_esd    ? 
# 
_symmetry.entry_id                         2RK5 
_symmetry.space_group_name_H-M             'C 1 2 1' 
_symmetry.pdbx_full_space_group_name_H-M   ? 
_symmetry.cell_setting                     ? 
_symmetry.Int_Tables_number                5 
_symmetry.space_group_name_Hall            ? 
# 
_exptl.entry_id          2RK5 
_exptl.method            'X-RAY DIFFRACTION' 
_exptl.crystals_number   1 
# 
_exptl_crystal.id                    1 
_exptl_crystal.density_meas          ? 
_exptl_crystal.density_Matthews      2.04 
_exptl_crystal.density_percent_sol   39.84 
_exptl_crystal.description           ? 
_exptl_crystal.F_000                 ? 
_exptl_crystal.preparation           ? 
# 
_exptl_crystal_grow.crystal_id      1 
_exptl_crystal_grow.method          'VAPOR DIFFUSION, SITTING DROP' 
_exptl_crystal_grow.temp            289 
_exptl_crystal_grow.temp_details    ? 
_exptl_crystal_grow.pH              7.5 
_exptl_crystal_grow.pdbx_details    
'0.1M Hepes pH 7.5, 0.05M MgCl2, 30% PEG MME350, VAPOR DIFFUSION, SITTING DROP, temperature 289K' 
_exptl_crystal_grow.pdbx_pH_range   . 
# 
_diffrn.id                     1 
_diffrn.ambient_temp           100 
_diffrn.ambient_temp_details   ? 
_diffrn.crystal_id             1 
# 
_diffrn_detector.diffrn_id              1 
_diffrn_detector.detector               CCD 
_diffrn_detector.type                   'ADSC QUANTUM 315' 
_diffrn_detector.pdbx_collection_date   2007-06-11 
_diffrn_detector.details                mirrors 
# 
_diffrn_radiation.diffrn_id                        1 
_diffrn_radiation.wavelength_id                    1 
_diffrn_radiation.pdbx_monochromatic_or_laue_m_l   M 
_diffrn_radiation.monochromator                    'Si 111 channel' 
_diffrn_radiation.pdbx_diffrn_protocol             'SINGLE WAVELENGTH' 
_diffrn_radiation.pdbx_scattering_type             x-ray 
# 
_diffrn_radiation_wavelength.id           1 
_diffrn_radiation_wavelength.wavelength   0.97940 
_diffrn_radiation_wavelength.wt           1.0 
# 
_diffrn_source.diffrn_id                   1 
_diffrn_source.source                      SYNCHROTRON 
_diffrn_source.type                        'APS BEAMLINE 19-ID' 
_diffrn_source.pdbx_synchrotron_site       APS 
_diffrn_source.pdbx_synchrotron_beamline   19-ID 
_diffrn_source.pdbx_wavelength             ? 
_diffrn_source.pdbx_wavelength_list        0.97940 
# 
_reflns.entry_id                     2RK5 
_reflns.observed_criterion_sigma_I   2.0 
_reflns.observed_criterion_sigma_F   ? 
_reflns.d_resolution_low             57.64 
_reflns.d_resolution_high            1.50 
_reflns.number_obs                   12082 
_reflns.number_all                   12230 
_reflns.percent_possible_obs         98.72 
_reflns.pdbx_Rmerge_I_obs            0.074 
_reflns.pdbx_Rsym_value              ? 
_reflns.pdbx_netI_over_sigmaI        20.4 
_reflns.B_iso_Wilson_estimate        12.0 
_reflns.pdbx_redundancy              ? 
_reflns.R_free_details               ? 
_reflns.limit_h_max                  ? 
_reflns.limit_h_min                  ? 
_reflns.limit_k_max                  ? 
_reflns.limit_k_min                  ? 
_reflns.limit_l_max                  ? 
_reflns.limit_l_min                  ? 
_reflns.observed_criterion_F_max     ? 
_reflns.observed_criterion_F_min     ? 
_reflns.pdbx_chi_squared             ? 
_reflns.pdbx_scaling_rejects         ? 
_reflns.pdbx_diffrn_id               1 
_reflns.pdbx_ordinal                 1 
# 
_reflns_shell.d_res_high             1.500 
_reflns_shell.d_res_low              1.539 
_reflns_shell.percent_possible_all   92.53 
_reflns_shell.Rmerge_I_obs           0.245 
_reflns_shell.pdbx_Rsym_value        ? 
_reflns_shell.meanI_over_sigI_obs    4.3 
_reflns_shell.pdbx_redundancy        3.2 
_reflns_shell.percent_possible_obs   ? 
_reflns_shell.number_unique_all      ? 
_reflns_shell.number_measured_all    ? 
_reflns_shell.number_measured_obs    ? 
_reflns_shell.number_unique_obs      ? 
_reflns_shell.pdbx_chi_squared       ? 
_reflns_shell.pdbx_diffrn_id         ? 
_reflns_shell.pdbx_ordinal           1 
# 
_refine.entry_id                                 2RK5 
_refine.ls_number_reflns_obs                     12082 
_refine.ls_number_reflns_all                     12082 
_refine.pdbx_ls_sigma_I                          ? 
_refine.pdbx_ls_sigma_F                          0.0 
_refine.pdbx_data_cutoff_high_absF               ? 
_refine.pdbx_data_cutoff_low_absF                ? 
_refine.pdbx_data_cutoff_high_rms_absF           ? 
_refine.ls_d_res_low                             57.64 
_refine.ls_d_res_high                            1.50 
_refine.ls_percent_reflns_obs                    98.79 
_refine.ls_R_factor_obs                          0.18182 
_refine.ls_R_factor_all                          ? 
_refine.ls_R_factor_R_work                       0.17887 
_refine.ls_R_factor_R_free                       0.23684 
_refine.ls_R_factor_R_free_error                 ? 
_refine.ls_R_factor_R_free_error_details         ? 
_refine.ls_percent_reflns_R_free                 4.9 
_refine.ls_number_reflns_R_free                  625 
_refine.ls_number_parameters                     ? 
_refine.ls_number_restraints                     ? 
_refine.occupancy_min                            ? 
_refine.occupancy_max                            ? 
_refine.correlation_coeff_Fo_to_Fc               0.955 
_refine.correlation_coeff_Fo_to_Fc_free          0.928 
_refine.B_iso_mean                               11.825 
_refine.aniso_B[1][1]                            -0.16 
_refine.aniso_B[2][2]                            0.75 
_refine.aniso_B[3][3]                            -0.57 
_refine.aniso_B[1][2]                            0.00 
_refine.aniso_B[1][3]                            0.48 
_refine.aniso_B[2][3]                            0.00 
_refine.solvent_model_details                    MASK 
_refine.solvent_model_param_ksol                 ? 
_refine.solvent_model_param_bsol                 ? 
_refine.pdbx_solvent_vdw_probe_radii             1.20 
_refine.pdbx_solvent_ion_probe_radii             0.80 
_refine.pdbx_solvent_shrinkage_radii             0.80 
_refine.pdbx_ls_cross_valid_method               THROUGHOUT 
_refine.details                                  'HYDROGENS HAVE BEEN ADDED IN THE RIDING POSITIONS' 
_refine.pdbx_starting_model                      ? 
_refine.pdbx_method_to_determine_struct          SAD 
_refine.pdbx_isotropic_thermal_model             ? 
_refine.pdbx_stereochemistry_target_values       'MAXIMUM LIKELIHOOD' 
_refine.pdbx_stereochem_target_val_spec_case     ? 
_refine.pdbx_R_Free_selection_details            RANDOM 
_refine.pdbx_overall_ESU_R                       0.112 
_refine.pdbx_overall_ESU_R_Free                  0.094 
_refine.overall_SU_ML                            0.055 
_refine.overall_SU_B                             3.109 
_refine.ls_redundancy_reflns_obs                 ? 
_refine.B_iso_min                                ? 
_refine.B_iso_max                                ? 
_refine.overall_SU_R_Cruickshank_DPI             ? 
_refine.overall_SU_R_free                        ? 
_refine.ls_wR_factor_R_free                      ? 
_refine.ls_wR_factor_R_work                      ? 
_refine.overall_FOM_free_R_set                   ? 
_refine.overall_FOM_work_R_set                   ? 
_refine.pdbx_refine_id                           'X-RAY DIFFRACTION' 
_refine.pdbx_diffrn_id                           1 
_refine.pdbx_TLS_residual_ADP_flag               ? 
_refine.pdbx_overall_phase_error                 ? 
_refine.pdbx_overall_SU_R_free_Cruickshank_DPI   ? 
_refine.pdbx_overall_SU_R_Blow_DPI               ? 
_refine.pdbx_overall_SU_R_free_Blow_DPI          ? 
# 
_refine_analyze.entry_id                        2RK5 
_refine_analyze.Luzzati_coordinate_error_obs    ? 
_refine_analyze.Luzzati_sigma_a_obs             ? 
_refine_analyze.Luzzati_d_res_low_obs           ? 
_refine_analyze.Luzzati_coordinate_error_free   0.055 
_refine_analyze.Luzzati_sigma_a_free            ? 
_refine_analyze.Luzzati_d_res_low_free          ? 
_refine_analyze.number_disordered_residues      ? 
_refine_analyze.occupancy_sum_hydrogen          ? 
_refine_analyze.occupancy_sum_non_hydrogen      ? 
_refine_analyze.pdbx_Luzzati_d_res_high_obs     ? 
_refine_analyze.pdbx_refine_id                  'X-RAY DIFFRACTION' 
# 
_refine_hist.pdbx_refine_id                   'X-RAY DIFFRACTION' 
_refine_hist.cycle_id                         LAST 
_refine_hist.pdbx_number_atoms_protein        705 
_refine_hist.pdbx_number_atoms_nucleic_acid   0 
_refine_hist.pdbx_number_atoms_ligand         0 
_refine_hist.number_atoms_solvent             100 
_refine_hist.number_atoms_total               805 
_refine_hist.d_res_high                       1.50 
_refine_hist.d_res_low                        57.64 
# 
loop_
_refine_ls_restr.type 
_refine_ls_restr.dev_ideal 
_refine_ls_restr.dev_ideal_target 
_refine_ls_restr.weight 
_refine_ls_restr.number 
_refine_ls_restr.pdbx_refine_id 
_refine_ls_restr.pdbx_restraint_function 
r_bond_refined_d             0.014  0.022  ? 717  'X-RAY DIFFRACTION' ? 
r_bond_other_d               0.002  0.020  ? 470  'X-RAY DIFFRACTION' ? 
r_angle_refined_deg          1.477  1.953  ? 971  'X-RAY DIFFRACTION' ? 
r_angle_other_deg            0.932  3.000  ? 1157 'X-RAY DIFFRACTION' ? 
r_dihedral_angle_1_deg       5.734  5.000  ? 89   'X-RAY DIFFRACTION' ? 
r_dihedral_angle_2_deg       29.341 25.789 ? 38   'X-RAY DIFFRACTION' ? 
r_dihedral_angle_3_deg       12.206 15.000 ? 131  'X-RAY DIFFRACTION' ? 
r_dihedral_angle_4_deg       14.776 15.000 ? 3    'X-RAY DIFFRACTION' ? 
r_chiral_restr               0.110  0.200  ? 111  'X-RAY DIFFRACTION' ? 
r_gen_planes_refined         0.006  0.020  ? 809  'X-RAY DIFFRACTION' ? 
r_gen_planes_other           0.001  0.020  ? 138  'X-RAY DIFFRACTION' ? 
r_nbd_refined                0.252  0.200  ? 152  'X-RAY DIFFRACTION' ? 
r_nbd_other                  0.204  0.200  ? 479  'X-RAY DIFFRACTION' ? 
r_nbtor_refined              0.171  0.200  ? 374  'X-RAY DIFFRACTION' ? 
r_nbtor_other                0.084  0.200  ? 392  'X-RAY DIFFRACTION' ? 
r_xyhbond_nbd_refined        0.183  0.200  ? 57   'X-RAY DIFFRACTION' ? 
r_xyhbond_nbd_other          ?      ?      ? ?    'X-RAY DIFFRACTION' ? 
r_metal_ion_refined          ?      ?      ? ?    'X-RAY DIFFRACTION' ? 
r_metal_ion_other            ?      ?      ? ?    'X-RAY DIFFRACTION' ? 
r_symmetry_vdw_refined       0.268  0.200  ? 15   'X-RAY DIFFRACTION' ? 
r_symmetry_vdw_other         0.384  0.200  ? 27   'X-RAY DIFFRACTION' ? 
r_symmetry_hbond_refined     0.169  0.200  ? 17   'X-RAY DIFFRACTION' ? 
r_symmetry_hbond_other       ?      ?      ? ?    'X-RAY DIFFRACTION' ? 
r_symmetry_metal_ion_refined ?      ?      ? ?    'X-RAY DIFFRACTION' ? 
r_symmetry_metal_ion_other   ?      ?      ? ?    'X-RAY DIFFRACTION' ? 
r_mcbond_it                  1.747  1.500  ? 565  'X-RAY DIFFRACTION' ? 
r_mcbond_other               0.677  1.500  ? 180  'X-RAY DIFFRACTION' ? 
r_mcangle_it                 2.283  2.000  ? 711  'X-RAY DIFFRACTION' ? 
r_scbond_it                  4.056  3.000  ? 321  'X-RAY DIFFRACTION' ? 
r_scangle_it                 5.405  4.500  ? 260  'X-RAY DIFFRACTION' ? 
r_rigid_bond_restr           2.109  3.000  ? 751  'X-RAY DIFFRACTION' ? 
r_sphericity_free            5.089  3.000  ? 93   'X-RAY DIFFRACTION' ? 
r_sphericity_bonded          3.078  3.000  ? 711  'X-RAY DIFFRACTION' ? 
# 
_refine_ls_shell.pdbx_total_number_of_bins_used   20 
_refine_ls_shell.d_res_high                       1.500 
_refine_ls_shell.d_res_low                        1.539 
_refine_ls_shell.number_reflns_R_work             815 
_refine_ls_shell.R_factor_R_work                  0.210 
_refine_ls_shell.percent_reflns_obs               92.53 
_refine_ls_shell.R_factor_R_free                  0.401 
_refine_ls_shell.R_factor_R_free_error            ? 
_refine_ls_shell.percent_reflns_R_free            ? 
_refine_ls_shell.number_reflns_R_free             40 
_refine_ls_shell.number_reflns_all                ? 
_refine_ls_shell.R_factor_all                     ? 
_refine_ls_shell.redundancy_reflns_obs            ? 
_refine_ls_shell.number_reflns_obs                ? 
_refine_ls_shell.pdbx_refine_id                   'X-RAY DIFFRACTION' 
# 
_struct.entry_id                  2RK5 
_struct.title                     'Crystal structure of a domain of the putative hemolysin from Streptococcus mutans UA159' 
_struct.pdbx_model_details        ? 
_struct.pdbx_CASP_flag            ? 
_struct.pdbx_model_type_details   ? 
# 
_struct_keywords.entry_id        2RK5 
_struct_keywords.pdbx_keywords   TOXIN 
_struct_keywords.text            
;Hemolysin, Structural genomics, PSI-2, MCSG, Protein Structure Initiative, Midwest Center for Structural Genomics, Membrane, Transmembrane, TOXIN
;
# 
loop_
_struct_asym.id 
_struct_asym.pdbx_blank_PDB_chainid_flag 
_struct_asym.pdbx_modified 
_struct_asym.entity_id 
_struct_asym.details 
A N N 1 ? 
B N N 2 ? 
# 
_struct_ref.id                         1 
_struct_ref.db_name                    UNP 
_struct_ref.db_code                    O68574_STRMU 
_struct_ref.pdbx_db_accession          O68574 
_struct_ref.entity_id                  1 
_struct_ref.pdbx_seq_one_letter_code   
;REIADNTYIVLGTMTLNDFNEYFETDLESDNVDTIAGFYLTGVGTIPSQEEKEHFEVESNGKHLELINDKVKDGRVTKLK
ILVSE
;
_struct_ref.pdbx_align_begin           352 
_struct_ref.pdbx_db_isoform            ? 
# 
_struct_ref_seq.align_id                      1 
_struct_ref_seq.ref_id                        1 
_struct_ref_seq.pdbx_PDB_id_code              2RK5 
_struct_ref_seq.pdbx_strand_id                A 
_struct_ref_seq.seq_align_beg                 3 
_struct_ref_seq.pdbx_seq_align_beg_ins_code   ? 
_struct_ref_seq.seq_align_end                 87 
_struct_ref_seq.pdbx_seq_align_end_ins_code   ? 
_struct_ref_seq.pdbx_db_accession             O68574 
_struct_ref_seq.db_align_beg                  352 
_struct_ref_seq.pdbx_db_align_beg_ins_code    ? 
_struct_ref_seq.db_align_end                  436 
_struct_ref_seq.pdbx_db_align_end_ins_code    ? 
_struct_ref_seq.pdbx_auth_seq_align_beg       5 
_struct_ref_seq.pdbx_auth_seq_align_end       89 
# 
loop_
_struct_ref_seq_dif.align_id 
_struct_ref_seq_dif.pdbx_pdb_id_code 
_struct_ref_seq_dif.mon_id 
_struct_ref_seq_dif.pdbx_pdb_strand_id 
_struct_ref_seq_dif.seq_num 
_struct_ref_seq_dif.pdbx_pdb_ins_code 
_struct_ref_seq_dif.pdbx_seq_db_name 
_struct_ref_seq_dif.pdbx_seq_db_accession_code 
_struct_ref_seq_dif.db_mon_id 
_struct_ref_seq_dif.pdbx_seq_db_seq_num 
_struct_ref_seq_dif.details 
_struct_ref_seq_dif.pdbx_auth_seq_num 
_struct_ref_seq_dif.pdbx_ordinal 
1 2RK5 GLN A 1 ? UNP O68574 ? ? 'expression tag' 3 1 
1 2RK5 SER A 2 ? UNP O68574 ? ? 'expression tag' 4 2 
# 
_pdbx_struct_assembly.id                   1 
_pdbx_struct_assembly.details              author_and_software_defined_assembly 
_pdbx_struct_assembly.method_details       PISA 
_pdbx_struct_assembly.oligomeric_details   dimeric 
_pdbx_struct_assembly.oligomeric_count     2 
# 
_pdbx_struct_assembly_prop.biol_id   1 
_pdbx_struct_assembly_prop.type      'ABSA (A^2)' 
_pdbx_struct_assembly_prop.value     1120 
_pdbx_struct_assembly_prop.details   ? 
# 
_pdbx_struct_assembly_gen.assembly_id       1 
_pdbx_struct_assembly_gen.oper_expression   1,2 
_pdbx_struct_assembly_gen.asym_id_list      A,B 
# 
loop_
_pdbx_struct_oper_list.id 
_pdbx_struct_oper_list.type 
_pdbx_struct_oper_list.name 
_pdbx_struct_oper_list.symmetry_operation 
_pdbx_struct_oper_list.matrix[1][1] 
_pdbx_struct_oper_list.matrix[1][2] 
_pdbx_struct_oper_list.matrix[1][3] 
_pdbx_struct_oper_list.vector[1] 
_pdbx_struct_oper_list.matrix[2][1] 
_pdbx_struct_oper_list.matrix[2][2] 
_pdbx_struct_oper_list.matrix[2][3] 
_pdbx_struct_oper_list.vector[2] 
_pdbx_struct_oper_list.matrix[3][1] 
_pdbx_struct_oper_list.matrix[3][2] 
_pdbx_struct_oper_list.matrix[3][3] 
_pdbx_struct_oper_list.vector[3] 
1 'identity operation'         1_555 x,y,z       1.0000000000  0.0000000000  0.0000000000 0.0000000000  0.0000000000  1.0000000000  0.0000000000  0.0000000000  0.0000000000 0.0000000000  1.0000000000  0.0000000000   
2 'crystal symmetry operation' 2_656 -x+1,y,-z+1 -0.7957117612 -0.4082664309 0.4473939143 22.9913714198 -0.4082664309 -0.1840867611 -0.8941088221 -1.9400018447 0.4473939143 -0.8941088221 -0.0202014778 -12.2686166038 
# 
_struct_biol.id        1 
_struct_biol.details   ? 
# 
loop_
_struct_conf.conf_type_id 
_struct_conf.id 
_struct_conf.pdbx_PDB_helix_id 
_struct_conf.beg_label_comp_id 
_struct_conf.beg_label_asym_id 
_struct_conf.beg_label_seq_id 
_struct_conf.pdbx_beg_PDB_ins_code 
_struct_conf.end_label_comp_id 
_struct_conf.end_label_asym_id 
_struct_conf.end_label_seq_id 
_struct_conf.pdbx_end_PDB_ins_code 
_struct_conf.beg_auth_comp_id 
_struct_conf.beg_auth_asym_id 
_struct_conf.beg_auth_seq_id 
_struct_conf.end_auth_comp_id 
_struct_conf.end_auth_asym_id 
_struct_conf.end_auth_seq_id 
_struct_conf.pdbx_PDB_helix_class 
_struct_conf.details 
_struct_conf.pdbx_PDB_helix_length 
HELX_P HELX_P1 1 THR A 17 ? GLU A 26 ? THR A 19 GLU A 28 1 ? 10 
HELX_P HELX_P2 2 THR A 36 ? GLY A 46 ? THR A 38 GLY A 48 1 ? 11 
# 
_struct_conf_type.id          HELX_P 
_struct_conf_type.criteria    ? 
_struct_conf_type.reference   ? 
# 
_struct_sheet.id               A 
_struct_sheet.type             ? 
_struct_sheet.number_strands   5 
_struct_sheet.details          ? 
# 
loop_
_struct_sheet_order.sheet_id 
_struct_sheet_order.range_id_1 
_struct_sheet_order.range_id_2 
_struct_sheet_order.offset 
_struct_sheet_order.sense 
A 1 2 ? anti-parallel 
A 2 3 ? anti-parallel 
A 3 4 ? anti-parallel 
A 4 5 ? anti-parallel 
# 
loop_
_struct_sheet_range.sheet_id 
_struct_sheet_range.id 
_struct_sheet_range.beg_label_comp_id 
_struct_sheet_range.beg_label_asym_id 
_struct_sheet_range.beg_label_seq_id 
_struct_sheet_range.pdbx_beg_PDB_ins_code 
_struct_sheet_range.end_label_comp_id 
_struct_sheet_range.end_label_asym_id 
_struct_sheet_range.end_label_seq_id 
_struct_sheet_range.pdbx_end_PDB_ins_code 
_struct_sheet_range.beg_auth_comp_id 
_struct_sheet_range.beg_auth_asym_id 
_struct_sheet_range.beg_auth_seq_id 
_struct_sheet_range.end_auth_comp_id 
_struct_sheet_range.end_auth_asym_id 
_struct_sheet_range.end_auth_seq_id 
A 1 SER A 2  ? ALA A 6  ? SER A 4  ALA A 8  
A 2 THR A 9  ? LEU A 13 ? THR A 11 LEU A 15 
A 3 ARG A 77 ? VAL A 85 ? ARG A 79 VAL A 87 
A 4 LYS A 64 ? LYS A 74 ? LYS A 66 LYS A 76 
A 5 HIS A 56 ? SER A 61 ? HIS A 58 SER A 63 
# 
loop_
_pdbx_struct_sheet_hbond.sheet_id 
_pdbx_struct_sheet_hbond.range_id_1 
_pdbx_struct_sheet_hbond.range_id_2 
_pdbx_struct_sheet_hbond.range_1_label_atom_id 
_pdbx_struct_sheet_hbond.range_1_label_comp_id 
_pdbx_struct_sheet_hbond.range_1_label_asym_id 
_pdbx_struct_sheet_hbond.range_1_label_seq_id 
_pdbx_struct_sheet_hbond.range_1_PDB_ins_code 
_pdbx_struct_sheet_hbond.range_1_auth_atom_id 
_pdbx_struct_sheet_hbond.range_1_auth_comp_id 
_pdbx_struct_sheet_hbond.range_1_auth_asym_id 
_pdbx_struct_sheet_hbond.range_1_auth_seq_id 
_pdbx_struct_sheet_hbond.range_2_label_atom_id 
_pdbx_struct_sheet_hbond.range_2_label_comp_id 
_pdbx_struct_sheet_hbond.range_2_label_asym_id 
_pdbx_struct_sheet_hbond.range_2_label_seq_id 
_pdbx_struct_sheet_hbond.range_2_PDB_ins_code 
_pdbx_struct_sheet_hbond.range_2_auth_atom_id 
_pdbx_struct_sheet_hbond.range_2_auth_comp_id 
_pdbx_struct_sheet_hbond.range_2_auth_asym_id 
_pdbx_struct_sheet_hbond.range_2_auth_seq_id 
A 1 2 N ILE A 5  ? N ILE A 7  O THR A 9  ? O THR A 11 
A 2 3 N TYR A 10 ? N TYR A 12 O ILE A 83 ? O ILE A 85 
A 3 4 O LYS A 82 ? O LYS A 84 N ILE A 69 ? N ILE A 71 
A 4 5 O LEU A 66 ? O LEU A 68 N VAL A 59 ? N VAL A 61 
# 
_pdbx_validate_close_contact.id               1 
_pdbx_validate_close_contact.PDB_model_num    1 
_pdbx_validate_close_contact.auth_atom_id_1   NE 
_pdbx_validate_close_contact.auth_asym_id_1   A 
_pdbx_validate_close_contact.auth_comp_id_1   ARG 
_pdbx_validate_close_contact.auth_seq_id_1    79 
_pdbx_validate_close_contact.PDB_ins_code_1   ? 
_pdbx_validate_close_contact.label_alt_id_1   A 
_pdbx_validate_close_contact.auth_atom_id_2   O 
_pdbx_validate_close_contact.auth_asym_id_2   A 
_pdbx_validate_close_contact.auth_comp_id_2   HOH 
_pdbx_validate_close_contact.auth_seq_id_2    193 
_pdbx_validate_close_contact.PDB_ins_code_2   ? 
_pdbx_validate_close_contact.label_alt_id_2   ? 
_pdbx_validate_close_contact.dist             2.15 
# 
_pdbx_SG_project.id                    1 
_pdbx_SG_project.project_name          'PSI, Protein Structure Initiative' 
_pdbx_SG_project.full_name_of_center   'Midwest Center for Structural Genomics' 
_pdbx_SG_project.initial_of_center     MCSG 
# 
loop_
_pdbx_struct_special_symmetry.id 
_pdbx_struct_special_symmetry.PDB_model_num 
_pdbx_struct_special_symmetry.auth_asym_id 
_pdbx_struct_special_symmetry.auth_comp_id 
_pdbx_struct_special_symmetry.auth_seq_id 
_pdbx_struct_special_symmetry.PDB_ins_code 
_pdbx_struct_special_symmetry.label_asym_id 
_pdbx_struct_special_symmetry.label_comp_id 
_pdbx_struct_special_symmetry.label_seq_id 
1 1 A HOH 103 ? B HOH . 
2 1 A HOH 107 ? B HOH . 
# 
_pdbx_refine_tls.id               1 
_pdbx_refine_tls.details          ? 
_pdbx_refine_tls.method           refined 
_pdbx_refine_tls.origin_x         0.0242 
_pdbx_refine_tls.origin_y         0.1512 
_pdbx_refine_tls.origin_z         0.5460 
_pdbx_refine_tls.T[1][1]          -0.0228 
_pdbx_refine_tls.T[2][2]          -0.0034 
_pdbx_refine_tls.T[3][3]          -0.0163 
_pdbx_refine_tls.T[1][2]          0.0056 
_pdbx_refine_tls.T[1][3]          0.0083 
_pdbx_refine_tls.T[2][3]          -0.0027 
_pdbx_refine_tls.L[1][1]          0.9002 
_pdbx_refine_tls.L[2][2]          0.7593 
_pdbx_refine_tls.L[3][3]          0.3523 
_pdbx_refine_tls.L[1][2]          -0.0032 
_pdbx_refine_tls.L[1][3]          0.0085 
_pdbx_refine_tls.L[2][3]          0.1590 
_pdbx_refine_tls.S[1][1]          -0.0229 
_pdbx_refine_tls.S[1][2]          -0.0142 
_pdbx_refine_tls.S[1][3]          0.0336 
_pdbx_refine_tls.S[2][1]          0.0199 
_pdbx_refine_tls.S[2][2]          -0.0027 
_pdbx_refine_tls.S[2][3]          0.0121 
_pdbx_refine_tls.S[3][1]          0.0111 
_pdbx_refine_tls.S[3][2]          -0.0104 
_pdbx_refine_tls.S[3][3]          0.0256 
_pdbx_refine_tls.pdbx_refine_id   'X-RAY DIFFRACTION' 
# 
loop_
_pdbx_refine_tls_group.id 
_pdbx_refine_tls_group.refine_tls_id 
_pdbx_refine_tls_group.beg_auth_asym_id 
_pdbx_refine_tls_group.beg_auth_seq_id 
_pdbx_refine_tls_group.beg_label_asym_id 
_pdbx_refine_tls_group.beg_label_seq_id 
_pdbx_refine_tls_group.end_auth_asym_id 
_pdbx_refine_tls_group.end_auth_seq_id 
_pdbx_refine_tls_group.end_label_asym_id 
_pdbx_refine_tls_group.end_label_seq_id 
_pdbx_refine_tls_group.selection 
_pdbx_refine_tls_group.pdbx_refine_id 
_pdbx_refine_tls_group.selection_details 
1 1 A 3   A 1  A 43  A 41  ? 'X-RAY DIFFRACTION' ? 
2 1 A 44  A 42 A 70  A 68  ? 'X-RAY DIFFRACTION' ? 
3 1 A 71  A 69 A 88  A 86  ? 'X-RAY DIFFRACTION' ? 
4 1 A 101 B 1  A 200 B 100 ? 'X-RAY DIFFRACTION' ? 
# 
_pdbx_unobs_or_zero_occ_residues.id               1 
_pdbx_unobs_or_zero_occ_residues.PDB_model_num    1 
_pdbx_unobs_or_zero_occ_residues.polymer_flag     Y 
_pdbx_unobs_or_zero_occ_residues.occupancy_flag   1 
_pdbx_unobs_or_zero_occ_residues.auth_asym_id     A 
_pdbx_unobs_or_zero_occ_residues.auth_comp_id     GLU 
_pdbx_unobs_or_zero_occ_residues.auth_seq_id      89 
_pdbx_unobs_or_zero_occ_residues.PDB_ins_code     ? 
_pdbx_unobs_or_zero_occ_residues.label_asym_id    A 
_pdbx_unobs_or_zero_occ_residues.label_comp_id    GLU 
_pdbx_unobs_or_zero_occ_residues.label_seq_id     87 
# 
loop_
_chem_comp_atom.comp_id 
_chem_comp_atom.atom_id 
_chem_comp_atom.type_symbol 
_chem_comp_atom.pdbx_aromatic_flag 
_chem_comp_atom.pdbx_stereo_config 
_chem_comp_atom.pdbx_ordinal 
ALA N    N N N 1   
ALA CA   C N S 2   
ALA C    C N N 3   
ALA O    O N N 4   
ALA CB   C N N 5   
ALA OXT  O N N 6   
ALA H    H N N 7   
ALA H2   H N N 8   
ALA HA   H N N 9   
ALA HB1  H N N 10  
ALA HB2  H N N 11  
ALA HB3  H N N 12  
ALA HXT  H N N 13  
ARG N    N N N 14  
ARG CA   C N S 15  
ARG C    C N N 16  
ARG O    O N N 17  
ARG CB   C N N 18  
ARG CG   C N N 19  
ARG CD   C N N 20  
ARG NE   N N N 21  
ARG CZ   C N N 22  
ARG NH1  N N N 23  
ARG NH2  N N N 24  
ARG OXT  O N N 25  
ARG H    H N N 26  
ARG H2   H N N 27  
ARG HA   H N N 28  
ARG HB2  H N N 29  
ARG HB3  H N N 30  
ARG HG2  H N N 31  
ARG HG3  H N N 32  
ARG HD2  H N N 33  
ARG HD3  H N N 34  
ARG HE   H N N 35  
ARG HH11 H N N 36  
ARG HH12 H N N 37  
ARG HH21 H N N 38  
ARG HH22 H N N 39  
ARG HXT  H N N 40  
ASN N    N N N 41  
ASN CA   C N S 42  
ASN C    C N N 43  
ASN O    O N N 44  
ASN CB   C N N 45  
ASN CG   C N N 46  
ASN OD1  O N N 47  
ASN ND2  N N N 48  
ASN OXT  O N N 49  
ASN H    H N N 50  
ASN H2   H N N 51  
ASN HA   H N N 52  
ASN HB2  H N N 53  
ASN HB3  H N N 54  
ASN HD21 H N N 55  
ASN HD22 H N N 56  
ASN HXT  H N N 57  
ASP N    N N N 58  
ASP CA   C N S 59  
ASP C    C N N 60  
ASP O    O N N 61  
ASP CB   C N N 62  
ASP CG   C N N 63  
ASP OD1  O N N 64  
ASP OD2  O N N 65  
ASP OXT  O N N 66  
ASP H    H N N 67  
ASP H2   H N N 68  
ASP HA   H N N 69  
ASP HB2  H N N 70  
ASP HB3  H N N 71  
ASP HD2  H N N 72  
ASP HXT  H N N 73  
GLN N    N N N 74  
GLN CA   C N S 75  
GLN C    C N N 76  
GLN O    O N N 77  
GLN CB   C N N 78  
GLN CG   C N N 79  
GLN CD   C N N 80  
GLN OE1  O N N 81  
GLN NE2  N N N 82  
GLN OXT  O N N 83  
GLN H    H N N 84  
GLN H2   H N N 85  
GLN HA   H N N 86  
GLN HB2  H N N 87  
GLN HB3  H N N 88  
GLN HG2  H N N 89  
GLN HG3  H N N 90  
GLN HE21 H N N 91  
GLN HE22 H N N 92  
GLN HXT  H N N 93  
GLU N    N N N 94  
GLU CA   C N S 95  
GLU C    C N N 96  
GLU O    O N N 97  
GLU CB   C N N 98  
GLU CG   C N N 99  
GLU CD   C N N 100 
GLU OE1  O N N 101 
GLU OE2  O N N 102 
GLU OXT  O N N 103 
GLU H    H N N 104 
GLU H2   H N N 105 
GLU HA   H N N 106 
GLU HB2  H N N 107 
GLU HB3  H N N 108 
GLU HG2  H N N 109 
GLU HG3  H N N 110 
GLU HE2  H N N 111 
GLU HXT  H N N 112 
GLY N    N N N 113 
GLY CA   C N N 114 
GLY C    C N N 115 
GLY O    O N N 116 
GLY OXT  O N N 117 
GLY H    H N N 118 
GLY H2   H N N 119 
GLY HA2  H N N 120 
GLY HA3  H N N 121 
GLY HXT  H N N 122 
HIS N    N N N 123 
HIS CA   C N S 124 
HIS C    C N N 125 
HIS O    O N N 126 
HIS CB   C N N 127 
HIS CG   C Y N 128 
HIS ND1  N Y N 129 
HIS CD2  C Y N 130 
HIS CE1  C Y N 131 
HIS NE2  N Y N 132 
HIS OXT  O N N 133 
HIS H    H N N 134 
HIS H2   H N N 135 
HIS HA   H N N 136 
HIS HB2  H N N 137 
HIS HB3  H N N 138 
HIS HD1  H N N 139 
HIS HD2  H N N 140 
HIS HE1  H N N 141 
HIS HE2  H N N 142 
HIS HXT  H N N 143 
HOH O    O N N 144 
HOH H1   H N N 145 
HOH H2   H N N 146 
ILE N    N N N 147 
ILE CA   C N S 148 
ILE C    C N N 149 
ILE O    O N N 150 
ILE CB   C N S 151 
ILE CG1  C N N 152 
ILE CG2  C N N 153 
ILE CD1  C N N 154 
ILE OXT  O N N 155 
ILE H    H N N 156 
ILE H2   H N N 157 
ILE HA   H N N 158 
ILE HB   H N N 159 
ILE HG12 H N N 160 
ILE HG13 H N N 161 
ILE HG21 H N N 162 
ILE HG22 H N N 163 
ILE HG23 H N N 164 
ILE HD11 H N N 165 
ILE HD12 H N N 166 
ILE HD13 H N N 167 
ILE HXT  H N N 168 
LEU N    N N N 169 
LEU CA   C N S 170 
LEU C    C N N 171 
LEU O    O N N 172 
LEU CB   C N N 173 
LEU CG   C N N 174 
LEU CD1  C N N 175 
LEU CD2  C N N 176 
LEU OXT  O N N 177 
LEU H    H N N 178 
LEU H2   H N N 179 
LEU HA   H N N 180 
LEU HB2  H N N 181 
LEU HB3  H N N 182 
LEU HG   H N N 183 
LEU HD11 H N N 184 
LEU HD12 H N N 185 
LEU HD13 H N N 186 
LEU HD21 H N N 187 
LEU HD22 H N N 188 
LEU HD23 H N N 189 
LEU HXT  H N N 190 
LYS N    N N N 191 
LYS CA   C N S 192 
LYS C    C N N 193 
LYS O    O N N 194 
LYS CB   C N N 195 
LYS CG   C N N 196 
LYS CD   C N N 197 
LYS CE   C N N 198 
LYS NZ   N N N 199 
LYS OXT  O N N 200 
LYS H    H N N 201 
LYS H2   H N N 202 
LYS HA   H N N 203 
LYS HB2  H N N 204 
LYS HB3  H N N 205 
LYS HG2  H N N 206 
LYS HG3  H N N 207 
LYS HD2  H N N 208 
LYS HD3  H N N 209 
LYS HE2  H N N 210 
LYS HE3  H N N 211 
LYS HZ1  H N N 212 
LYS HZ2  H N N 213 
LYS HZ3  H N N 214 
LYS HXT  H N N 215 
MET N    N N N 216 
MET CA   C N S 217 
MET C    C N N 218 
MET O    O N N 219 
MET CB   C N N 220 
MET CG   C N N 221 
MET SD   S N N 222 
MET CE   C N N 223 
MET OXT  O N N 224 
MET H    H N N 225 
MET H2   H N N 226 
MET HA   H N N 227 
MET HB2  H N N 228 
MET HB3  H N N 229 
MET HG2  H N N 230 
MET HG3  H N N 231 
MET HE1  H N N 232 
MET HE2  H N N 233 
MET HE3  H N N 234 
MET HXT  H N N 235 
PHE N    N N N 236 
PHE CA   C N S 237 
PHE C    C N N 238 
PHE O    O N N 239 
PHE CB   C N N 240 
PHE CG   C Y N 241 
PHE CD1  C Y N 242 
PHE CD2  C Y N 243 
PHE CE1  C Y N 244 
PHE CE2  C Y N 245 
PHE CZ   C Y N 246 
PHE OXT  O N N 247 
PHE H    H N N 248 
PHE H2   H N N 249 
PHE HA   H N N 250 
PHE HB2  H N N 251 
PHE HB3  H N N 252 
PHE HD1  H N N 253 
PHE HD2  H N N 254 
PHE HE1  H N N 255 
PHE HE2  H N N 256 
PHE HZ   H N N 257 
PHE HXT  H N N 258 
PRO N    N N N 259 
PRO CA   C N S 260 
PRO C    C N N 261 
PRO O    O N N 262 
PRO CB   C N N 263 
PRO CG   C N N 264 
PRO CD   C N N 265 
PRO OXT  O N N 266 
PRO H    H N N 267 
PRO HA   H N N 268 
PRO HB2  H N N 269 
PRO HB3  H N N 270 
PRO HG2  H N N 271 
PRO HG3  H N N 272 
PRO HD2  H N N 273 
PRO HD3  H N N 274 
PRO HXT  H N N 275 
SER N    N N N 276 
SER CA   C N S 277 
SER C    C N N 278 
SER O    O N N 279 
SER CB   C N N 280 
SER OG   O N N 281 
SER OXT  O N N 282 
SER H    H N N 283 
SER H2   H N N 284 
SER HA   H N N 285 
SER HB2  H N N 286 
SER HB3  H N N 287 
SER HG   H N N 288 
SER HXT  H N N 289 
THR N    N N N 290 
THR CA   C N S 291 
THR C    C N N 292 
THR O    O N N 293 
THR CB   C N R 294 
THR OG1  O N N 295 
THR CG2  C N N 296 
THR OXT  O N N 297 
THR H    H N N 298 
THR H2   H N N 299 
THR HA   H N N 300 
THR HB   H N N 301 
THR HG1  H N N 302 
THR HG21 H N N 303 
THR HG22 H N N 304 
THR HG23 H N N 305 
THR HXT  H N N 306 
TYR N    N N N 307 
TYR CA   C N S 308 
TYR C    C N N 309 
TYR O    O N N 310 
TYR CB   C N N 311 
TYR CG   C Y N 312 
TYR CD1  C Y N 313 
TYR CD2  C Y N 314 
TYR CE1  C Y N 315 
TYR CE2  C Y N 316 
TYR CZ   C Y N 317 
TYR OH   O N N 318 
TYR OXT  O N N 319 
TYR H    H N N 320 
TYR H2   H N N 321 
TYR HA   H N N 322 
TYR HB2  H N N 323 
TYR HB3  H N N 324 
TYR HD1  H N N 325 
TYR HD2  H N N 326 
TYR HE1  H N N 327 
TYR HE2  H N N 328 
TYR HH   H N N 329 
TYR HXT  H N N 330 
VAL N    N N N 331 
VAL CA   C N S 332 
VAL C    C N N 333 
VAL O    O N N 334 
VAL CB   C N N 335 
VAL CG1  C N N 336 
VAL CG2  C N N 337 
VAL OXT  O N N 338 
VAL H    H N N 339 
VAL H2   H N N 340 
VAL HA   H N N 341 
VAL HB   H N N 342 
VAL HG11 H N N 343 
VAL HG12 H N N 344 
VAL HG13 H N N 345 
VAL HG21 H N N 346 
VAL HG22 H N N 347 
VAL HG23 H N N 348 
VAL HXT  H N N 349 
# 
loop_
_chem_comp_bond.comp_id 
_chem_comp_bond.atom_id_1 
_chem_comp_bond.atom_id_2 
_chem_comp_bond.value_order 
_chem_comp_bond.pdbx_aromatic_flag 
_chem_comp_bond.pdbx_stereo_config 
_chem_comp_bond.pdbx_ordinal 
ALA N   CA   sing N N 1   
ALA N   H    sing N N 2   
ALA N   H2   sing N N 3   
ALA CA  C    sing N N 4   
ALA CA  CB   sing N N 5   
ALA CA  HA   sing N N 6   
ALA C   O    doub N N 7   
ALA C   OXT  sing N N 8   
ALA CB  HB1  sing N N 9   
ALA CB  HB2  sing N N 10  
ALA CB  HB3  sing N N 11  
ALA OXT HXT  sing N N 12  
ARG N   CA   sing N N 13  
ARG N   H    sing N N 14  
ARG N   H2   sing N N 15  
ARG CA  C    sing N N 16  
ARG CA  CB   sing N N 17  
ARG CA  HA   sing N N 18  
ARG C   O    doub N N 19  
ARG C   OXT  sing N N 20  
ARG CB  CG   sing N N 21  
ARG CB  HB2  sing N N 22  
ARG CB  HB3  sing N N 23  
ARG CG  CD   sing N N 24  
ARG CG  HG2  sing N N 25  
ARG CG  HG3  sing N N 26  
ARG CD  NE   sing N N 27  
ARG CD  HD2  sing N N 28  
ARG CD  HD3  sing N N 29  
ARG NE  CZ   sing N N 30  
ARG NE  HE   sing N N 31  
ARG CZ  NH1  sing N N 32  
ARG CZ  NH2  doub N N 33  
ARG NH1 HH11 sing N N 34  
ARG NH1 HH12 sing N N 35  
ARG NH2 HH21 sing N N 36  
ARG NH2 HH22 sing N N 37  
ARG OXT HXT  sing N N 38  
ASN N   CA   sing N N 39  
ASN N   H    sing N N 40  
ASN N   H2   sing N N 41  
ASN CA  C    sing N N 42  
ASN CA  CB   sing N N 43  
ASN CA  HA   sing N N 44  
ASN C   O    doub N N 45  
ASN C   OXT  sing N N 46  
ASN CB  CG   sing N N 47  
ASN CB  HB2  sing N N 48  
ASN CB  HB3  sing N N 49  
ASN CG  OD1  doub N N 50  
ASN CG  ND2  sing N N 51  
ASN ND2 HD21 sing N N 52  
ASN ND2 HD22 sing N N 53  
ASN OXT HXT  sing N N 54  
ASP N   CA   sing N N 55  
ASP N   H    sing N N 56  
ASP N   H2   sing N N 57  
ASP CA  C    sing N N 58  
ASP CA  CB   sing N N 59  
ASP CA  HA   sing N N 60  
ASP C   O    doub N N 61  
ASP C   OXT  sing N N 62  
ASP CB  CG   sing N N 63  
ASP CB  HB2  sing N N 64  
ASP CB  HB3  sing N N 65  
ASP CG  OD1  doub N N 66  
ASP CG  OD2  sing N N 67  
ASP OD2 HD2  sing N N 68  
ASP OXT HXT  sing N N 69  
GLN N   CA   sing N N 70  
GLN N   H    sing N N 71  
GLN N   H2   sing N N 72  
GLN CA  C    sing N N 73  
GLN CA  CB   sing N N 74  
GLN CA  HA   sing N N 75  
GLN C   O    doub N N 76  
GLN C   OXT  sing N N 77  
GLN CB  CG   sing N N 78  
GLN CB  HB2  sing N N 79  
GLN CB  HB3  sing N N 80  
GLN CG  CD   sing N N 81  
GLN CG  HG2  sing N N 82  
GLN CG  HG3  sing N N 83  
GLN CD  OE1  doub N N 84  
GLN CD  NE2  sing N N 85  
GLN NE2 HE21 sing N N 86  
GLN NE2 HE22 sing N N 87  
GLN OXT HXT  sing N N 88  
GLU N   CA   sing N N 89  
GLU N   H    sing N N 90  
GLU N   H2   sing N N 91  
GLU CA  C    sing N N 92  
GLU CA  CB   sing N N 93  
GLU CA  HA   sing N N 94  
GLU C   O    doub N N 95  
GLU C   OXT  sing N N 96  
GLU CB  CG   sing N N 97  
GLU CB  HB2  sing N N 98  
GLU CB  HB3  sing N N 99  
GLU CG  CD   sing N N 100 
GLU CG  HG2  sing N N 101 
GLU CG  HG3  sing N N 102 
GLU CD  OE1  doub N N 103 
GLU CD  OE2  sing N N 104 
GLU OE2 HE2  sing N N 105 
GLU OXT HXT  sing N N 106 
GLY N   CA   sing N N 107 
GLY N   H    sing N N 108 
GLY N   H2   sing N N 109 
GLY CA  C    sing N N 110 
GLY CA  HA2  sing N N 111 
GLY CA  HA3  sing N N 112 
GLY C   O    doub N N 113 
GLY C   OXT  sing N N 114 
GLY OXT HXT  sing N N 115 
HIS N   CA   sing N N 116 
HIS N   H    sing N N 117 
HIS N   H2   sing N N 118 
HIS CA  C    sing N N 119 
HIS CA  CB   sing N N 120 
HIS CA  HA   sing N N 121 
HIS C   O    doub N N 122 
HIS C   OXT  sing N N 123 
HIS CB  CG   sing N N 124 
HIS CB  HB2  sing N N 125 
HIS CB  HB3  sing N N 126 
HIS CG  ND1  sing Y N 127 
HIS CG  CD2  doub Y N 128 
HIS ND1 CE1  doub Y N 129 
HIS ND1 HD1  sing N N 130 
HIS CD2 NE2  sing Y N 131 
HIS CD2 HD2  sing N N 132 
HIS CE1 NE2  sing Y N 133 
HIS CE1 HE1  sing N N 134 
HIS NE2 HE2  sing N N 135 
HIS OXT HXT  sing N N 136 
HOH O   H1   sing N N 137 
HOH O   H2   sing N N 138 
ILE N   CA   sing N N 139 
ILE N   H    sing N N 140 
ILE N   H2   sing N N 141 
ILE CA  C    sing N N 142 
ILE CA  CB   sing N N 143 
ILE CA  HA   sing N N 144 
ILE C   O    doub N N 145 
ILE C   OXT  sing N N 146 
ILE CB  CG1  sing N N 147 
ILE CB  CG2  sing N N 148 
ILE CB  HB   sing N N 149 
ILE CG1 CD1  sing N N 150 
ILE CG1 HG12 sing N N 151 
ILE CG1 HG13 sing N N 152 
ILE CG2 HG21 sing N N 153 
ILE CG2 HG22 sing N N 154 
ILE CG2 HG23 sing N N 155 
ILE CD1 HD11 sing N N 156 
ILE CD1 HD12 sing N N 157 
ILE CD1 HD13 sing N N 158 
ILE OXT HXT  sing N N 159 
LEU N   CA   sing N N 160 
LEU N   H    sing N N 161 
LEU N   H2   sing N N 162 
LEU CA  C    sing N N 163 
LEU CA  CB   sing N N 164 
LEU CA  HA   sing N N 165 
LEU C   O    doub N N 166 
LEU C   OXT  sing N N 167 
LEU CB  CG   sing N N 168 
LEU CB  HB2  sing N N 169 
LEU CB  HB3  sing N N 170 
LEU CG  CD1  sing N N 171 
LEU CG  CD2  sing N N 172 
LEU CG  HG   sing N N 173 
LEU CD1 HD11 sing N N 174 
LEU CD1 HD12 sing N N 175 
LEU CD1 HD13 sing N N 176 
LEU CD2 HD21 sing N N 177 
LEU CD2 HD22 sing N N 178 
LEU CD2 HD23 sing N N 179 
LEU OXT HXT  sing N N 180 
LYS N   CA   sing N N 181 
LYS N   H    sing N N 182 
LYS N   H2   sing N N 183 
LYS CA  C    sing N N 184 
LYS CA  CB   sing N N 185 
LYS CA  HA   sing N N 186 
LYS C   O    doub N N 187 
LYS C   OXT  sing N N 188 
LYS CB  CG   sing N N 189 
LYS CB  HB2  sing N N 190 
LYS CB  HB3  sing N N 191 
LYS CG  CD   sing N N 192 
LYS CG  HG2  sing N N 193 
LYS CG  HG3  sing N N 194 
LYS CD  CE   sing N N 195 
LYS CD  HD2  sing N N 196 
LYS CD  HD3  sing N N 197 
LYS CE  NZ   sing N N 198 
LYS CE  HE2  sing N N 199 
LYS CE  HE3  sing N N 200 
LYS NZ  HZ1  sing N N 201 
LYS NZ  HZ2  sing N N 202 
LYS NZ  HZ3  sing N N 203 
LYS OXT HXT  sing N N 204 
MET N   CA   sing N N 205 
MET N   H    sing N N 206 
MET N   H2   sing N N 207 
MET CA  C    sing N N 208 
MET CA  CB   sing N N 209 
MET CA  HA   sing N N 210 
MET C   O    doub N N 211 
MET C   OXT  sing N N 212 
MET CB  CG   sing N N 213 
MET CB  HB2  sing N N 214 
MET CB  HB3  sing N N 215 
MET CG  SD   sing N N 216 
MET CG  HG2  sing N N 217 
MET CG  HG3  sing N N 218 
MET SD  CE   sing N N 219 
MET CE  HE1  sing N N 220 
MET CE  HE2  sing N N 221 
MET CE  HE3  sing N N 222 
MET OXT HXT  sing N N 223 
PHE N   CA   sing N N 224 
PHE N   H    sing N N 225 
PHE N   H2   sing N N 226 
PHE CA  C    sing N N 227 
PHE CA  CB   sing N N 228 
PHE CA  HA   sing N N 229 
PHE C   O    doub N N 230 
PHE C   OXT  sing N N 231 
PHE CB  CG   sing N N 232 
PHE CB  HB2  sing N N 233 
PHE CB  HB3  sing N N 234 
PHE CG  CD1  doub Y N 235 
PHE CG  CD2  sing Y N 236 
PHE CD1 CE1  sing Y N 237 
PHE CD1 HD1  sing N N 238 
PHE CD2 CE2  doub Y N 239 
PHE CD2 HD2  sing N N 240 
PHE CE1 CZ   doub Y N 241 
PHE CE1 HE1  sing N N 242 
PHE CE2 CZ   sing Y N 243 
PHE CE2 HE2  sing N N 244 
PHE CZ  HZ   sing N N 245 
PHE OXT HXT  sing N N 246 
PRO N   CA   sing N N 247 
PRO N   CD   sing N N 248 
PRO N   H    sing N N 249 
PRO CA  C    sing N N 250 
PRO CA  CB   sing N N 251 
PRO CA  HA   sing N N 252 
PRO C   O    doub N N 253 
PRO C   OXT  sing N N 254 
PRO CB  CG   sing N N 255 
PRO CB  HB2  sing N N 256 
PRO CB  HB3  sing N N 257 
PRO CG  CD   sing N N 258 
PRO CG  HG2  sing N N 259 
PRO CG  HG3  sing N N 260 
PRO CD  HD2  sing N N 261 
PRO CD  HD3  sing N N 262 
PRO OXT HXT  sing N N 263 
SER N   CA   sing N N 264 
SER N   H    sing N N 265 
SER N   H2   sing N N 266 
SER CA  C    sing N N 267 
SER CA  CB   sing N N 268 
SER CA  HA   sing N N 269 
SER C   O    doub N N 270 
SER C   OXT  sing N N 271 
SER CB  OG   sing N N 272 
SER CB  HB2  sing N N 273 
SER CB  HB3  sing N N 274 
SER OG  HG   sing N N 275 
SER OXT HXT  sing N N 276 
THR N   CA   sing N N 277 
THR N   H    sing N N 278 
THR N   H2   sing N N 279 
THR CA  C    sing N N 280 
THR CA  CB   sing N N 281 
THR CA  HA   sing N N 282 
THR C   O    doub N N 283 
THR C   OXT  sing N N 284 
THR CB  OG1  sing N N 285 
THR CB  CG2  sing N N 286 
THR CB  HB   sing N N 287 
THR OG1 HG1  sing N N 288 
THR CG2 HG21 sing N N 289 
THR CG2 HG22 sing N N 290 
THR CG2 HG23 sing N N 291 
THR OXT HXT  sing N N 292 
TYR N   CA   sing N N 293 
TYR N   H    sing N N 294 
TYR N   H2   sing N N 295 
TYR CA  C    sing N N 296 
TYR CA  CB   sing N N 297 
TYR CA  HA   sing N N 298 
TYR C   O    doub N N 299 
TYR C   OXT  sing N N 300 
TYR CB  CG   sing N N 301 
TYR CB  HB2  sing N N 302 
TYR CB  HB3  sing N N 303 
TYR CG  CD1  doub Y N 304 
TYR CG  CD2  sing Y N 305 
TYR CD1 CE1  sing Y N 306 
TYR CD1 HD1  sing N N 307 
TYR CD2 CE2  doub Y N 308 
TYR CD2 HD2  sing N N 309 
TYR CE1 CZ   doub Y N 310 
TYR CE1 HE1  sing N N 311 
TYR CE2 CZ   sing Y N 312 
TYR CE2 HE2  sing N N 313 
TYR CZ  OH   sing N N 314 
TYR OH  HH   sing N N 315 
TYR OXT HXT  sing N N 316 
VAL N   CA   sing N N 317 
VAL N   H    sing N N 318 
VAL N   H2   sing N N 319 
VAL CA  C    sing N N 320 
VAL CA  CB   sing N N 321 
VAL CA  HA   sing N N 322 
VAL C   O    doub N N 323 
VAL C   OXT  sing N N 324 
VAL CB  CG1  sing N N 325 
VAL CB  CG2  sing N N 326 
VAL CB  HB   sing N N 327 
VAL CG1 HG11 sing N N 328 
VAL CG1 HG12 sing N N 329 
VAL CG1 HG13 sing N N 330 
VAL CG2 HG21 sing N N 331 
VAL CG2 HG22 sing N N 332 
VAL CG2 HG23 sing N N 333 
VAL OXT HXT  sing N N 334 
# 
_atom_sites.entry_id                    2RK5 
_atom_sites.fract_transf_matrix[1][1]   -0.00006142 
_atom_sites.fract_transf_matrix[1][2]   -0.02143906 
_atom_sites.fract_transf_matrix[1][3]   -0.01953603 
_atom_sites.fract_transf_matrix[2][1]   -0.00787239 
_atom_sites.fract_transf_matrix[2][2]   0.01573282 
_atom_sites.fract_transf_matrix[2][3]   -0.01724063 
_atom_sites.fract_transf_matrix[3][1]   0.01644124 
_atom_sites.fract_transf_matrix[3][2]   0.00335527 
_atom_sites.fract_transf_matrix[3][3]   -0.00444554 
_atom_sites.fract_transf_vector[1]      0.360108 
_atom_sites.fract_transf_vector[2]      0.937033 
_atom_sites.fract_transf_vector[3]      0.286990 
# 
loop_
_atom_type.symbol 
C 
N 
O 
S 
# 
loop_
_atom_site.group_PDB 
_atom_site.id 
_atom_site.type_symbol 
_atom_site.label_atom_id 
_atom_site.label_alt_id 
_atom_site.label_comp_id 
_atom_site.label_asym_id 
_atom_site.label_entity_id 
_atom_site.label_seq_id 
_atom_site.pdbx_PDB_ins_code 
_atom_site.Cartn_x 
_atom_site.Cartn_y 
_atom_site.Cartn_z 
_atom_site.occupancy 
_atom_site.B_iso_or_equiv 
_atom_site.pdbx_formal_charge 
_atom_site.auth_seq_id 
_atom_site.auth_comp_id 
_atom_site.auth_asym_id 
_atom_site.auth_atom_id 
_atom_site.pdbx_PDB_model_num 
ATOM   1   N N   . GLN A 1 1  ? 1.485   -6.101  11.298  1.00 20.63 ? 3   GLN A N   1 
ATOM   2   C CA  . GLN A 1 1  ? 1.927   -5.530  9.977   1.00 19.68 ? 3   GLN A CA  1 
ATOM   3   C C   . GLN A 1 1  ? 1.178   -4.244  9.624   1.00 19.08 ? 3   GLN A C   1 
ATOM   4   O O   . GLN A 1 1  ? 1.661   -3.436  8.795   1.00 16.55 ? 3   GLN A O   1 
ATOM   5   C CB  . GLN A 1 1  ? 1.693   -6.547  8.846   1.00 20.60 ? 3   GLN A CB  1 
ATOM   6   C CG  . GLN A 1 1  ? 2.530   -7.789  8.893   1.00 24.82 ? 3   GLN A CG  1 
ATOM   7   C CD  . GLN A 1 1  ? 3.997   -7.482  8.875   1.00 27.83 ? 3   GLN A CD  1 
ATOM   8   O OE1 . GLN A 1 1  ? 4.426   -6.504  8.276   1.00 34.29 ? 3   GLN A OE1 1 
ATOM   9   N NE2 . GLN A 1 1  ? 4.791   -8.324  9.541   1.00 33.48 ? 3   GLN A NE2 1 
ATOM   10  N N   . SER A 1 2  ? -0.016  -4.092  10.208  1.00 18.59 ? 4   SER A N   1 
ATOM   11  C CA  . SER A 1 2  ? -0.859  -2.912  9.981   1.00 20.04 ? 4   SER A CA  1 
ATOM   12  C C   . SER A 1 2  ? -1.276  -2.280  11.307  1.00 19.65 ? 4   SER A C   1 
ATOM   13  O O   . SER A 1 2  ? -1.625  -2.997  12.247  1.00 20.20 ? 4   SER A O   1 
ATOM   14  C CB  . SER A 1 2  ? -2.115  -3.297  9.206   1.00 20.10 ? 4   SER A CB  1 
ATOM   15  O OG  . SER A 1 2  ? -1.803  -3.674  7.865   1.00 27.13 ? 4   SER A OG  1 
ATOM   16  N N   . ARG A 1 3  ? -1.294  -0.945  11.353  1.00 18.88 ? 5   ARG A N   1 
ATOM   17  C CA  . ARG A 1 3  ? -1.574  -0.192  12.567  1.00 20.55 ? 5   ARG A CA  1 
ATOM   18  C C   . ARG A 1 3  ? -2.531  0.913   12.184  1.00 19.77 ? 5   ARG A C   1 
ATOM   19  O O   . ARG A 1 3  ? -2.249  1.666   11.249  1.00 17.92 ? 5   ARG A O   1 
ATOM   20  C CB  . ARG A 1 3  ? -0.282  0.441   13.090  1.00 20.81 ? 5   ARG A CB  1 
ATOM   21  C CG  . ARG A 1 3  ? -0.025  0.300   14.569  1.00 23.77 ? 5   ARG A CG  1 
ATOM   22  C CD  . ARG A 1 3  ? 1.422   0.655   14.886  1.00 23.88 ? 5   ARG A CD  1 
ATOM   23  N NE  . ARG A 1 3  ? 1.719   2.051   14.558  1.00 26.43 ? 5   ARG A NE  1 
ATOM   24  C CZ  . ARG A 1 3  ? 2.492   2.463   13.554  1.00 26.40 ? 5   ARG A CZ  1 
ATOM   25  N NH1 . ARG A 1 3  ? 3.104   1.597   12.743  1.00 30.93 ? 5   ARG A NH1 1 
ATOM   26  N NH2 . ARG A 1 3  ? 2.672   3.763   13.368  1.00 25.58 ? 5   ARG A NH2 1 
ATOM   27  N N   . GLU A 1 4  ? -3.644  1.036   12.898  1.00 19.52 ? 6   GLU A N   1 
ATOM   28  C CA  . GLU A 1 4  ? -4.531  2.164   12.707  1.00 21.20 ? 6   GLU A CA  1 
ATOM   29  C C   . GLU A 1 4  ? -3.929  3.403   13.378  1.00 20.66 ? 6   GLU A C   1 
ATOM   30  O O   . GLU A 1 4  ? -3.523  3.334   14.538  1.00 22.04 ? 6   GLU A O   1 
ATOM   31  C CB  . GLU A 1 4  ? -5.901  1.845   13.312  1.00 20.65 ? 6   GLU A CB  1 
ATOM   32  C CG  . GLU A 1 4  ? -6.977  2.857   12.997  1.00 22.35 ? 6   GLU A CG  1 
ATOM   33  C CD  . GLU A 1 4  ? -8.383  2.368   13.370  1.00 24.67 ? 6   GLU A CD  1 
ATOM   34  O OE1 . GLU A 1 4  ? -8.617  1.135   13.464  1.00 29.97 ? 6   GLU A OE1 1 
ATOM   35  O OE2 . GLU A 1 4  ? -9.263  3.227   13.551  1.00 29.87 ? 6   GLU A OE2 1 
ATOM   36  N N   . ILE A 1 5  ? -3.848  4.525   12.662  1.00 19.78 ? 7   ILE A N   1 
ATOM   37  C CA  . ILE A 1 5  ? -3.259  5.748   13.229  1.00 20.22 ? 7   ILE A CA  1 
ATOM   38  C C   . ILE A 1 5  ? -4.279  6.897   13.371  1.00 20.51 ? 7   ILE A C   1 
ATOM   39  O O   . ILE A 1 5  ? -4.059  7.840   14.144  1.00 22.56 ? 7   ILE A O   1 
ATOM   40  C CB  . ILE A 1 5  ? -1.985  6.196   12.465  1.00 19.67 ? 7   ILE A CB  1 
ATOM   41  C CG1 . ILE A 1 5  ? -2.308  6.601   11.031  1.00 18.89 ? 7   ILE A CG1 1 
ATOM   42  C CG2 . ILE A 1 5  ? -0.954  5.059   12.476  1.00 19.32 ? 7   ILE A CG2 1 
ATOM   43  C CD1 . ILE A 1 5  ? -1.223  7.426   10.393  1.00 19.86 ? 7   ILE A CD1 1 
ATOM   44  N N   . ALA A 1 6  ? -5.396  6.790   12.658  1.00 19.33 ? 8   ALA A N   1 
ATOM   45  C CA  . ALA A 1 6  ? -6.503  7.751   12.741  1.00 19.69 ? 8   ALA A CA  1 
ATOM   46  C C   . ALA A 1 6  ? -7.687  7.024   12.117  1.00 19.32 ? 8   ALA A C   1 
ATOM   47  O O   . ALA A 1 6  ? -7.510  5.913   11.630  1.00 18.02 ? 8   ALA A O   1 
ATOM   48  C CB  . ALA A 1 6  ? -6.157  9.000   11.973  1.00 19.00 ? 8   ALA A CB  1 
ATOM   49  N N   . ASP A 1 7  ? -8.888  7.595   12.151  1.00 19.77 ? 9   ASP A N   1 
ATOM   50  C CA  . ASP A 1 7  ? -10.052 6.887   11.626  1.00 19.69 ? 9   ASP A CA  1 
ATOM   51  C C   . ASP A 1 7  ? -9.809  6.604   10.140  1.00 18.78 ? 9   ASP A C   1 
ATOM   52  O O   . ASP A 1 7  ? -9.417  7.498   9.408   1.00 18.37 ? 9   ASP A O   1 
ATOM   53  C CB  . ASP A 1 7  ? -11.349 7.698   11.789  1.00 20.84 ? 9   ASP A CB  1 
ATOM   54  C CG  . ASP A 1 7  ? -11.940 7.616   13.194  1.00 24.16 ? 9   ASP A CG  1 
ATOM   55  O OD1 . ASP A 1 7  ? -11.430 6.866   14.066  1.00 29.00 ? 9   ASP A OD1 1 
ATOM   56  O OD2 . ASP A 1 7  ? -12.944 8.313   13.430  1.00 27.41 ? 9   ASP A OD2 1 
ATOM   57  N N   . ASN A 1 8  ? -9.992  5.350   9.747   1.00 17.43 ? 10  ASN A N   1 
ATOM   58  C CA  . ASN A 1 8  ? -9.819  4.907   8.355   1.00 16.83 ? 10  ASN A CA  1 
ATOM   59  C C   . ASN A 1 8  ? -8.442  5.221   7.760   1.00 15.46 ? 10  ASN A C   1 
ATOM   60  O O   . ASN A 1 8  ? -8.300  5.313   6.535   1.00 14.31 ? 10  ASN A O   1 
ATOM   61  C CB  . ASN A 1 8  ? -10.930 5.519   7.498   1.00 17.59 ? 10  ASN A CB  1 
ATOM   62  C CG  . ASN A 1 8  ? -12.321 5.092   7.962   1.00 18.81 ? 10  ASN A CG  1 
ATOM   63  O OD1 . ASN A 1 8  ? -13.201 5.929   8.179   1.00 25.66 ? 10  ASN A OD1 1 
ATOM   64  N ND2 . ASN A 1 8  ? -12.508 3.796   8.157   1.00 21.65 ? 10  ASN A ND2 1 
ATOM   65  N N   . THR A 1 9  ? -7.437  5.369   8.623   1.00 14.77 ? 11  THR A N   1 
ATOM   66  C CA  . THR A 1 9  ? -6.077  5.680   8.194   1.00 14.29 ? 11  THR A CA  1 
ATOM   67  C C   . THR A 1 9  ? -5.113  4.732   8.867   1.00 12.87 ? 11  THR A C   1 
ATOM   68  O O   . THR A 1 9  ? -5.140  4.584   10.078  1.00 11.78 ? 11  THR A O   1 
ATOM   69  C CB  . THR A 1 9  ? -5.716  7.132   8.549   1.00 15.54 ? 11  THR A CB  1 
ATOM   70  O OG1 . THR A 1 9  ? -6.795  7.994   8.142   1.00 17.72 ? 11  THR A OG1 1 
ATOM   71  C CG2 . THR A 1 9  ? -4.397  7.548   7.902   1.00 16.15 ? 11  THR A CG2 1 
ATOM   72  N N   . TYR A 1 10 ? -4.242  4.096   8.075   1.00 10.60 ? 12  TYR A N   1 
ATOM   73  C CA  . TYR A 1 10 ? -3.363  3.035   8.559   1.00 11.19 ? 12  TYR A CA  1 
ATOM   74  C C   . TYR A 1 10 ? -1.937  3.185   8.046   1.00 9.99  ? 12  TYR A C   1 
ATOM   75  O O   . TYR A 1 10 ? -1.720  3.752   6.976   1.00 10.74 ? 12  TYR A O   1 
ATOM   76  C CB  . TYR A 1 10 ? -3.888  1.667   8.117   1.00 11.79 ? 12  TYR A CB  1 
ATOM   77  C CG  . TYR A 1 10 ? -5.327  1.421   8.472   1.00 12.30 ? 12  TYR A CG  1 
ATOM   78  C CD1 . TYR A 1 10 ? -5.676  0.671   9.582   1.00 15.25 ? 12  TYR A CD1 1 
ATOM   79  C CD2 . TYR A 1 10 ? -6.349  1.965   7.704   1.00 14.45 ? 12  TYR A CD2 1 
ATOM   80  C CE1 . TYR A 1 10 ? -7.022  0.474   9.924   1.00 15.22 ? 12  TYR A CE1 1 
ATOM   81  C CE2 . TYR A 1 10 ? -7.687  1.757   8.035   1.00 14.97 ? 12  TYR A CE2 1 
ATOM   82  C CZ  . TYR A 1 10 ? -8.013  1.018   9.149   1.00 15.13 ? 12  TYR A CZ  1 
ATOM   83  O OH  . TYR A 1 10 ? -9.343  0.809   9.500   1.00 17.89 ? 12  TYR A OH  1 
ATOM   84  N N   . ILE A 1 11 ? -0.978  2.702   8.833   1.00 9.92  ? 13  ILE A N   1 
ATOM   85  C CA  . ILE A 1 11 ? 0.386   2.497   8.343   1.00 10.07 ? 13  ILE A CA  1 
ATOM   86  C C   . ILE A 1 11 ? 0.607   1.005   8.241   1.00 9.27  ? 13  ILE A C   1 
ATOM   87  O O   . ILE A 1 11 ? 0.326   0.263   9.188   1.00 10.00 ? 13  ILE A O   1 
ATOM   88  C CB  . ILE A 1 11 ? 1.463   3.154   9.242   1.00 10.74 ? 13  ILE A CB  1 
ATOM   89  C CG1 . ILE A 1 11 ? 1.225   4.663   9.324   1.00 12.44 ? 13  ILE A CG1 1 
ATOM   90  C CG2 . ILE A 1 11 ? 2.862   2.887   8.719   1.00 12.26 ? 13  ILE A CG2 1 
ATOM   91  C CD1 . ILE A 1 11 ? 1.480   5.417   8.051   1.00 14.09 ? 13  ILE A CD1 1 
ATOM   92  N N   . VAL A 1 12 ? 1.056   0.561   7.066   1.00 9.25  ? 14  VAL A N   1 
ATOM   93  C CA  . VAL A 1 12 ? 1.422   -0.844  6.846   1.00 9.90  ? 14  VAL A CA  1 
ATOM   94  C C   . VAL A 1 12 ? 2.881   -0.971  6.450   1.00 9.44  ? 14  VAL A C   1 
ATOM   95  O O   . VAL A 1 12 ? 3.397   -0.132  5.728   1.00 9.36  ? 14  VAL A O   1 
ATOM   96  C CB  . VAL A 1 12 ? 0.541   -1.572  5.780   1.00 10.77 ? 14  VAL A CB  1 
ATOM   97  C CG1 . VAL A 1 12 ? -0.927  -1.453  6.174   1.00 11.54 ? 14  VAL A CG1 1 
ATOM   98  C CG2 . VAL A 1 12 ? 0.797   -1.090  4.388   1.00 13.15 ? 14  VAL A CG2 1 
ATOM   99  N N   . LEU A 1 13 ? 3.497   -2.066  6.903   1.00 8.88  ? 15  LEU A N   1 
ATOM   100 C CA  . LEU A 1 13 ? 4.810   -2.440  6.454   1.00 9.15  ? 15  LEU A CA  1 
ATOM   101 C C   . LEU A 1 13 ? 4.750   -2.881  4.997   1.00 9.45  ? 15  LEU A C   1 
ATOM   102 O O   . LEU A 1 13 ? 3.847   -3.625  4.597   1.00 9.40  ? 15  LEU A O   1 
ATOM   103 C CB  . LEU A 1 13 ? 5.395   -3.558  7.306   1.00 9.33  ? 15  LEU A CB  1 
ATOM   104 C CG  . LEU A 1 13 ? 5.490   -3.224  8.794   1.00 13.63 ? 15  LEU A CG  1 
ATOM   105 C CD1 . LEU A 1 13 ? 6.233   -4.361  9.467   1.00 18.50 ? 15  LEU A CD1 1 
ATOM   106 C CD2 . LEU A 1 13 ? 6.164   -1.866  9.062   1.00 18.54 ? 15  LEU A CD2 1 
ATOM   107 N N   . GLY A 1 14 ? 5.713   -2.408  4.208   1.00 8.90  ? 16  GLY A N   1 
ATOM   108 C CA  . GLY A 1 14 ? 5.761   -2.764  2.794   1.00 8.55  ? 16  GLY A CA  1 
ATOM   109 C C   . GLY A 1 14 ? 5.869   -4.259  2.567   1.00 8.04  ? 16  GLY A C   1 
ATOM   110 O O   . GLY A 1 14 ? 5.475   -4.784  1.534   1.00 9.15  ? 16  GLY A O   1 
ATOM   111 N N   . THR A 1 15 ? 6.474   -4.938  3.528   1.00 9.06  ? 17  THR A N   1 
ATOM   112 C CA  . THR A 1 15 ? 6.693   -6.395  3.451   1.00 9.58  ? 17  THR A CA  1 
ATOM   113 C C   . THR A 1 15 ? 5.425   -7.183  3.785   1.00 9.57  ? 17  THR A C   1 
ATOM   114 O O   . THR A 1 15 ? 5.403   -8.400  3.652   1.00 9.92  ? 17  THR A O   1 
ATOM   115 C CB  . THR A 1 15 ? 7.838   -6.851  4.391   1.00 11.10 ? 17  THR A CB  1 
ATOM   116 O OG1 . THR A 1 15 ? 7.591   -6.315  5.689   1.00 12.73 ? 17  THR A OG1 1 
ATOM   117 C CG2 . THR A 1 15 ? 9.165   -6.364  3.852   1.00 11.76 ? 17  THR A CG2 1 
ATOM   118 N N   . MET A 1 16 ? 4.368   -6.501  4.232   1.00 9.03  ? 18  MET A N   1 
ATOM   119 C CA  . MET A 1 16 ? 3.085   -7.205  4.475   1.00 8.26  ? 18  MET A CA  1 
ATOM   120 C C   . MET A 1 16 ? 2.657   -7.924  3.174   1.00 8.63  ? 18  MET A C   1 
ATOM   121 O O   . MET A 1 16 ? 2.626   -7.343  2.087   1.00 8.47  ? 18  MET A O   1 
ATOM   122 C CB  . MET A 1 16 ? 2.011   -6.230  4.951   1.00 8.67  ? 18  MET A CB  1 
ATOM   123 C CG  . MET A 1 16 ? 0.676   -6.871  5.378   1.00 10.52 ? 18  MET A CG  1 
ATOM   124 S SD  . MET A 1 16 ? -0.523  -5.611  5.983   1.00 6.50  ? 18  MET A SD  1 
ATOM   125 C CE  . MET A 1 16 ? -1.714  -6.611  7.020   1.00 14.09 ? 18  MET A CE  1 
ATOM   126 N N   . THR A 1 17 ? 2.356   -9.220  3.274   1.00 8.31  ? 19  THR A N   1 
ATOM   127 C CA  . THR A 1 17 ? 1.982   -9.953  2.080   1.00 9.01  ? 19  THR A CA  1 
ATOM   128 C C   . THR A 1 17 ? 0.639   -9.453  1.591   1.00 8.94  ? 19  THR A C   1 
ATOM   129 O O   . THR A 1 17 ? -0.167  -8.957  2.361   1.00 8.86  ? 19  THR A O   1 
ATOM   130 C CB  . THR A 1 17 ? 1.885   -11.477 2.319   1.00 9.92  ? 19  THR A CB  1 
ATOM   131 O OG1 . THR A 1 17 ? 0.742   -11.760 3.141   1.00 12.13 ? 19  THR A OG1 1 
ATOM   132 C CG2 . THR A 1 17 ? 3.151   -12.011 3.001   1.00 12.34 ? 19  THR A CG2 1 
ATOM   133 N N   . LEU A 1 18 ? 0.370   -9.621  0.310   1.00 10.19 ? 20  LEU A N   1 
ATOM   134 C CA  . LEU A 1 18 ? -0.928  -9.232  -0.202  1.00 11.09 ? 20  LEU A CA  1 
ATOM   135 C C   . LEU A 1 18 ? -2.027  -10.056 0.419   1.00 11.66 ? 20  LEU A C   1 
ATOM   136 O O   . LEU A 1 18 ? -3.134  -9.551  0.658   1.00 12.78 ? 20  LEU A O   1 
ATOM   137 C CB  . LEU A 1 18 ? -1.053  -9.395  -1.694  1.00 13.55 ? 20  LEU A CB  1 
ATOM   138 C CG  . LEU A 1 18 ? -0.617  -8.248  -2.558  1.00 15.80 ? 20  LEU A CG  1 
ATOM   139 C CD1 . LEU A 1 18 ? -1.065  -8.513  -4.023  1.00 17.78 ? 20  LEU A CD1 1 
ATOM   140 C CD2 . LEU A 1 18 ? -1.155  -6.888  -2.040  1.00 15.16 ? 20  LEU A CD2 1 
ATOM   141 N N   . ASN A 1 19 ? -1.744  -11.323 0.697   1.00 10.60 ? 21  ASN A N   1 
ATOM   142 C CA  . ASN A 1 19 ? -2.750  -12.161 1.346   1.00 11.48 ? 21  ASN A CA  1 
ATOM   143 C C   . ASN A 1 19 ? -3.090  -11.641 2.754   1.00 10.32 ? 21  ASN A C   1 
ATOM   144 O O   . ASN A 1 19 ? -4.253  -11.583 3.159   1.00 11.45 ? 21  ASN A O   1 
ATOM   145 C CB  . ASN A 1 19 ? -2.282  -13.614 1.387   1.00 11.05 ? 21  ASN A CB  1 
ATOM   146 C CG  . ASN A 1 19 ? -2.333  -14.272 0.014   1.00 13.37 ? 21  ASN A CG  1 
ATOM   147 O OD1 . ASN A 1 19 ? -3.061  -13.826 -0.879  1.00 15.08 ? 21  ASN A OD1 1 
ATOM   148 N ND2 . ASN A 1 19 ? -1.601  -15.361 -0.149  1.00 18.11 ? 21  ASN A ND2 1 
ATOM   149 N N   . ASP A 1 20 ? -2.077  -11.255 3.530   1.00 10.28 ? 22  ASP A N   1 
ATOM   150 C CA  . ASP A 1 20 ? -2.335  -10.698 4.858   1.00 11.18 ? 22  ASP A CA  1 
ATOM   151 C C   . ASP A 1 20 ? -3.047  -9.335  4.742   1.00 10.81 ? 22  ASP A C   1 
ATOM   152 O O   . ASP A 1 20 ? -3.968  -9.037  5.509   1.00 10.84 ? 22  ASP A O   1 
ATOM   153 C CB  . ASP A 1 20 ? -1.030  -10.583 5.640   1.00 12.55 ? 22  ASP A CB  1 
ATOM   154 C CG  . ASP A 1 20 ? -0.485  -11.929 6.128   1.00 15.36 ? 22  ASP A CG  1 
ATOM   155 O OD1 . ASP A 1 20 ? -1.081  -12.996 5.813   1.00 18.77 ? 22  ASP A OD1 1 
ATOM   156 O OD2 . ASP A 1 20 ? 0.556   -11.911 6.840   1.00 17.87 ? 22  ASP A OD2 1 
ATOM   157 N N   . PHE A 1 21 ? -2.615  -8.494  3.800   1.00 9.66  ? 23  PHE A N   1 
ATOM   158 C CA  . PHE A 1 21 ? -3.239  -7.207  3.567   1.00 10.19 ? 23  PHE A CA  1 
ATOM   159 C C   . PHE A 1 21 ? -4.730  -7.391  3.260   1.00 10.04 ? 23  PHE A C   1 
ATOM   160 O O   . PHE A 1 21 ? -5.602  -6.735  3.836   1.00 9.08  ? 23  PHE A O   1 
ATOM   161 C CB  . PHE A 1 21 ? -2.533  -6.489  2.407   1.00 10.16 ? 23  PHE A CB  1 
ATOM   162 C CG  . PHE A 1 21 ? -3.049  -5.130  2.132   1.00 9.87  ? 23  PHE A CG  1 
ATOM   163 C CD1 . PHE A 1 21 ? -2.437  -4.012  2.673   1.00 10.37 ? 23  PHE A CD1 1 
ATOM   164 C CD2 . PHE A 1 21 ? -4.169  -4.954  1.355   1.00 9.68  ? 23  PHE A CD2 1 
ATOM   165 C CE1 . PHE A 1 21 ? -2.928  -2.736  2.419   1.00 11.38 ? 23  PHE A CE1 1 
ATOM   166 C CE2 . PHE A 1 21 ? -4.700  -3.669  1.100   1.00 11.16 ? 23  PHE A CE2 1 
ATOM   167 C CZ  . PHE A 1 21 ? -4.090  -2.559  1.657   1.00 10.53 ? 23  PHE A CZ  1 
ATOM   168 N N   . ASN A 1 22 ? -5.006  -8.294  2.338   1.00 10.92 ? 24  ASN A N   1 
ATOM   169 C CA  . ASN A 1 22 ? -6.378  -8.535  1.895   1.00 11.29 ? 24  ASN A CA  1 
ATOM   170 C C   . ASN A 1 22 ? -7.259  -9.050  3.030   1.00 11.16 ? 24  ASN A C   1 
ATOM   171 O O   . ASN A 1 22 ? -8.446  -8.711  3.104   1.00 13.11 ? 24  ASN A O   1 
ATOM   172 C CB  . ASN A 1 22 ? -6.388  -9.502  0.709   1.00 11.40 ? 24  ASN A CB  1 
ATOM   173 C CG  . ASN A 1 22 ? -5.990  -8.842  -0.583  1.00 10.08 ? 24  ASN A CG  1 
ATOM   174 O OD1 . ASN A 1 22 ? -6.216  -7.643  -0.781  1.00 10.34 ? 24  ASN A OD1 1 
ATOM   175 N ND2 . ASN A 1 22 ? -5.455  -9.643  -1.515  1.00 10.66 ? 24  ASN A ND2 1 
ATOM   176 N N   . GLU A 1 23 ? -6.694  -9.890  3.899   1.00 12.92 ? 25  GLU A N   1 
ATOM   177 C CA  . GLU A 1 23 ? -7.427  -10.404 5.053   1.00 13.77 ? 25  GLU A CA  1 
ATOM   178 C C   . GLU A 1 23 ? -7.764  -9.259  6.028   1.00 13.87 ? 25  GLU A C   1 
ATOM   179 O O   . GLU A 1 23 ? -8.908  -9.153  6.508   1.00 14.75 ? 25  GLU A O   1 
ATOM   180 C CB  . GLU A 1 23 ? -6.649  -11.535 5.747   1.00 14.23 ? 25  GLU A CB  1 
ATOM   181 C CG  . GLU A 1 23 ? -7.355  -12.146 6.935   1.00 16.36 ? 25  GLU A CG  1 
ATOM   182 C CD  . GLU A 1 23 ? -6.484  -13.171 7.667   1.00 19.48 ? 25  GLU A CD  1 
ATOM   183 O OE1 . GLU A 1 23 ? -5.361  -12.801 8.096   1.00 28.40 ? 25  GLU A OE1 1 
ATOM   184 O OE2 . GLU A 1 23 ? -6.918  -14.342 7.816   1.00 28.13 ? 25  GLU A OE2 1 
ATOM   185 N N   . TYR A 1 24 ? -6.790  -8.381  6.273   1.00 13.10 ? 26  TYR A N   1 
ATOM   186 C CA  . TYR A 1 24 ? -6.957  -7.280  7.208   1.00 13.12 ? 26  TYR A CA  1 
ATOM   187 C C   . TYR A 1 24 ? -7.973  -6.250  6.718   1.00 12.32 ? 26  TYR A C   1 
ATOM   188 O O   . TYR A 1 24 ? -8.843  -5.768  7.471   1.00 13.03 ? 26  TYR A O   1 
ATOM   189 C CB  . TYR A 1 24 ? -5.595  -6.603  7.431   1.00 13.60 ? 26  TYR A CB  1 
ATOM   190 C CG  . TYR A 1 24 ? -5.600  -5.548  8.519   1.00 13.22 ? 26  TYR A CG  1 
ATOM   191 C CD1 . TYR A 1 24 ? -5.274  -5.862  9.821   1.00 15.97 ? 26  TYR A CD1 1 
ATOM   192 C CD2 . TYR A 1 24 ? -5.947  -4.240  8.227   1.00 13.59 ? 26  TYR A CD2 1 
ATOM   193 C CE1 . TYR A 1 24 ? -5.295  -4.884  10.811  1.00 15.59 ? 26  TYR A CE1 1 
ATOM   194 C CE2 . TYR A 1 24 ? -5.989  -3.263  9.212   1.00 16.62 ? 26  TYR A CE2 1 
ATOM   195 C CZ  . TYR A 1 24 ? -5.655  -3.587  10.489  1.00 15.47 ? 26  TYR A CZ  1 
ATOM   196 O OH  . TYR A 1 24 ? -5.711  -2.597  11.456  1.00 18.46 ? 26  TYR A OH  1 
ATOM   197 N N   . PHE A 1 25 ? -7.849  -5.896  5.445   1.00 11.40 ? 27  PHE A N   1 
ATOM   198 C CA  . PHE A 1 25 ? -8.659  -4.833  4.847   1.00 11.32 ? 27  PHE A CA  1 
ATOM   199 C C   . PHE A 1 25 ? -9.897  -5.308  4.123   1.00 11.39 ? 27  PHE A C   1 
ATOM   200 O O   . PHE A 1 25 ? -10.687 -4.487  3.669   1.00 11.21 ? 27  PHE A O   1 
ATOM   201 C CB  . PHE A 1 25 ? -7.788  -3.949  3.920   1.00 11.64 ? 27  PHE A CB  1 
ATOM   202 C CG  . PHE A 1 25 ? -6.780  -3.124  4.660   1.00 11.81 ? 27  PHE A CG  1 
ATOM   203 C CD1 . PHE A 1 25 ? -7.180  -1.977  5.326   1.00 11.48 ? 27  PHE A CD1 1 
ATOM   204 C CD2 . PHE A 1 25 ? -5.454  -3.495  4.726   1.00 12.63 ? 27  PHE A CD2 1 
ATOM   205 C CE1 . PHE A 1 25 ? -6.264  -1.216  6.013   1.00 12.05 ? 27  PHE A CE1 1 
ATOM   206 C CE2 . PHE A 1 25 ? -4.559  -2.750  5.445   1.00 12.25 ? 27  PHE A CE2 1 
ATOM   207 C CZ  . PHE A 1 25 ? -4.962  -1.614  6.078   1.00 12.22 ? 27  PHE A CZ  1 
ATOM   208 N N   . GLU A 1 26 ? -10.095 -6.624  4.067   1.00 11.29 ? 28  GLU A N   1 
ATOM   209 C CA  . GLU A 1 26 ? -11.283 -7.219  3.412   1.00 12.14 ? 28  GLU A CA  1 
ATOM   210 C C   . GLU A 1 26 ? -11.322 -6.857  1.937   1.00 11.82 ? 28  GLU A C   1 
ATOM   211 O O   . GLU A 1 26 ? -12.369 -6.507  1.364   1.00 11.58 ? 28  GLU A O   1 
ATOM   212 C CB  . GLU A 1 26 ? -12.597 -6.865  4.147   1.00 11.88 ? 28  GLU A CB  1 
ATOM   213 C CG  . GLU A 1 26 ? -12.508 -7.229  5.627   1.00 13.65 ? 28  GLU A CG  1 
ATOM   214 C CD  . GLU A 1 26 ? -13.837 -7.177  6.401   1.00 15.96 ? 28  GLU A CD  1 
ATOM   215 O OE1 . GLU A 1 26 ? -14.872 -6.750  5.862   1.00 20.10 ? 28  GLU A OE1 1 
ATOM   216 O OE2 . GLU A 1 26 ? -13.825 -7.593  7.584   1.00 24.81 ? 28  GLU A OE2 1 
ATOM   217 N N   . THR A 1 27 ? -10.152 -6.956  1.304   1.00 10.15 ? 29  THR A N   1 
ATOM   218 C CA  . THR A 1 27 ? -10.015 -6.632  -0.100  1.00 11.10 ? 29  THR A CA  1 
ATOM   219 C C   . THR A 1 27 ? -9.500  -7.865  -0.866  1.00 10.30 ? 29  THR A C   1 
ATOM   220 O O   . THR A 1 27 ? -9.321  -8.957  -0.278  1.00 11.54 ? 29  THR A O   1 
ATOM   221 C CB  . THR A 1 27 ? -9.039  -5.435  -0.268  1.00 10.19 ? 29  THR A CB  1 
ATOM   222 O OG1 . THR A 1 27 ? -7.833  -5.704  0.452   1.00 12.03 ? 29  THR A OG1 1 
ATOM   223 C CG2 . THR A 1 27 ? -9.658  -4.169  0.305   1.00 11.83 ? 29  THR A CG2 1 
ATOM   224 N N   . ASP A 1 28 ? -9.317  -7.679  -2.173  1.00 11.63 ? 30  ASP A N   1 
ATOM   225 C CA  . ASP A 1 28 ? -8.897  -8.741  -3.091  1.00 12.55 ? 30  ASP A CA  1 
ATOM   226 C C   . ASP A 1 28 ? -7.866  -8.226  -4.103  1.00 12.34 ? 30  ASP A C   1 
ATOM   227 O O   . ASP A 1 28 ? -7.933  -8.538  -5.299  1.00 13.64 ? 30  ASP A O   1 
ATOM   228 C CB  . ASP A 1 28 ? -10.132 -9.356  -3.816  1.00 12.95 ? 30  ASP A CB  1 
ATOM   229 C CG  . ASP A 1 28 ? -10.795 -8.377  -4.827  1.00 19.65 ? 30  ASP A CG  1 
ATOM   230 O OD1 . ASP A 1 28 ? -10.414 -7.177  -4.906  1.00 25.07 ? 30  ASP A OD1 1 
ATOM   231 O OD2 . ASP A 1 28 ? -11.708 -8.832  -5.570  1.00 28.43 ? 30  ASP A OD2 1 
ATOM   232 N N   . LEU A 1 29 ? -6.887  -7.482  -3.610  1.00 11.45 ? 31  LEU A N   1 
ATOM   233 C CA  . LEU A 1 29 ? -5.849  -6.923  -4.478  1.00 12.65 ? 31  LEU A CA  1 
ATOM   234 C C   . LEU A 1 29 ? -5.001  -8.050  -5.025  1.00 13.71 ? 31  LEU A C   1 
ATOM   235 O O   . LEU A 1 29 ? -4.710  -8.998  -4.308  1.00 13.94 ? 31  LEU A O   1 
ATOM   236 C CB  . LEU A 1 29 ? -4.936  -6.002  -3.693  1.00 11.73 ? 31  LEU A CB  1 
ATOM   237 C CG  . LEU A 1 29 ? -5.629  -4.803  -3.048  1.00 12.83 ? 31  LEU A CG  1 
ATOM   238 C CD1 . LEU A 1 29 ? -4.601  -3.861  -2.435  1.00 12.52 ? 31  LEU A CD1 1 
ATOM   239 C CD2 . LEU A 1 29 ? -6.556  -4.117  -4.079  1.00 16.10 ? 31  LEU A CD2 1 
ATOM   240 N N   . GLU A 1 30 ? -4.627  -7.948  -6.293  1.00 14.39 ? 32  GLU A N   1 
ATOM   241 C CA  . GLU A 1 30 ? -3.700  -8.914  -6.876  1.00 15.98 ? 32  GLU A CA  1 
ATOM   242 C C   . GLU A 1 30 ? -2.996  -8.294  -8.046  1.00 15.00 ? 32  GLU A C   1 
ATOM   243 O O   . GLU A 1 30 ? -3.524  -7.401  -8.699  1.00 15.56 ? 32  GLU A O   1 
ATOM   244 C CB  . GLU A 1 30 ? -4.436  -10.171 -7.314  1.00 17.28 ? 32  GLU A CB  1 
ATOM   245 C CG  . GLU A 1 30 ? -5.484  -9.931  -8.368  1.00 20.75 ? 32  GLU A CG  1 
ATOM   246 C CD  . GLU A 1 30 ? -6.269  -11.199 -8.714  1.00 22.34 ? 32  GLU A CD  1 
ATOM   247 O OE1 . GLU A 1 30 ? -5.646  -12.285 -8.872  1.00 31.28 ? 32  GLU A OE1 1 
ATOM   248 O OE2 . GLU A 1 30 ? -7.518  -11.113 -8.823  1.00 30.92 ? 32  GLU A OE2 1 
ATOM   249 N N   . SER A 1 31 ? -1.789  -8.764  -8.299  1.00 13.87 ? 33  SER A N   1 
ATOM   250 C CA  . SER A 1 31 ? -1.057  -8.360  -9.485  1.00 14.06 ? 33  SER A CA  1 
ATOM   251 C C   . SER A 1 31 ? -0.047  -9.442  -9.827  1.00 13.41 ? 33  SER A C   1 
ATOM   252 O O   . SER A 1 31 ? 0.480   -10.124 -8.953  1.00 12.29 ? 33  SER A O   1 
ATOM   253 C CB  . SER A 1 31 ? -0.381  -7.024  -9.248  1.00 15.12 ? 33  SER A CB  1 
ATOM   254 O OG  . SER A 1 31 ? 0.478   -6.662  -10.287 1.00 20.01 ? 33  SER A OG  1 
ATOM   255 N N   . ASP A 1 32 ? 0.201   -9.612  -11.121 1.00 14.49 ? 34  ASP A N   1 
ATOM   256 C CA  . ASP A 1 32 ? 1.163   -10.591 -11.576 1.00 15.15 ? 34  ASP A CA  1 
ATOM   257 C C   . ASP A 1 32 ? 2.549   -10.295 -11.027 1.00 14.84 ? 34  ASP A C   1 
ATOM   258 O O   . ASP A 1 32 ? 2.979   -9.152  -11.018 1.00 16.87 ? 34  ASP A O   1 
ATOM   259 C CB  . ASP A 1 32 ? 1.207   -10.598 -13.114 1.00 15.92 ? 34  ASP A CB  1 
ATOM   260 C CG  . ASP A 1 32 ? 0.013   -11.336 -13.750 1.00 20.66 ? 34  ASP A CG  1 
ATOM   261 O OD1 . ASP A 1 32 ? -0.764  -12.030 -13.059 1.00 23.48 ? 34  ASP A OD1 1 
ATOM   262 O OD2 . ASP A 1 32 ? -0.114  -11.249 -14.989 1.00 26.91 ? 34  ASP A OD2 1 
ATOM   263 N N   . ASN A 1 33 ? 3.244   -11.334 -10.570 1.00 15.43 ? 35  ASN A N   1 
ATOM   264 C CA  . ASN A 1 33 ? 4.639   -11.199 -10.103 1.00 15.50 ? 35  ASN A CA  1 
ATOM   265 C C   . ASN A 1 33 ? 4.786   -10.295 -8.889  1.00 14.52 ? 35  ASN A C   1 
ATOM   266 O O   . ASN A 1 33 ? 5.835   -9.669  -8.681  1.00 15.19 ? 35  ASN A O   1 
ATOM   267 C CB  . ASN A 1 33 ? 5.587   -10.732 -11.234 1.00 15.91 ? 35  ASN A CB  1 
ATOM   268 C CG  . ASN A 1 33 ? 7.083   -11.008 -10.935 1.00 17.10 ? 35  ASN A CG  1 
ATOM   269 O OD1 . ASN A 1 33 ? 7.407   -11.843 -10.098 1.00 22.56 ? 35  ASN A OD1 1 
ATOM   270 N ND2 . ASN A 1 33 ? 7.994   -10.318 -11.651 1.00 17.98 ? 35  ASN A ND2 1 
ATOM   271 N N   . VAL A 1 34 ? 3.719   -10.230 -8.087  1.00 12.48 ? 36  VAL A N   1 
ATOM   272 C CA  . VAL A 1 34 ? 3.717   -9.498  -6.850  1.00 11.20 ? 36  VAL A CA  1 
ATOM   273 C C   . VAL A 1 34 ? 3.274   -10.354 -5.666  1.00 9.08  ? 36  VAL A C   1 
ATOM   274 O O   . VAL A 1 34 ? 2.270   -11.062 -5.760  1.00 9.48  ? 36  VAL A O   1 
ATOM   275 C CB  . VAL A 1 34 ? 2.760   -8.265  -6.996  1.00 11.13 ? 36  VAL A CB  1 
ATOM   276 C CG1 . VAL A 1 34 ? 2.403   -7.626  -5.661  1.00 12.82 ? 36  VAL A CG1 1 
ATOM   277 C CG2 . VAL A 1 34 ? 3.417   -7.284  -7.948  1.00 14.22 ? 36  VAL A CG2 1 
ATOM   278 N N   . ASP A 1 35 ? 4.003   -10.211 -4.561  1.00 8.67  ? 37  ASP A N   1 
ATOM   279 C CA  . ASP A 1 35 ? 3.683   -10.892 -3.317  1.00 8.83  ? 37  ASP A CA  1 
ATOM   280 C C   . ASP A 1 35 ? 3.318   -10.010 -2.156  1.00 8.65  ? 37  ASP A C   1 
ATOM   281 O O   . ASP A 1 35 ? 2.647   -10.484 -1.232  1.00 8.84  ? 37  ASP A O   1 
ATOM   282 C CB  . ASP A 1 35 ? 4.854   -11.796 -2.939  1.00 9.99  ? 37  ASP A CB  1 
ATOM   283 C CG  . ASP A 1 35 ? 5.036   -12.915 -3.957  1.00 12.84 ? 37  ASP A CG  1 
ATOM   284 O OD1 . ASP A 1 35 ? 4.059   -13.657 -4.210  1.00 17.87 ? 37  ASP A OD1 1 
ATOM   285 O OD2 . ASP A 1 35 ? 6.132   -13.030 -4.490  1.00 20.35 ? 37  ASP A OD2 1 
ATOM   286 N N   . THR A 1 36 ? 3.800   -8.765  -2.165  1.00 7.80  ? 38  THR A N   1 
ATOM   287 C CA  . THR A 1 36 ? 3.594   -7.890  -1.008  1.00 7.72  ? 38  THR A CA  1 
ATOM   288 C C   . THR A 1 36 ? 2.923   -6.590  -1.407  1.00 7.61  ? 38  THR A C   1 
ATOM   289 O O   . THR A 1 36 ? 2.819   -6.254  -2.581  1.00 8.86  ? 38  THR A O   1 
ATOM   290 C CB  . THR A 1 36 ? 4.939   -7.488  -0.334  1.00 7.93  ? 38  THR A CB  1 
ATOM   291 O OG1 . THR A 1 36 ? 5.718   -6.665  -1.213  1.00 9.88  ? 38  THR A OG1 1 
ATOM   292 C CG2 . THR A 1 36 ? 5.738   -8.698  0.053   1.00 8.75  ? 38  THR A CG2 1 
ATOM   293 N N   . ILE A 1 37 ? 2.418   -5.880  -0.410  1.00 6.70  ? 39  ILE A N   1 
ATOM   294 C CA  . ILE A 1 37 ? 1.752   -4.606  -0.642  1.00 7.08  ? 39  ILE A CA  1 
ATOM   295 C C   . ILE A 1 37 ? 2.716   -3.587  -1.257  1.00 7.43  ? 39  ILE A C   1 
ATOM   296 O O   . ILE A 1 37 ? 2.294   -2.831  -2.155  1.00 8.03  ? 39  ILE A O   1 
ATOM   297 C CB  . ILE A 1 37 ? 1.049   -4.092  0.620   1.00 7.45  ? 39  ILE A CB  1 
ATOM   298 C CG1 . ILE A 1 37 ? 0.103   -2.930  0.274   1.00 7.53  ? 39  ILE A CG1 1 
ATOM   299 C CG2 . ILE A 1 37 ? 2.039   -3.775  1.749   1.00 8.97  ? 39  ILE A CG2 1 
ATOM   300 C CD1 . ILE A 1 37 ? -0.982  -3.282  -0.727  1.00 10.07 ? 39  ILE A CD1 1 
ATOM   301 N N   . ALA A 1 38 ? 3.986   -3.574  -0.845  1.00 7.66  ? 40  ALA A N   1 
ATOM   302 C CA  . ALA A 1 38 ? 4.957   -2.680  -1.531  1.00 7.53  ? 40  ALA A CA  1 
ATOM   303 C C   . ALA A 1 38 ? 5.095   -3.043  -3.008  1.00 7.61  ? 40  ALA A C   1 
ATOM   304 O O   . ALA A 1 38 ? 5.189   -2.163  -3.876  1.00 9.12  ? 40  ALA A O   1 
ATOM   305 C CB  . ALA A 1 38 ? 6.337   -2.684  -0.867  1.00 8.93  ? 40  ALA A CB  1 
ATOM   306 N N   . GLY A 1 39 ? 5.155   -4.332  -3.305  1.00 7.37  ? 41  GLY A N   1 
ATOM   307 C CA  . GLY A 1 39 ? 5.265   -4.771  -4.684  1.00 8.32  ? 41  GLY A CA  1 
ATOM   308 C C   . GLY A 1 39 ? 4.058   -4.317  -5.480  1.00 7.58  ? 41  GLY A C   1 
ATOM   309 O O   . GLY A 1 39 ? 4.184   -3.879  -6.636  1.00 8.80  ? 41  GLY A O   1 
ATOM   310 N N   . PHE A 1 40 ? 2.869   -4.473  -4.900  1.00 7.52  ? 42  PHE A N   1 
ATOM   311 C CA  . PHE A 1 40 ? 1.629   -4.052  -5.571  1.00 8.22  ? 42  PHE A CA  1 
ATOM   312 C C   . PHE A 1 40 ? 1.645   -2.536  -5.847  1.00 7.62  ? 42  PHE A C   1 
ATOM   313 O O   . PHE A 1 40 ? 1.304   -2.057  -6.953  1.00 7.91  ? 42  PHE A O   1 
ATOM   314 C CB  . PHE A 1 40 ? 0.438   -4.442  -4.707  1.00 8.94  ? 42  PHE A CB  1 
ATOM   315 C CG  . PHE A 1 40 ? -0.881  -4.020  -5.263  1.00 9.40  ? 42  PHE A CG  1 
ATOM   316 C CD1 . PHE A 1 40 ? -1.574  -4.828  -6.119  1.00 8.59  ? 42  PHE A CD1 1 
ATOM   317 C CD2 . PHE A 1 40 ? -1.428  -2.816  -4.906  1.00 9.77  ? 42  PHE A CD2 1 
ATOM   318 C CE1 . PHE A 1 40 ? -2.770  -4.433  -6.653  1.00 10.05 ? 42  PHE A CE1 1 
ATOM   319 C CE2 . PHE A 1 40 ? -2.645  -2.395  -5.424  1.00 9.62  ? 42  PHE A CE2 1 
ATOM   320 C CZ  . PHE A 1 40 ? -3.313  -3.206  -6.306  1.00 9.85  ? 42  PHE A CZ  1 
ATOM   321 N N   . TYR A 1 41 ? 2.029   -1.770  -4.822  1.00 7.74  ? 43  TYR A N   1 
ATOM   322 C CA  . TYR A 1 41 ? 2.068   -0.308  -4.943  1.00 7.89  ? 43  TYR A CA  1 
ATOM   323 C C   . TYR A 1 41 ? 3.095   0.109   -5.987  1.00 8.58  ? 43  TYR A C   1 
ATOM   324 O O   . TYR A 1 41 ? 2.809   0.933   -6.880  1.00 8.68  ? 43  TYR A O   1 
ATOM   325 C CB  . TYR A 1 41 ? 2.414   0.282   -3.595  1.00 7.76  ? 43  TYR A CB  1 
ATOM   326 C CG  . TYR A 1 41 ? 2.832   1.709   -3.628  1.00 7.04  ? 43  TYR A CG  1 
ATOM   327 C CD1 . TYR A 1 41 ? 1.899   2.746   -3.549  1.00 7.19  ? 43  TYR A CD1 1 
ATOM   328 C CD2 . TYR A 1 41 ? 4.175   2.046   -3.626  1.00 8.44  ? 43  TYR A CD2 1 
ATOM   329 C CE1 . TYR A 1 41 ? 2.298   4.089   -3.529  1.00 7.60  ? 43  TYR A CE1 1 
ATOM   330 C CE2 . TYR A 1 41 ? 4.578   3.383   -3.642  1.00 7.45  ? 43  TYR A CE2 1 
ATOM   331 C CZ  . TYR A 1 41 ? 3.648   4.397   -3.558  1.00 6.70  ? 43  TYR A CZ  1 
ATOM   332 O OH  . TYR A 1 41 ? 4.094   5.703   -3.524  1.00 8.90  ? 43  TYR A OH  1 
ATOM   333 N N   . LEU A 1 42 ? 4.287   -0.459  -5.916  1.00 8.34  ? 44  LEU A N   1 
ATOM   334 C CA  . LEU A 1 42 ? 5.364   -0.023  -6.842  1.00 9.57  ? 44  LEU A CA  1 
ATOM   335 C C   . LEU A 1 42 ? 5.053   -0.372  -8.303  1.00 10.10 ? 44  LEU A C   1 
ATOM   336 O O   . LEU A 1 42 ? 5.329   0.416   -9.244  1.00 10.99 ? 44  LEU A O   1 
ATOM   337 C CB  . LEU A 1 42 ? 6.731   -0.621  -6.467  1.00 9.71  ? 44  LEU A CB  1 
ATOM   338 C CG  . LEU A 1 42 ? 7.327   -0.042  -5.175  1.00 13.41 ? 44  LEU A CG  1 
ATOM   339 C CD1 . LEU A 1 42 ? 8.569   -0.859  -4.769  1.00 14.57 ? 44  LEU A CD1 1 
ATOM   340 C CD2 . LEU A 1 42 ? 7.684   1.444   -5.322  1.00 15.35 ? 44  LEU A CD2 1 
ATOM   341 N N   . THR A 1 43 ? 4.484   -1.559  -8.508  1.00 11.09 ? 45  THR A N   1 
ATOM   342 C CA  . THR A 1 43 ? 4.094   -1.968  -9.870  1.00 12.33 ? 45  THR A CA  1 
ATOM   343 C C   . THR A 1 43 ? 2.939   -1.096  -10.374 1.00 11.78 ? 45  THR A C   1 
ATOM   344 O O   . THR A 1 43 ? 2.853   -0.809  -11.585 1.00 12.97 ? 45  THR A O   1 
ATOM   345 C CB  . THR A 1 43 ? 3.751   -3.452  -9.932  1.00 14.48 ? 45  THR A CB  1 
ATOM   346 O OG1 . THR A 1 43 ? 2.672   -3.698  -9.076  1.00 20.31 ? 45  THR A OG1 1 
ATOM   347 C CG2 . THR A 1 43 ? 4.869   -4.263  -9.455  1.00 14.11 ? 45  THR A CG2 1 
ATOM   348 N N   . GLY A 1 44 ? 2.071   -0.650  -9.465  1.00 11.75 ? 46  GLY A N   1 
ATOM   349 C CA  . GLY A 1 44 ? 0.970   0.262   -9.813  1.00 13.42 ? 46  GLY A CA  1 
ATOM   350 C C   . GLY A 1 44 ? 1.380   1.678   -10.161 1.00 14.20 ? 46  GLY A C   1 
ATOM   351 O O   . GLY A 1 44 ? 0.842   2.271   -11.094 1.00 15.62 ? 46  GLY A O   1 
ATOM   352 N N   . VAL A 1 45 ? 2.285   2.272   -9.392  1.00 14.76 ? 47  VAL A N   1 
ATOM   353 C CA  . VAL A 1 45 ? 2.776   3.641   -9.713  1.00 16.44 ? 47  VAL A CA  1 
ATOM   354 C C   . VAL A 1 45 ? 3.890   3.676   -10.787 1.00 17.58 ? 47  VAL A C   1 
ATOM   355 O O   . VAL A 1 45 ? 4.095   4.691   -11.468 1.00 19.90 ? 47  VAL A O   1 
ATOM   356 C CB  . VAL A 1 45 ? 3.310   4.395   -8.439  1.00 16.16 ? 47  VAL A CB  1 
ATOM   357 C CG1 . VAL A 1 45 ? 2.208   4.512   -7.389  1.00 15.18 ? 47  VAL A CG1 1 
ATOM   358 C CG2 . VAL A 1 45 ? 4.524   3.717   -7.836  1.00 15.26 ? 47  VAL A CG2 1 
ATOM   359 N N   . GLY A 1 46 ? 4.719   2.636   -10.845 1.00 19.12 ? 48  GLY A N   1 
ATOM   360 C CA  . GLY A 1 46 ? 5.771   2.545   -11.859 1.00 20.14 ? 48  GLY A CA  1 
ATOM   361 C C   . GLY A 1 46 ? 6.983   3.437   -11.677 1.00 20.87 ? 48  GLY A C   1 
ATOM   362 O O   . GLY A 1 46 ? 7.694   3.705   -12.645 1.00 21.95 ? 48  GLY A O   1 
ATOM   363 N N   . THR A 1 47 ? 7.270   3.818   -10.433 1.00 21.51 ? 49  THR A N   1 
ATOM   364 C CA  . THR A 1 47 ? 8.250   4.865   -10.093 1.00 21.91 ? 49  THR A CA  1 
ATOM   365 C C   . THR A 1 47 ? 8.758   4.663   -8.690  1.00 21.55 ? 49  THR A C   1 
ATOM   366 O O   . THR A 1 47 ? 7.974   4.390   -7.847  1.00 21.81 ? 49  THR A O   1 
ATOM   367 C CB  . THR A 1 47 ? 7.566   6.275   -10.132 1.00 23.41 ? 49  THR A CB  1 
ATOM   368 O OG1 . THR A 1 47 ? 6.507   6.349   -9.169  1.00 26.27 ? 49  THR A OG1 1 
ATOM   369 C CG2 . THR A 1 47 ? 6.954   6.513   -11.490 1.00 24.20 ? 49  THR A CG2 1 
ATOM   370 N N   . ILE A 1 48 ? 10.045  4.808   -8.421  1.00 18.84 ? 50  ILE A N   1 
ATOM   371 C CA  . ILE A 1 48 ? 10.442  4.900   -7.035  1.00 18.97 ? 50  ILE A CA  1 
ATOM   372 C C   . ILE A 1 48 ? 10.059  6.312   -6.529  1.00 17.59 ? 50  ILE A C   1 
ATOM   373 O O   . ILE A 1 48 ? 10.662  7.293   -6.981  1.00 18.48 ? 50  ILE A O   1 
ATOM   374 C CB  . ILE A 1 48 ? 11.970  4.642   -6.852  1.00 17.99 ? 50  ILE A CB  1 
ATOM   375 C CG1 . ILE A 1 48 ? 12.348  3.277   -7.439  1.00 19.99 ? 50  ILE A CG1 1 
ATOM   376 C CG2 . ILE A 1 48 ? 12.361  4.706   -5.348  1.00 18.12 ? 50  ILE A CG2 1 
ATOM   377 C CD1 . ILE A 1 48 ? 11.489  2.083   -6.944  1.00 20.67 ? 50  ILE A CD1 1 
ATOM   378 N N   . PRO A 1 49 ? 9.025   6.438   -5.654  1.00 17.04 ? 51  PRO A N   1 
ATOM   379 C CA  . PRO A 1 49 ? 8.792   7.759   -5.039  1.00 16.11 ? 51  PRO A CA  1 
ATOM   380 C C   . PRO A 1 49 ? 9.851   8.096   -4.045  1.00 17.46 ? 51  PRO A C   1 
ATOM   381 O O   . PRO A 1 49 ? 10.659  7.239   -3.731  1.00 17.25 ? 51  PRO A O   1 
ATOM   382 C CB  . PRO A 1 49 ? 7.529   7.539   -4.205  1.00 15.65 ? 51  PRO A CB  1 
ATOM   383 C CG  . PRO A 1 49 ? 7.584   6.109   -3.844  1.00 13.98 ? 51  PRO A CG  1 
ATOM   384 C CD  . PRO A 1 49 ? 8.060   5.456   -5.131  1.00 16.99 ? 51  PRO A CD  1 
ATOM   385 N N   . SER A 1 50 ? 9.755   9.324   -3.517  1.00 17.76 ? 52  SER A N   1 
ATOM   386 C CA  . SER A 1 50 ? 10.471  9.768   -2.323  1.00 18.03 ? 52  SER A CA  1 
ATOM   387 C C   . SER A 1 50 ? 9.534   10.575  -1.421  1.00 19.14 ? 52  SER A C   1 
ATOM   388 O O   . SER A 1 50 ? 8.358   10.887  -1.779  1.00 18.08 ? 52  SER A O   1 
ATOM   389 C CB  . SER A 1 50 ? 11.661  10.642  -2.719  1.00 18.06 ? 52  SER A CB  1 
ATOM   390 O OG  . SER A 1 50 ? 11.253  11.797  -3.424  1.00 17.77 ? 52  SER A OG  1 
ATOM   391 N N   . GLN A 1 51 ? 10.034  10.945  -0.244  1.00 20.49 ? 53  GLN A N   1 
ATOM   392 C CA  . GLN A 1 51 ? 9.251   11.809  0.630   1.00 21.46 ? 53  GLN A CA  1 
ATOM   393 C C   . GLN A 1 51 ? 8.970   13.161  -0.054  1.00 21.16 ? 53  GLN A C   1 
ATOM   394 O O   . GLN A 1 51 ? 7.887   13.733  0.098   1.00 20.23 ? 53  GLN A O   1 
ATOM   395 C CB  . GLN A 1 51 ? 9.933   11.999  1.983   1.00 21.99 ? 53  GLN A CB  1 
ATOM   396 C CG  . GLN A 1 51 ? 9.155   12.954  2.868   1.00 23.81 ? 53  GLN A CG  1 
ATOM   397 C CD  . GLN A 1 51 ? 9.449   12.816  4.344   1.00 25.80 ? 53  GLN A CD  1 
ATOM   398 O OE1 . GLN A 1 51 ? 10.317  12.046  4.763   1.00 31.62 ? 53  GLN A OE1 1 
ATOM   399 N NE2 . GLN A 1 51 ? 8.713   13.583  5.151   1.00 31.02 ? 53  GLN A NE2 1 
ATOM   400 N N   . GLU A 1 52 ? 9.931   13.664  -0.824  1.00 21.16 ? 54  GLU A N   1 
ATOM   401 C CA  . GLU A 1 52 ? 9.763   14.944  -1.504  1.00 21.47 ? 54  GLU A CA  1 
ATOM   402 C C   . GLU A 1 52 ? 8.762   14.831  -2.645  1.00 21.05 ? 54  GLU A C   1 
ATOM   403 O O   . GLU A 1 52 ? 8.040   15.781  -2.931  1.00 20.32 ? 54  GLU A O   1 
ATOM   404 C CB  . GLU A 1 52 ? 11.105  15.435  -2.066  1.00 22.43 ? 54  GLU A CB  1 
ATOM   405 C CG  . GLU A 1 52 ? 12.137  15.791  -1.010  1.00 24.42 ? 54  GLU A CG  1 
ATOM   406 C CD  . GLU A 1 52 ? 12.977  14.621  -0.507  1.00 27.37 ? 54  GLU A CD  1 
ATOM   407 O OE1 . GLU A 1 52 ? 12.711  13.446  -0.872  1.00 29.18 ? 54  GLU A OE1 1 
ATOM   408 O OE2 . GLU A 1 52 ? 13.920  14.894  0.276   1.00 27.84 ? 54  GLU A OE2 1 
ATOM   409 N N   . GLU A 1 53 ? 8.733   13.658  -3.275  1.00 20.27 ? 55  GLU A N   1 
ATOM   410 C CA  . GLU A 1 53 ? 7.973   13.420  -4.481  1.00 19.75 ? 55  GLU A CA  1 
ATOM   411 C C   . GLU A 1 53 ? 7.162   12.169  -4.249  1.00 18.89 ? 55  GLU A C   1 
ATOM   412 O O   . GLU A 1 53 ? 7.506   11.093  -4.747  1.00 18.68 ? 55  GLU A O   1 
ATOM   413 C CB  . GLU A 1 53 ? 8.943   13.251  -5.655  1.00 19.84 ? 55  GLU A CB  1 
ATOM   414 C CG  . GLU A 1 53 ? 9.730   14.533  -5.891  1.00 20.13 ? 55  GLU A CG  1 
ATOM   415 C CD  . GLU A 1 53 ? 10.811  14.439  -6.957  1.00 20.51 ? 55  GLU A CD  1 
ATOM   416 O OE1 . GLU A 1 53 ? 10.881  13.401  -7.661  1.00 23.61 ? 55  GLU A OE1 1 
ATOM   417 O OE2 . GLU A 1 53 ? 11.597  15.409  -7.068  1.00 19.67 ? 55  GLU A OE2 1 
ATOM   418 N N   . LYS A 1 54 ? 6.131   12.299  -3.409  1.00 16.46 ? 56  LYS A N   1 
ATOM   419 C CA  . LYS A 1 54 ? 5.290   11.157  -3.059  1.00 17.15 ? 56  LYS A CA  1 
ATOM   420 C C   . LYS A 1 54 ? 4.484   10.715  -4.234  1.00 14.64 ? 56  LYS A C   1 
ATOM   421 O O   . LYS A 1 54 ? 4.149   11.502  -5.125  1.00 16.59 ? 56  LYS A O   1 
ATOM   422 C CB  . LYS A 1 54 ? 4.341   11.510  -1.938  1.00 16.56 ? 56  LYS A CB  1 
ATOM   423 C CG  . LYS A 1 54 ? 5.066   11.866  -0.662  1.00 19.74 ? 56  LYS A CG  1 
ATOM   424 C CD  . LYS A 1 54 ? 4.128   12.119  0.460   1.00 19.84 ? 56  LYS A CD  1 
ATOM   425 C CE  . LYS A 1 54 ? 4.895   12.380  1.750   1.00 22.31 ? 56  LYS A CE  1 
ATOM   426 N NZ  . LYS A 1 54 ? 4.050   12.893  2.840   1.00 25.95 ? 56  LYS A NZ  1 
ATOM   427 N N   . GLU A 1 55 ? 4.132   9.439   -4.204  1.00 12.52 ? 57  GLU A N   1 
ATOM   428 C CA  . GLU A 1 55 ? 3.301   8.881   -5.246  1.00 11.25 ? 57  GLU A CA  1 
ATOM   429 C C   . GLU A 1 55 ? 2.071   8.261   -4.601  1.00 10.25 ? 57  GLU A C   1 
ATOM   430 O O   . GLU A 1 55 ? 2.167   7.557   -3.612  1.00 9.74  ? 57  GLU A O   1 
ATOM   431 C CB  . GLU A 1 55 ? 4.057   7.865   -6.083  1.00 11.96 ? 57  GLU A CB  1 
ATOM   432 C CG  . GLU A 1 55 ? 5.189   8.497   -6.941  1.00 13.69 ? 57  GLU A CG  1 
ATOM   433 C CD  . GLU A 1 55 ? 4.713   9.355   -8.106  1.00 17.88 ? 57  GLU A CD  1 
ATOM   434 O OE1 . GLU A 1 55 ? 3.530   9.259   -8.474  1.00 21.26 ? 57  GLU A OE1 1 
ATOM   435 O OE2 . GLU A 1 55 ? 5.532   10.123  -8.670  1.00 19.42 ? 57  GLU A OE2 1 
ATOM   436 N N   . HIS A 1 56 ? 0.916   8.569   -5.172  1.00 9.26  ? 58  HIS A N   1 
ATOM   437 C CA  . HIS A 1 56 ? -0.380  8.099   -4.688  1.00 9.61  ? 58  HIS A CA  1 
ATOM   438 C C   . HIS A 1 56 ? -0.938  7.084   -5.662  1.00 10.50 ? 58  HIS A C   1 
ATOM   439 O O   . HIS A 1 56 ? -0.855  7.292   -6.867  1.00 10.62 ? 58  HIS A O   1 
ATOM   440 C CB  . HIS A 1 56 ? -1.340  9.258   -4.659  1.00 10.25 ? 58  HIS A CB  1 
ATOM   441 C CG  . HIS A 1 56 ? -0.976  10.324  -3.688  1.00 11.91 ? 58  HIS A CG  1 
ATOM   442 N ND1 . HIS A 1 56 ? 0.230   10.996  -3.702  1.00 14.47 ? 58  HIS A ND1 1 
ATOM   443 C CD2 . HIS A 1 56 ? -1.716  10.912  -2.725  1.00 13.98 ? 58  HIS A CD2 1 
ATOM   444 C CE1 . HIS A 1 56 ? 0.235   11.911  -2.752  1.00 13.27 ? 58  HIS A CE1 1 
ATOM   445 N NE2 . HIS A 1 56 ? -0.937  11.891  -2.154  1.00 17.78 ? 58  HIS A NE2 1 
ATOM   446 N N   . PHE A 1 57 ? -1.479  5.991   -5.138  1.00 9.42  ? 59  PHE A N   1 
ATOM   447 C CA  . PHE A 1 57 ? -2.119  4.984   -5.987  1.00 10.12 ? 59  PHE A CA  1 
ATOM   448 C C   . PHE A 1 57 ? -3.472  4.651   -5.417  1.00 10.40 ? 59  PHE A C   1 
ATOM   449 O O   . PHE A 1 57 ? -3.580  4.306   -4.258  1.00 11.47 ? 59  PHE A O   1 
ATOM   450 C CB  . PHE A 1 57 ? -1.270  3.708   -6.058  1.00 10.98 ? 59  PHE A CB  1 
ATOM   451 C CG  . PHE A 1 57 ? -1.676  2.773   -7.163  1.00 10.37 ? 59  PHE A CG  1 
ATOM   452 C CD1 . PHE A 1 57 ? -1.721  3.208   -8.458  1.00 12.44 ? 59  PHE A CD1 1 
ATOM   453 C CD2 . PHE A 1 57 ? -1.970  1.452   -6.907  1.00 16.08 ? 59  PHE A CD2 1 
ATOM   454 C CE1 . PHE A 1 57 ? -2.060  2.361   -9.486  1.00 14.55 ? 59  PHE A CE1 1 
ATOM   455 C CE2 . PHE A 1 57 ? -2.321  0.589   -7.959  1.00 14.64 ? 59  PHE A CE2 1 
ATOM   456 C CZ  . PHE A 1 57 ? -2.378  1.058   -9.220  1.00 13.69 ? 59  PHE A CZ  1 
ATOM   457 N N   . GLU A 1 58 ? -4.503  4.778   -6.235  1.00 10.45 ? 60  GLU A N   1 
ATOM   458 C CA  . GLU A 1 58 ? -5.861  4.575   -5.770  1.00 12.33 ? 60  GLU A CA  1 
ATOM   459 C C   . GLU A 1 58 ? -6.442  3.347   -6.450  1.00 12.13 ? 60  GLU A C   1 
ATOM   460 O O   . GLU A 1 58 ? -6.343  3.173   -7.672  1.00 12.27 ? 60  GLU A O   1 
ATOM   461 C CB  . GLU A 1 58 ? -6.708  5.820   -6.064  1.00 13.10 ? 60  GLU A CB  1 
ATOM   462 C CG  . GLU A 1 58 ? -6.321  6.977   -5.165  1.00 16.31 ? 60  GLU A CG  1 
ATOM   463 C CD  . GLU A 1 58 ? -7.134  8.229   -5.408  1.00 17.93 ? 60  GLU A CD  1 
ATOM   464 O OE1 . GLU A 1 58 ? -8.318  8.244   -5.045  1.00 24.86 ? 60  GLU A OE1 1 
ATOM   465 O OE2 . GLU A 1 58 ? -6.583  9.207   -5.954  1.00 25.11 ? 60  GLU A OE2 1 
ATOM   466 N N   . VAL A 1 59 ? -7.038  2.493   -5.634  1.00 11.96 ? 61  VAL A N   1 
ATOM   467 C CA  . VAL A 1 59 ? -7.705  1.313   -6.163  1.00 13.03 ? 61  VAL A CA  1 
ATOM   468 C C   . VAL A 1 59 ? -9.026  1.076   -5.468  1.00 12.99 ? 61  VAL A C   1 
ATOM   469 O O   . VAL A 1 59 ? -9.245  1.553   -4.372  1.00 13.06 ? 61  VAL A O   1 
ATOM   470 C CB  . VAL A 1 59 ? -6.808  0.060   -6.068  1.00 13.78 ? 61  VAL A CB  1 
ATOM   471 C CG1 . VAL A 1 59 ? -5.563  0.215   -6.936  1.00 15.63 ? 61  VAL A CG1 1 
ATOM   472 C CG2 . VAL A 1 59 ? -6.446  -0.252  -4.636  1.00 16.13 ? 61  VAL A CG2 1 
ATOM   473 N N   . GLU A 1 60 ? -9.915  0.352   -6.129  1.00 13.36 ? 62  GLU A N   1 
ATOM   474 C CA  . GLU A 1 60 ? -11.178 -0.042  -5.534  1.00 14.51 ? 62  GLU A CA  1 
ATOM   475 C C   . GLU A 1 60 ? -11.223 -1.555  -5.425  1.00 13.80 ? 62  GLU A C   1 
ATOM   476 O O   . GLU A 1 60 ? -10.900 -2.260  -6.384  1.00 13.54 ? 62  GLU A O   1 
ATOM   477 C CB  . GLU A 1 60 ? -12.373 0.443   -6.367  1.00 15.00 ? 62  GLU A CB  1 
ATOM   478 C CG  . GLU A 1 60 ? -13.705 -0.028  -5.807  1.00 15.96 ? 62  GLU A CG  1 
ATOM   479 C CD  . GLU A 1 60 ? -14.871 0.570   -6.552  1.00 19.35 ? 62  GLU A CD  1 
ATOM   480 O OE1 . GLU A 1 60 ? -14.647 1.220   -7.616  1.00 24.26 ? 62  GLU A OE1 1 
ATOM   481 O OE2 . GLU A 1 60 ? -16.020 0.404   -6.074  1.00 25.83 ? 62  GLU A OE2 1 
ATOM   482 N N   . SER A 1 61 ? -11.627 -2.062  -4.266  1.00 12.88 ? 63  SER A N   1 
ATOM   483 C CA  . SER A 1 61 ? -11.708 -3.501  -4.066  1.00 13.86 ? 63  SER A CA  1 
ATOM   484 C C   . SER A 1 61 ? -12.783 -3.843  -3.028  1.00 13.59 ? 63  SER A C   1 
ATOM   485 O O   . SER A 1 61 ? -12.809 -3.293  -1.911  1.00 13.55 ? 63  SER A O   1 
ATOM   486 C CB  . SER A 1 61 ? -10.352 -4.058  -3.625  1.00 14.20 ? 63  SER A CB  1 
ATOM   487 O OG  . SER A 1 61 ? -10.469 -5.438  -3.320  1.00 17.76 ? 63  SER A OG  1 
ATOM   488 N N   . ASN A 1 62 ? -13.698 -4.729  -3.418  1.00 13.29 ? 64  ASN A N   1 
ATOM   489 C CA  . ASN A 1 62 ? -14.735 -5.210  -2.482  1.00 13.25 ? 64  ASN A CA  1 
ATOM   490 C C   . ASN A 1 62 ? -15.484 -4.043  -1.877  1.00 12.84 ? 64  ASN A C   1 
ATOM   491 O O   . ASN A 1 62 ? -15.839 -4.044  -0.698  1.00 12.25 ? 64  ASN A O   1 
ATOM   492 C CB  . ASN A 1 62 ? -14.132 -6.138  -1.420  1.00 13.23 ? 64  ASN A CB  1 
ATOM   493 C CG  . ASN A 1 62 ? -13.714 -7.485  -1.998  1.00 12.79 ? 64  ASN A CG  1 
ATOM   494 O OD1 . ASN A 1 62 ? -14.031 -7.800  -3.154  1.00 14.75 ? 64  ASN A OD1 1 
ATOM   495 N ND2 . ASN A 1 62 ? -13.001 -8.284  -1.210  1.00 14.86 ? 64  ASN A ND2 1 
ATOM   496 N N   . GLY A 1 63 ? -15.727 -3.053  -2.727  1.00 13.90 ? 65  GLY A N   1 
ATOM   497 C CA  . GLY A 1 63 ? -16.486 -1.881  -2.355  1.00 13.89 ? 65  GLY A CA  1 
ATOM   498 C C   . GLY A 1 63 ? -15.755 -0.871  -1.498  1.00 14.91 ? 65  GLY A C   1 
ATOM   499 O O   . GLY A 1 63 ? -16.337 0.144   -1.116  1.00 16.21 ? 65  GLY A O   1 
ATOM   500 N N   . LYS A 1 64 ? -14.493 -1.144  -1.193  1.00 14.57 ? 66  LYS A N   1 
ATOM   501 C CA  . LYS A 1 64 ? -13.641 -0.182  -0.494  1.00 14.80 ? 66  LYS A CA  1 
ATOM   502 C C   . LYS A 1 64 ? -12.779 0.572   -1.516  1.00 14.12 ? 66  LYS A C   1 
ATOM   503 O O   . LYS A 1 64 ? -12.257 -0.033  -2.479  1.00 15.61 ? 66  LYS A O   1 
ATOM   504 C CB  . LYS A 1 64 ? -12.703 -0.876  0.494   1.00 16.62 ? 66  LYS A CB  1 
ATOM   505 C CG  . LYS A 1 64 ? -13.370 -1.606  1.672   1.00 20.14 ? 66  LYS A CG  1 
ATOM   506 C CD  . LYS A 1 64 ? -13.370 -3.114  1.330   1.00 21.44 ? 66  LYS A CD  1 
ATOM   507 C CE  . LYS A 1 64 ? -14.183 -3.931  2.241   1.00 22.76 ? 66  LYS A CE  1 
ATOM   508 N NZ  . LYS A 1 64 ? -14.624 -5.196  1.649   1.00 19.16 ? 66  LYS A NZ  1 
ATOM   509 N N   A HIS A 1 65 ? -12.661 1.889   -1.340  0.50 13.93 ? 67  HIS A N   1 
ATOM   510 N N   B HIS A 1 65 ? -12.603 1.868   -1.282  0.50 13.66 ? 67  HIS A N   1 
ATOM   511 C CA  A HIS A 1 65 ? -11.682 2.672   -2.082  0.50 13.25 ? 67  HIS A CA  1 
ATOM   512 C CA  B HIS A 1 65 ? -11.675 2.664   -2.059  0.50 13.12 ? 67  HIS A CA  1 
ATOM   513 C C   A HIS A 1 65 ? -10.471 2.805   -1.180  0.50 12.50 ? 67  HIS A C   1 
ATOM   514 C C   B HIS A 1 65 ? -10.453 2.911   -1.215  0.50 12.31 ? 67  HIS A C   1 
ATOM   515 O O   A HIS A 1 65 ? -10.611 3.148   -0.026  0.50 12.01 ? 67  HIS A O   1 
ATOM   516 O O   B HIS A 1 65 ? -10.558 3.473   -0.151  0.50 11.87 ? 67  HIS A O   1 
ATOM   517 C CB  A HIS A 1 65 ? -12.209 4.061   -2.443  0.50 14.09 ? 67  HIS A CB  1 
ATOM   518 C CB  B HIS A 1 65 ? -12.305 3.988   -2.435  0.50 13.81 ? 67  HIS A CB  1 
ATOM   519 C CG  A HIS A 1 65 ? -11.161 4.976   -3.002  0.50 14.69 ? 67  HIS A CG  1 
ATOM   520 C CG  B HIS A 1 65 ? -13.444 3.841   -3.386  0.50 14.33 ? 67  HIS A CG  1 
ATOM   521 N ND1 A HIS A 1 65 ? -10.985 5.185   -4.354  0.50 17.22 ? 67  HIS A ND1 1 
ATOM   522 N ND1 B HIS A 1 65 ? -13.295 3.974   -4.748  0.50 15.66 ? 67  HIS A ND1 1 
ATOM   523 C CD2 A HIS A 1 65 ? -10.239 5.749   -2.382  0.50 16.69 ? 67  HIS A CD2 1 
ATOM   524 C CD2 B HIS A 1 65 ? -14.745 3.539   -3.171  0.50 15.24 ? 67  HIS A CD2 1 
ATOM   525 C CE1 A HIS A 1 65 ? -9.997  6.043   -4.538  0.50 17.42 ? 67  HIS A CE1 1 
ATOM   526 C CE1 B HIS A 1 65 ? -14.464 3.775   -5.332  0.50 16.01 ? 67  HIS A CE1 1 
ATOM   527 N NE2 A HIS A 1 65 ? -9.519  6.392   -3.356  0.50 17.26 ? 67  HIS A NE2 1 
ATOM   528 N NE2 B HIS A 1 65 ? -15.361 3.517   -4.396  0.50 14.25 ? 67  HIS A NE2 1 
ATOM   529 N N   . LEU A 1 66 ? -9.297  2.479   -1.708  1.00 11.20 ? 68  LEU A N   1 
ATOM   530 C CA  . LEU A 1 66 ? -8.042  2.575   -0.966  1.00 11.46 ? 68  LEU A CA  1 
ATOM   531 C C   . LEU A 1 66 ? -7.158  3.592   -1.670  1.00 10.77 ? 68  LEU A C   1 
ATOM   532 O O   . LEU A 1 66 ? -7.024  3.569   -2.896  1.00 10.77 ? 68  LEU A O   1 
ATOM   533 C CB  . LEU A 1 66 ? -7.314  1.245   -0.977  1.00 11.78 ? 68  LEU A CB  1 
ATOM   534 C CG  . LEU A 1 66 ? -7.996  0.006   -0.400  1.00 15.41 ? 68  LEU A CG  1 
ATOM   535 C CD1 . LEU A 1 66 ? -7.068  -1.220  -0.476  1.00 18.05 ? 68  LEU A CD1 1 
ATOM   536 C CD2 . LEU A 1 66 ? -8.395  0.257   0.979   1.00 17.86 ? 68  LEU A CD2 1 
ATOM   537 N N   . GLU A 1 67 ? -6.516  4.439   -0.876  1.00 9.75  ? 69  GLU A N   1 
ATOM   538 C CA  . GLU A 1 67 ? -5.465  5.328   -1.380  1.00 9.37  ? 69  GLU A CA  1 
ATOM   539 C C   . GLU A 1 67 ? -4.166  4.903   -0.697  1.00 8.50  ? 69  GLU A C   1 
ATOM   540 O O   . GLU A 1 67 ? -4.095  4.868   0.529   1.00 9.59  ? 69  GLU A O   1 
ATOM   541 C CB  . GLU A 1 67 ? -5.773  6.805   -1.117  1.00 9.87  ? 69  GLU A CB  1 
ATOM   542 C CG  . GLU A 1 67 ? -4.700  7.730   -1.657  1.00 10.47 ? 69  GLU A CG  1 
ATOM   543 C CD  . GLU A 1 67 ? -4.970  9.204   -1.420  1.00 10.51 ? 69  GLU A CD  1 
ATOM   544 O OE1 . GLU A 1 67 ? -5.861  9.526   -0.632  1.00 13.82 ? 69  GLU A OE1 1 
ATOM   545 O OE2 . GLU A 1 67 ? -4.244  10.034  -2.000  1.00 16.93 ? 69  GLU A OE2 1 
ATOM   546 N N   . LEU A 1 68 ? -3.161  4.552   -1.494  1.00 8.83  ? 70  LEU A N   1 
ATOM   547 C CA  . LEU A 1 68 ? -1.866  4.088   -0.989  1.00 9.83  ? 70  LEU A CA  1 
ATOM   548 C C   . LEU A 1 68 ? -0.836  5.183   -1.267  1.00 9.34  ? 70  LEU A C   1 
ATOM   549 O O   . LEU A 1 68 ? -0.741  5.652   -2.391  1.00 9.32  ? 70  LEU A O   1 
ATOM   550 C CB  . LEU A 1 68 ? -1.436  2.815   -1.690  1.00 9.21  ? 70  LEU A CB  1 
ATOM   551 C CG  . LEU A 1 68 ? -2.156  1.500   -1.429  1.00 11.94 ? 70  LEU A CG  1 
ATOM   552 C CD1 . LEU A 1 68 ? -3.599  1.625   -1.734  1.00 17.13 ? 70  LEU A CD1 1 
ATOM   553 C CD2 . LEU A 1 68 ? -1.528  0.427   -2.303  1.00 12.23 ? 70  LEU A CD2 1 
ATOM   554 N N   . ILE A 1 69 ? -0.073  5.552   -0.242  1.00 8.90  ? 71  ILE A N   1 
ATOM   555 C CA  . ILE A 1 69 ? 0.930   6.608   -0.341  1.00 9.74  ? 71  ILE A CA  1 
ATOM   556 C C   . ILE A 1 69 ? 2.206   6.165   0.349   1.00 8.95  ? 71  ILE A C   1 
ATOM   557 O O   . ILE A 1 69 ? 2.161   5.619   1.438   1.00 9.17  ? 71  ILE A O   1 
ATOM   558 C CB  . ILE A 1 69 ? 0.466   7.922   0.324   1.00 9.86  ? 71  ILE A CB  1 
ATOM   559 C CG1 . ILE A 1 69 ? -0.977  8.276   -0.029  1.00 12.26 ? 71  ILE A CG1 1 
ATOM   560 C CG2 . ILE A 1 69 ? 1.386   9.068   -0.107  1.00 11.11 ? 71  ILE A CG2 1 
ATOM   561 C CD1 . ILE A 1 69 ? -1.490  9.528   0.725   1.00 12.22 ? 71  ILE A CD1 1 
ATOM   562 N N   . ASN A 1 70 ? 3.357   6.431   -0.258  1.00 8.48  ? 72  ASN A N   1 
ATOM   563 C CA  . ASN A 1 70 ? 4.600   6.072   0.422   1.00 8.96  ? 72  ASN A CA  1 
ATOM   564 C C   . ASN A 1 70 ? 4.725   6.851   1.716   1.00 8.42  ? 72  ASN A C   1 
ATOM   565 O O   . ASN A 1 70 ? 4.475   8.070   1.751   1.00 9.12  ? 72  ASN A O   1 
ATOM   566 C CB  . ASN A 1 70 ? 5.819   6.300   -0.451  1.00 9.34  ? 72  ASN A CB  1 
ATOM   567 C CG  . ASN A 1 70 ? 5.890   7.696   -0.997  1.00 8.90  ? 72  ASN A CG  1 
ATOM   568 O OD1 . ASN A 1 70 ? 5.010   8.076   -1.748  1.00 9.53  ? 72  ASN A OD1 1 
ATOM   569 N ND2 . ASN A 1 70 ? 6.968   8.440   -0.685  1.00 9.13  ? 72  ASN A ND2 1 
ATOM   570 N N   . ASP A 1 71 ? 5.115   6.140   2.775   1.00 9.27  ? 73  ASP A N   1 
ATOM   571 C CA  . ASP A 1 71 ? 5.450   6.763   4.046   1.00 9.96  ? 73  ASP A CA  1 
ATOM   572 C C   . ASP A 1 71 ? 6.943   6.695   4.365   1.00 9.91  ? 73  ASP A C   1 
ATOM   573 O O   . ASP A 1 71 ? 7.468   7.571   5.045   1.00 12.21 ? 73  ASP A O   1 
ATOM   574 C CB  . ASP A 1 71 ? 4.632   6.116   5.164   1.00 10.20 ? 73  ASP A CB  1 
ATOM   575 C CG  . ASP A 1 71 ? 4.968   6.661   6.542   1.00 14.05 ? 73  ASP A CG  1 
ATOM   576 O OD1 . ASP A 1 71 ? 4.550   7.786   6.861   1.00 18.77 ? 73  ASP A OD1 1 
ATOM   577 O OD2 . ASP A 1 71 ? 5.647   5.934   7.318   1.00 20.71 ? 73  ASP A OD2 1 
ATOM   578 N N   . LYS A 1 72 ? 7.630   5.661   3.893   1.00 9.72  ? 74  LYS A N   1 
ATOM   579 C CA  . LYS A 1 72 ? 9.082   5.567   4.084   1.00 10.49 ? 74  LYS A CA  1 
ATOM   580 C C   . LYS A 1 72 ? 9.662   4.791   2.908   1.00 10.21 ? 74  LYS A C   1 
ATOM   581 O O   . LYS A 1 72 ? 9.079   3.780   2.503   1.00 10.62 ? 74  LYS A O   1 
ATOM   582 C CB  . LYS A 1 72 ? 9.419   4.859   5.389   1.00 11.96 ? 74  LYS A CB  1 
ATOM   583 C CG  . LYS A 1 72 ? 10.883  4.728   5.698   1.00 15.11 ? 74  LYS A CG  1 
ATOM   584 C CD  . LYS A 1 72 ? 11.471  6.025   6.054   1.00 19.43 ? 74  LYS A CD  1 
ATOM   585 C CE  . LYS A 1 72 ? 12.780  5.909   6.821   1.00 21.09 ? 74  LYS A CE  1 
ATOM   586 N NZ  . LYS A 1 72 ? 13.376  7.266   7.061   1.00 23.66 ? 74  LYS A NZ  1 
ATOM   587 N N   . VAL A 1 73 ? 10.784  5.273   2.373   1.00 10.40 ? 75  VAL A N   1 
ATOM   588 C CA  . VAL A 1 73 ? 11.505  4.642   1.294   1.00 11.40 ? 75  VAL A CA  1 
ATOM   589 C C   . VAL A 1 73 ? 12.975  4.499   1.690   1.00 11.97 ? 75  VAL A C   1 
ATOM   590 O O   . VAL A 1 73 ? 13.563  5.417   2.252   1.00 12.92 ? 75  VAL A O   1 
ATOM   591 C CB  . VAL A 1 73 ? 11.414  5.506   0.030   1.00 11.78 ? 75  VAL A CB  1 
ATOM   592 C CG1 . VAL A 1 73 ? 12.227  4.902   -1.119  1.00 13.57 ? 75  VAL A CG1 1 
ATOM   593 C CG2 . VAL A 1 73 ? 9.961   5.688   -0.390  1.00 12.64 ? 75  VAL A CG2 1 
ATOM   594 N N   . LYS A 1 74 ? 13.557  3.347   1.371   1.00 12.16 ? 76  LYS A N   1 
ATOM   595 C CA  . LYS A 1 74 ? 14.946  2.998   1.703   1.00 13.43 ? 76  LYS A CA  1 
ATOM   596 C C   . LYS A 1 74 ? 15.539  2.269   0.487   1.00 12.89 ? 76  LYS A C   1 
ATOM   597 O O   . LYS A 1 74 ? 14.998  1.239   0.071   1.00 12.65 ? 76  LYS A O   1 
ATOM   598 C CB  . LYS A 1 74 ? 15.011  2.044   2.902   1.00 14.78 ? 76  LYS A CB  1 
ATOM   599 C CG  . LYS A 1 74 ? 14.262  2.399   4.205   1.00 18.84 ? 76  LYS A CG  1 
ATOM   600 C CD  . LYS A 1 74 ? 14.542  1.351   5.351   1.00 18.59 ? 76  LYS A CD  1 
ATOM   601 C CE  . LYS A 1 74 ? 13.498  1.414   6.486   1.00 21.83 ? 76  LYS A CE  1 
ATOM   602 N NZ  . LYS A 1 74 ? 13.644  0.256   7.468   1.00 23.22 ? 76  LYS A NZ  1 
ATOM   603 N N   . ASP A 1 75 ? 16.622  2.778   -0.102  1.00 12.05 ? 77  ASP A N   1 
ATOM   604 C CA  . ASP A 1 75 ? 17.305  2.083   -1.202  1.00 13.12 ? 77  ASP A CA  1 
ATOM   605 C C   . ASP A 1 75 ? 16.374  1.649   -2.332  1.00 13.98 ? 77  ASP A C   1 
ATOM   606 O O   . ASP A 1 75 ? 16.468  0.532   -2.815  1.00 14.43 ? 77  ASP A O   1 
ATOM   607 C CB  . ASP A 1 75 ? 18.000  0.824   -0.665  1.00 11.68 ? 77  ASP A CB  1 
ATOM   608 C CG  . ASP A 1 75 ? 19.017  0.254   -1.645  1.00 11.00 ? 77  ASP A CG  1 
ATOM   609 O OD1 . ASP A 1 75 ? 19.752  1.045   -2.267  1.00 9.34  ? 77  ASP A OD1 1 
ATOM   610 O OD2 . ASP A 1 75 ? 19.105  -0.978  -1.754  1.00 11.01 ? 77  ASP A OD2 1 
ATOM   611 N N   . GLY A 1 76 ? 15.429  2.503   -2.692  1.00 16.47 ? 78  GLY A N   1 
ATOM   612 C CA  . GLY A 1 76 ? 14.443  2.129   -3.721  1.00 17.00 ? 78  GLY A CA  1 
ATOM   613 C C   . GLY A 1 76 ? 13.313  1.220   -3.265  1.00 18.04 ? 78  GLY A C   1 
ATOM   614 O O   . GLY A 1 76 ? 12.435  0.822   -4.064  1.00 21.71 ? 78  GLY A O   1 
ATOM   615 N N   A ARG A 1 77 ? 13.317  0.837   -1.994  0.50 16.88 ? 79  ARG A N   1 
ATOM   616 N N   B ARG A 1 77 ? 13.269  0.902   -1.990  0.50 17.15 ? 79  ARG A N   1 
ATOM   617 C CA  A ARG A 1 77 ? 12.236  0.002   -1.482  0.50 15.78 ? 79  ARG A CA  1 
ATOM   618 C CA  B ARG A 1 77 ? 12.207  0.037   -1.518  0.50 16.15 ? 79  ARG A CA  1 
ATOM   619 C C   A ARG A 1 77 ? 11.261  0.901   -0.729  0.50 14.84 ? 79  ARG A C   1 
ATOM   620 C C   B ARG A 1 77 ? 11.252  0.894   -0.720  0.50 15.14 ? 79  ARG A C   1 
ATOM   621 O O   A ARG A 1 77 ? 11.671  1.666   0.122   0.50 13.18 ? 79  ARG A O   1 
ATOM   622 O O   B ARG A 1 77 ? 11.663  1.622   0.166   0.50 13.53 ? 79  ARG A O   1 
ATOM   623 C CB  A ARG A 1 77 ? 12.776  -1.095  -0.555  0.50 16.01 ? 79  ARG A CB  1 
ATOM   624 C CB  B ARG A 1 77 ? 12.799  -1.055  -0.664  0.50 16.74 ? 79  ARG A CB  1 
ATOM   625 C CG  A ARG A 1 77 ? 11.845  -2.297  -0.427  0.50 17.06 ? 79  ARG A CG  1 
ATOM   626 C CG  B ARG A 1 77 ? 13.792  -1.889  -1.455  0.50 17.54 ? 79  ARG A CG  1 
ATOM   627 C CD  A ARG A 1 77 ? 11.579  -2.978  -1.768  0.50 17.39 ? 79  ARG A CD  1 
ATOM   628 C CD  B ARG A 1 77 ? 15.001  -2.263  -0.654  0.50 20.95 ? 79  ARG A CD  1 
ATOM   629 N NE  A ARG A 1 77 ? 10.445  -3.901  -1.684  0.50 14.67 ? 79  ARG A NE  1 
ATOM   630 N NE  B ARG A 1 77 ? 14.699  -3.455  0.109   0.50 21.82 ? 79  ARG A NE  1 
ATOM   631 C CZ  A ARG A 1 77 ? 9.789   -4.429  -2.721  0.50 13.74 ? 79  ARG A CZ  1 
ATOM   632 C CZ  B ARG A 1 77 ? 14.064  -3.471  1.270   0.50 21.39 ? 79  ARG A CZ  1 
ATOM   633 N NH1 A ARG A 1 77 ? 10.088  -4.106  -3.976  0.50 13.53 ? 79  ARG A NH1 1 
ATOM   634 N NH1 B ARG A 1 77 ? 13.693  -2.342  1.871   0.50 23.84 ? 79  ARG A NH1 1 
ATOM   635 N NH2 A ARG A 1 77 ? 8.816   -5.288  -2.504  0.50 14.33 ? 79  ARG A NH2 1 
ATOM   636 N NH2 B ARG A 1 77 ? 13.837  -4.634  1.851   0.50 24.24 ? 79  ARG A NH2 1 
ATOM   637 N N   . VAL A 1 78 ? 9.966   0.812   -1.039  1.00 14.58 ? 80  VAL A N   1 
ATOM   638 C CA  . VAL A 1 78 ? 8.967   1.404   -0.160  1.00 13.98 ? 80  VAL A CA  1 
ATOM   639 C C   . VAL A 1 78 ? 8.836   0.449   1.005   1.00 13.48 ? 80  VAL A C   1 
ATOM   640 O O   . VAL A 1 78 ? 8.343   -0.676  0.868   1.00 15.06 ? 80  VAL A O   1 
ATOM   641 C CB  . VAL A 1 78 ? 7.630   1.569   -0.869  1.00 13.37 ? 80  VAL A CB  1 
ATOM   642 C CG1 . VAL A 1 78 ? 6.680   2.345   0.023   1.00 14.70 ? 80  VAL A CG1 1 
ATOM   643 C CG2 . VAL A 1 78 ? 7.848   2.305   -2.189  1.00 17.08 ? 80  VAL A CG2 1 
ATOM   644 N N   . THR A 1 79 ? 9.233   0.896   2.179   1.00 11.61 ? 81  THR A N   1 
ATOM   645 C CA  . THR A 1 79 ? 9.212   0.052   3.375   1.00 11.54 ? 81  THR A CA  1 
ATOM   646 C C   . THR A 1 79 ? 7.982   0.282   4.283   1.00 10.40 ? 81  THR A C   1 
ATOM   647 O O   . THR A 1 79 ? 7.653   -0.591  5.102   1.00 10.05 ? 81  THR A O   1 
ATOM   648 C CB  . THR A 1 79 ? 10.488  0.241   4.170   1.00 12.04 ? 81  THR A CB  1 
ATOM   649 O OG1 . THR A 1 79 ? 10.576  1.597   4.573   1.00 12.89 ? 81  THR A OG1 1 
ATOM   650 C CG2 . THR A 1 79 ? 11.685  -0.102  3.314   1.00 12.20 ? 81  THR A CG2 1 
ATOM   651 N N   . LYS A 1 80 ? 7.331   1.436   4.157   1.00 10.70 ? 82  LYS A N   1 
ATOM   652 C CA  . LYS A 1 80 ? 6.088   1.740   4.869   1.00 10.85 ? 82  LYS A CA  1 
ATOM   653 C C   . LYS A 1 80 ? 5.166   2.497   3.959   1.00 9.73  ? 82  LYS A C   1 
ATOM   654 O O   . LYS A 1 80 ? 5.610   3.359   3.200   1.00 9.68  ? 82  LYS A O   1 
ATOM   655 C CB  . LYS A 1 80 ? 6.316   2.558   6.127   1.00 11.64 ? 82  LYS A CB  1 
ATOM   656 C CG  . LYS A 1 80 ? 7.066   1.833   7.225   1.00 13.95 ? 82  LYS A CG  1 
ATOM   657 C CD  . LYS A 1 80 ? 7.064   2.590   8.564   1.00 15.71 ? 82  LYS A CD  1 
ATOM   658 C CE  . LYS A 1 80 ? 7.891   1.821   9.627   1.00 17.24 ? 82  LYS A CE  1 
ATOM   659 N NZ  . LYS A 1 80 ? 8.056   2.549   10.932  1.00 20.83 ? 82  LYS A NZ  1 
ATOM   660 N N   . LEU A 1 81 ? 3.885   2.142   4.029   1.00 8.63  ? 83  LEU A N   1 
ATOM   661 C CA  . LEU A 1 81 ? 2.838   2.803   3.266   1.00 9.90  ? 83  LEU A CA  1 
ATOM   662 C C   . LEU A 1 81 ? 1.767   3.329   4.201   1.00 9.10  ? 83  LEU A C   1 
ATOM   663 O O   . LEU A 1 81 ? 1.432   2.682   5.189   1.00 9.89  ? 83  LEU A O   1 
ATOM   664 C CB  . LEU A 1 81 ? 2.167   1.828   2.309   1.00 10.08 ? 83  LEU A CB  1 
ATOM   665 C CG  . LEU A 1 81 ? 2.879   1.424   1.028   1.00 11.03 ? 83  LEU A CG  1 
ATOM   666 C CD1 . LEU A 1 81 ? 2.138   0.227   0.403   1.00 17.32 ? 83  LEU A CD1 1 
ATOM   667 C CD2 . LEU A 1 81 ? 2.882   2.592   0.028   1.00 17.39 ? 83  LEU A CD2 1 
ATOM   668 N N   . LYS A 1 82 ? 1.199   4.479   3.849   1.00 9.16  ? 84  LYS A N   1 
ATOM   669 C CA  . LYS A 1 82 ? -0.026  4.981   4.435   1.00 10.55 ? 84  LYS A CA  1 
ATOM   670 C C   . LYS A 1 82 ? -1.202  4.510   3.587   1.00 9.78  ? 84  LYS A C   1 
ATOM   671 O O   . LYS A 1 82 ? -1.157  4.630   2.368   1.00 10.46 ? 84  LYS A O   1 
ATOM   672 C CB  . LYS A 1 82 ? -0.007  6.496   4.461   1.00 11.67 ? 84  LYS A CB  1 
ATOM   673 C CG  . LYS A 1 82 ? -1.134  7.125   5.245   1.00 13.03 ? 84  LYS A CG  1 
ATOM   674 C CD  . LYS A 1 82 ? -1.011  8.646   5.198   1.00 14.33 ? 84  LYS A CD  1 
ATOM   675 C CE  . LYS A 1 82 ? -1.798  9.296   6.270   1.00 18.84 ? 84  LYS A CE  1 
ATOM   676 N NZ  . LYS A 1 82 ? -1.433  10.749  6.358   1.00 22.90 ? 84  LYS A NZ  1 
ATOM   677 N N   . ILE A 1 83 ? -2.230  3.967   4.231   1.00 9.58  ? 85  ILE A N   1 
ATOM   678 C CA  . ILE A 1 83 ? -3.437  3.474   3.548   1.00 10.15 ? 85  ILE A CA  1 
ATOM   679 C C   . ILE A 1 83 ? -4.607  4.246   4.095   1.00 10.74 ? 85  ILE A C   1 
ATOM   680 O O   . ILE A 1 83 ? -4.826  4.262   5.294   1.00 11.10 ? 85  ILE A O   1 
ATOM   681 C CB  . ILE A 1 83 ? -3.690  1.974   3.843   1.00 9.86  ? 85  ILE A CB  1 
ATOM   682 C CG1 . ILE A 1 83 ? -2.405  1.183   3.638   1.00 11.44 ? 85  ILE A CG1 1 
ATOM   683 C CG2 . ILE A 1 83 ? -4.868  1.433   3.001   1.00 12.05 ? 85  ILE A CG2 1 
ATOM   684 C CD1 . ILE A 1 83 ? -1.884  1.089   2.237   1.00 11.98 ? 85  ILE A CD1 1 
ATOM   685 N N   . LEU A 1 84 ? -5.347  4.898   3.205   1.00 11.05 ? 86  LEU A N   1 
ATOM   686 C CA  . LEU A 1 84 ? -6.585  5.578   3.594   1.00 11.71 ? 86  LEU A CA  1 
ATOM   687 C C   . LEU A 1 84 ? -7.750  4.834   2.970   1.00 12.33 ? 86  LEU A C   1 
ATOM   688 O O   . LEU A 1 84 ? -7.758  4.588   1.742   1.00 11.50 ? 86  LEU A O   1 
ATOM   689 C CB  . LEU A 1 84 ? -6.568  7.013   3.075   1.00 11.91 ? 86  LEU A CB  1 
ATOM   690 C CG  . LEU A 1 84 ? -5.451  7.960   3.550   1.00 15.47 ? 86  LEU A CG  1 
ATOM   691 C CD1 . LEU A 1 84 ? -4.967  7.630   4.917   1.00 18.77 ? 86  LEU A CD1 1 
ATOM   692 C CD2 . LEU A 1 84 ? -4.323  8.027   2.588   1.00 17.69 ? 86  LEU A CD2 1 
ATOM   693 N N   . VAL A 1 85 ? -8.718  4.455   3.807   1.00 13.11 ? 87  VAL A N   1 
ATOM   694 C CA  . VAL A 1 85 ? -9.851  3.662   3.344   1.00 14.74 ? 87  VAL A CA  1 
ATOM   695 C C   . VAL A 1 85 ? -11.108 4.518   3.245   1.00 15.65 ? 87  VAL A C   1 
ATOM   696 O O   . VAL A 1 85 ? -11.427 5.291   4.167   1.00 16.87 ? 87  VAL A O   1 
ATOM   697 C CB  . VAL A 1 85 ? -10.121 2.453   4.265   1.00 14.79 ? 87  VAL A CB  1 
ATOM   698 C CG1 . VAL A 1 85 ? -11.237 1.589   3.694   1.00 17.06 ? 87  VAL A CG1 1 
ATOM   699 C CG2 . VAL A 1 85 ? -8.839  1.593   4.428   1.00 14.31 ? 87  VAL A CG2 1 
ATOM   700 N N   . SER A 1 86 ? -11.779 4.356   2.103   1.00 16.28 ? 88  SER A N   1 
ATOM   701 C CA  . SER A 1 86 ? -12.897 5.158   1.592   1.00 18.80 ? 88  SER A CA  1 
ATOM   702 C C   . SER A 1 86 ? -12.977 6.590   1.983   1.00 21.00 ? 88  SER A C   1 
ATOM   703 O O   . SER A 1 86 ? -12.061 7.324   1.600   1.00 24.72 ? 88  SER A O   1 
ATOM   704 C CB  . SER A 1 86 ? -14.184 4.370   1.664   1.00 19.19 ? 88  SER A CB  1 
ATOM   705 O OG  . SER A 1 86 ? -13.983 3.255   0.829   1.00 16.83 ? 88  SER A OG  1 
HETATM 706 O O   . HOH B 2 .  ? 9.139   -3.256  1.113   1.00 14.61 ? 101 HOH A O   1 
HETATM 707 O O   . HOH B 2 .  ? -9.585  6.243   0.203   1.00 16.17 ? 102 HOH A O   1 
HETATM 708 O O   . HOH B 2 .  ? 12.002  -2.038  -4.928  0.50 33.15 ? 103 HOH A O   1 
HETATM 709 O O   . HOH B 2 .  ? 6.925   -15.641 -4.855  1.00 11.39 ? 104 HOH A O   1 
HETATM 710 O O   . HOH B 2 .  ? 0.628   -14.315 3.914   1.00 13.53 ? 105 HOH A O   1 
HETATM 711 O O   . HOH B 2 .  ? 2.407   -10.327 6.064   1.00 17.02 ? 106 HOH A O   1 
HETATM 712 O O   . HOH B 2 .  ? -15.335 -7.950  1.689   0.50 64.55 ? 107 HOH A O   1 
HETATM 713 O O   . HOH B 2 .  ? 11.309  8.215   3.019   1.00 16.42 ? 108 HOH A O   1 
HETATM 714 O O   . HOH B 2 .  ? -4.082  6.321   -8.718  1.00 12.99 ? 109 HOH A O   1 
HETATM 715 O O   . HOH B 2 .  ? 2.581   -0.840  10.550  1.00 15.22 ? 110 HOH A O   1 
HETATM 716 O O   . HOH B 2 .  ? 8.082   -5.718  0.195   1.00 14.17 ? 111 HOH A O   1 
HETATM 717 O O   . HOH B 2 .  ? -0.518  8.429   -8.906  1.00 12.37 ? 112 HOH A O   1 
HETATM 718 O O   . HOH B 2 .  ? -9.198  -0.209  -9.000  1.00 19.99 ? 113 HOH A O   1 
HETATM 719 O O   . HOH B 2 .  ? 7.369   -10.279 2.976   1.00 15.38 ? 114 HOH A O   1 
HETATM 720 O O   . HOH B 2 .  ? -8.382  8.687   0.211   1.00 18.04 ? 115 HOH A O   1 
HETATM 721 O O   . HOH B 2 .  ? -10.676 -10.430 1.740   1.00 20.21 ? 116 HOH A O   1 
HETATM 722 O O   . HOH B 2 .  ? -5.298  12.828  -3.039  1.00 20.23 ? 117 HOH A O   1 
HETATM 723 O O   . HOH B 2 .  ? 8.601   8.159   1.709   1.00 16.46 ? 118 HOH A O   1 
HETATM 724 O O   . HOH B 2 .  ? 1.836   14.324  -2.252  1.00 17.39 ? 119 HOH A O   1 
HETATM 725 O O   . HOH B 2 .  ? -6.172  -5.835  -7.818  1.00 18.17 ? 120 HOH A O   1 
HETATM 726 O O   . HOH B 2 .  ? 6.090   -7.995  7.272   1.00 20.05 ? 121 HOH A O   1 
HETATM 727 O O   . HOH B 2 .  ? -0.314  -3.177  -9.040  1.00 20.47 ? 122 HOH A O   1 
HETATM 728 O O   . HOH B 2 .  ? 2.473   9.269   3.400   1.00 20.26 ? 123 HOH A O   1 
HETATM 729 O O   . HOH B 2 .  ? -0.843  -11.012 -6.365  1.00 16.62 ? 124 HOH A O   1 
HETATM 730 O O   . HOH B 2 .  ? -4.026  -9.964  8.246   1.00 19.10 ? 125 HOH A O   1 
HETATM 731 O O   . HOH B 2 .  ? -4.308  -0.770  15.016  1.00 17.93 ? 126 HOH A O   1 
HETATM 732 O O   . HOH B 2 .  ? -6.238  -13.271 2.045   1.00 20.57 ? 127 HOH A O   1 
HETATM 733 O O   . HOH B 2 .  ? 13.723  16.030  -8.400  1.00 26.33 ? 128 HOH A O   1 
HETATM 734 O O   . HOH B 2 .  ? 3.684   -16.001 -5.798  1.00 19.19 ? 129 HOH A O   1 
HETATM 735 O O   . HOH B 2 .  ? -15.428 -4.752  4.474   1.00 22.59 ? 130 HOH A O   1 
HETATM 736 O O   . HOH B 2 .  ? 11.411  -3.944  2.382   1.00 20.07 ? 131 HOH A O   1 
HETATM 737 O O   . HOH B 2 .  ? -5.593  -12.532 -1.032  1.00 20.13 ? 132 HOH A O   1 
HETATM 738 O O   . HOH B 2 .  ? -0.439  4.770   -11.741 1.00 22.81 ? 133 HOH A O   1 
HETATM 739 O O   . HOH B 2 .  ? 5.429   -13.313 -7.272  1.00 23.01 ? 134 HOH A O   1 
HETATM 740 O O   . HOH B 2 .  ? -1.795  6.616   -10.269 1.00 22.71 ? 135 HOH A O   1 
HETATM 741 O O   . HOH B 2 .  ? 9.822   1.284   12.184  1.00 23.48 ? 136 HOH A O   1 
HETATM 742 O O   . HOH B 2 .  ? -16.161 -8.621  4.206   1.00 21.71 ? 137 HOH A O   1 
HETATM 743 O O   . HOH B 2 .  ? 15.778  5.319   -2.086  1.00 26.83 ? 138 HOH A O   1 
HETATM 744 O O   . HOH B 2 .  ? 5.023   14.927  -2.817  1.00 22.01 ? 139 HOH A O   1 
HETATM 745 O O   . HOH B 2 .  ? 7.840   -12.091 -7.809  1.00 33.81 ? 140 HOH A O   1 
HETATM 746 O O   . HOH B 2 .  ? 1.338   7.312   -9.304  1.00 27.85 ? 141 HOH A O   1 
HETATM 747 O O   . HOH B 2 .  ? -1.479  -8.066  -12.999 1.00 41.60 ? 142 HOH A O   1 
HETATM 748 O O   . HOH B 2 .  ? 7.836   10.181  -7.363  1.00 22.20 ? 143 HOH A O   1 
HETATM 749 O O   . HOH B 2 .  ? -0.984  -12.813 -8.604  1.00 27.79 ? 144 HOH A O   1 
HETATM 750 O O   . HOH B 2 .  ? 12.653  9.718   0.685   1.00 21.54 ? 145 HOH A O   1 
HETATM 751 O O   . HOH B 2 .  ? 6.660   9.730   2.584   1.00 26.03 ? 146 HOH A O   1 
HETATM 752 O O   . HOH B 2 .  ? -13.745 -9.906  4.541   0.50 19.72 ? 147 HOH A O   1 
HETATM 753 O O   . HOH B 2 .  ? -13.452 -5.841  -6.151  1.00 28.01 ? 148 HOH A O   1 
HETATM 754 O O   . HOH B 2 .  ? 5.006   5.931   10.036  1.00 29.22 ? 149 HOH A O   1 
HETATM 755 O O   . HOH B 2 .  ? 5.147   -10.440 6.493   1.00 27.83 ? 150 HOH A O   1 
HETATM 756 O O   . HOH B 2 .  ? -1.228  -12.422 -3.701  1.00 26.90 ? 151 HOH A O   1 
HETATM 757 O O   . HOH B 2 .  ? -1.441  -6.673  11.126  1.00 27.97 ? 152 HOH A O   1 
HETATM 758 O O   . HOH B 2 .  ? 2.444   -13.888 5.949   1.00 25.53 ? 153 HOH A O   1 
HETATM 759 O O   . HOH B 2 .  ? 19.255  -2.186  0.573   1.00 30.48 ? 154 HOH A O   1 
HETATM 760 O O   . HOH B 2 .  ? 5.247   3.925   11.577  1.00 21.46 ? 155 HOH A O   1 
HETATM 761 O O   . HOH B 2 .  ? -4.312  8.728   -7.481  1.00 30.07 ? 156 HOH A O   1 
HETATM 762 O O   . HOH B 2 .  ? -9.232  -6.453  10.094  1.00 37.29 ? 157 HOH A O   1 
HETATM 763 O O   . HOH B 2 .  ? -11.293 1.453   7.554   1.00 25.95 ? 158 HOH A O   1 
HETATM 764 O O   . HOH B 2 .  ? -15.464 -2.768  -5.391  1.00 27.99 ? 159 HOH A O   1 
HETATM 765 O O   . HOH B 2 .  ? 10.481  1.427   7.474   1.00 28.28 ? 160 HOH A O   1 
HETATM 766 O O   . HOH B 2 .  ? -1.741  2.368   16.176  1.00 30.46 ? 161 HOH A O   1 
HETATM 767 O O   . HOH B 2 .  ? -10.621 3.095   11.185  1.00 31.54 ? 162 HOH A O   1 
HETATM 768 O O   . HOH B 2 .  ? -11.703 -2.572  5.322   1.00 65.40 ? 163 HOH A O   1 
HETATM 769 O O   . HOH B 2 .  ? -5.631  -3.145  -8.888  1.00 29.55 ? 164 HOH A O   1 
HETATM 770 O O   . HOH B 2 .  ? 9.953   3.728   -3.863  1.00 32.10 ? 165 HOH A O   1 
HETATM 771 O O   . HOH B 2 .  ? 1.619   -13.979 -2.976  1.00 33.96 ? 166 HOH A O   1 
HETATM 772 O O   . HOH B 2 .  ? -9.954  -2.084  7.853   1.00 40.88 ? 167 HOH A O   1 
HETATM 773 O O   . HOH B 2 .  ? -8.687  -12.647 2.512   1.00 26.52 ? 168 HOH A O   1 
HETATM 774 O O   . HOH B 2 .  ? -2.351  -11.456 -10.771 1.00 30.88 ? 169 HOH A O   1 
HETATM 775 O O   . HOH B 2 .  ? -1.713  -14.577 7.926   1.00 35.55 ? 170 HOH A O   1 
HETATM 776 O O   . HOH B 2 .  ? 8.169   6.723   8.579   1.00 30.19 ? 171 HOH A O   1 
HETATM 777 O O   . HOH B 2 .  ? 1.046   -1.411  -13.569 1.00 37.81 ? 172 HOH A O   1 
HETATM 778 O O   . HOH B 2 .  ? 2.710   -13.299 -7.891  1.00 33.16 ? 173 HOH A O   1 
HETATM 779 O O   . HOH B 2 .  ? 9.656   -7.932  0.699   1.00 30.23 ? 174 HOH A O   1 
HETATM 780 O O   . HOH B 2 .  ? 0.011   10.026  -10.876 1.00 23.60 ? 175 HOH A O   1 
HETATM 781 O O   . HOH B 2 .  ? -16.870 3.268   1.882   1.00 36.67 ? 176 HOH A O   1 
HETATM 782 O O   . HOH B 2 .  ? -3.927  -3.503  13.661  1.00 33.54 ? 177 HOH A O   1 
HETATM 783 O O   . HOH B 2 .  ? -2.788  -2.524  -9.817  1.00 28.98 ? 178 HOH A O   1 
HETATM 784 O O   . HOH B 2 .  ? 4.737   -0.616  -13.300 1.00 61.05 ? 179 HOH A O   1 
HETATM 785 O O   . HOH B 2 .  ? -2.761  -14.611 4.653   1.00 35.44 ? 180 HOH A O   1 
HETATM 786 O O   . HOH B 2 .  ? 14.114  6.778   4.440   1.00 35.51 ? 181 HOH A O   1 
HETATM 787 O O   . HOH B 2 .  ? 3.786   -1.855  13.596  1.00 31.94 ? 182 HOH A O   1 
HETATM 788 O O   . HOH B 2 .  ? -12.670 -10.925 -2.111  1.00 39.23 ? 183 HOH A O   1 
HETATM 789 O O   . HOH B 2 .  ? 14.235  -2.252  8.740   1.00 47.42 ? 184 HOH A O   1 
HETATM 790 O O   . HOH B 2 .  ? 6.277   8.868   -12.599 1.00 64.81 ? 185 HOH A O   1 
HETATM 791 O O   . HOH B 2 .  ? 0.349   6.571   15.533  1.00 34.69 ? 186 HOH A O   1 
HETATM 792 O O   . HOH B 2 .  ? -3.695  -11.515 -4.117  1.00 34.53 ? 187 HOH A O   1 
HETATM 793 O O   . HOH B 2 .  ? 11.014  8.688   -9.155  1.00 57.37 ? 188 HOH A O   1 
HETATM 794 O O   . HOH B 2 .  ? 13.105  13.124  -9.640  1.00 32.77 ? 189 HOH A O   1 
HETATM 795 O O   . HOH B 2 .  ? 5.285   13.971  -6.854  1.00 45.03 ? 190 HOH A O   1 
HETATM 796 O O   . HOH B 2 .  ? -13.828 -0.233  -9.897  1.00 60.22 ? 191 HOH A O   1 
HETATM 797 O O   . HOH B 2 .  ? 2.682   -3.957  12.319  1.00 56.10 ? 192 HOH A O   1 
HETATM 798 O O   . HOH B 2 .  ? 9.375   -2.076  -2.090  1.00 25.61 ? 193 HOH A O   1 
HETATM 799 O O   . HOH B 2 .  ? -9.744  -2.289  10.329  1.00 46.42 ? 194 HOH A O   1 
HETATM 800 O O   . HOH B 2 .  ? -11.325 -4.168  7.535   1.00 37.81 ? 195 HOH A O   1 
HETATM 801 O O   . HOH B 2 .  ? -1.838  -9.160  9.691   1.00 32.75 ? 196 HOH A O   1 
HETATM 802 O O   . HOH B 2 .  ? 3.501   15.637  1.922   1.00 41.34 ? 197 HOH A O   1 
HETATM 803 O O   . HOH B 2 .  ? 1.367   11.600  3.065   1.00 33.61 ? 198 HOH A O   1 
HETATM 804 O O   . HOH B 2 .  ? 0.696   13.027  0.028   1.00 26.49 ? 199 HOH A O   1 
HETATM 805 O O   . HOH B 2 .  ? 14.709  -5.499  -1.008  0.50 25.58 ? 200 HOH A O   1 
# 
loop_
_atom_site_anisotrop.id 
_atom_site_anisotrop.type_symbol 
_atom_site_anisotrop.pdbx_label_atom_id 
_atom_site_anisotrop.pdbx_label_alt_id 
_atom_site_anisotrop.pdbx_label_comp_id 
_atom_site_anisotrop.pdbx_label_asym_id 
_atom_site_anisotrop.pdbx_label_seq_id 
_atom_site_anisotrop.pdbx_PDB_ins_code 
_atom_site_anisotrop.U[1][1] 
_atom_site_anisotrop.U[2][2] 
_atom_site_anisotrop.U[3][3] 
_atom_site_anisotrop.U[1][2] 
_atom_site_anisotrop.U[1][3] 
_atom_site_anisotrop.U[2][3] 
_atom_site_anisotrop.pdbx_auth_seq_id 
_atom_site_anisotrop.pdbx_auth_comp_id 
_atom_site_anisotrop.pdbx_auth_asym_id 
_atom_site_anisotrop.pdbx_auth_atom_id 
1   N N   . GLN A 1  ? 0.2662 0.2523 0.2652 -0.0093 0.0021  0.0210  3   GLN A N   
2   C CA  . GLN A 1  ? 0.2533 0.2519 0.2423 -0.0050 -0.0002 0.0086  3   GLN A CA  
3   C C   . GLN A 1  ? 0.2467 0.2435 0.2347 -0.0095 -0.0025 0.0088  3   GLN A C   
4   O O   . GLN A 1  ? 0.1946 0.2100 0.2241 -0.0280 -0.0221 0.0498  3   GLN A O   
5   C CB  . GLN A 1  ? 0.2733 0.2647 0.2446 -0.0003 -0.0024 0.0037  3   GLN A CB  
6   C CG  . GLN A 1  ? 0.3294 0.3259 0.2878 0.0056  -0.0083 0.0035  3   GLN A CG  
7   C CD  . GLN A 1  ? 0.3788 0.3318 0.3466 0.0053  -0.0003 0.0179  3   GLN A CD  
8   O OE1 . GLN A 1  ? 0.4795 0.4318 0.3913 0.0122  -0.0130 0.0151  3   GLN A OE1 
9   N NE2 . GLN A 1  ? 0.4578 0.3948 0.4196 0.0118  -0.0086 0.0060  3   GLN A NE2 
10  N N   . SER A 2  ? 0.2292 0.2383 0.2387 -0.0079 0.0017  0.0095  4   SER A N   
11  C CA  . SER A 2  ? 0.2570 0.2564 0.2477 -0.0013 0.0050  0.0050  4   SER A CA  
12  C C   . SER A 2  ? 0.2538 0.2556 0.2370 -0.0028 0.0092  0.0099  4   SER A C   
13  O O   . SER A 2  ? 0.2788 0.2473 0.2411 -0.0065 0.0178  0.0254  4   SER A O   
14  C CB  . SER A 2  ? 0.2645 0.2607 0.2384 -0.0010 0.0078  0.0050  4   SER A CB  
15  O OG  . SER A 2  ? 0.3599 0.3474 0.3233 0.0077  0.0019  -0.0095 4   SER A OG  
16  N N   . ARG A 3  ? 0.2399 0.2504 0.2271 0.0017  0.0076  0.0024  5   ARG A N   
17  C CA  . ARG A 3  ? 0.2634 0.2667 0.2507 0.0037  0.0053  0.0060  5   ARG A CA  
18  C C   . ARG A 3  ? 0.2566 0.2579 0.2366 0.0109  0.0110  0.0082  5   ARG A C   
19  O O   . ARG A 3  ? 0.2466 0.2497 0.1843 0.0161  0.0402  0.0322  5   ARG A O   
20  C CB  . ARG A 3  ? 0.2708 0.2761 0.2435 0.0075  0.0044  0.0020  5   ARG A CB  
21  C CG  . ARG A 3  ? 0.2983 0.3064 0.2985 -0.0027 -0.0039 0.0011  5   ARG A CG  
22  C CD  . ARG A 3  ? 0.3013 0.3128 0.2929 -0.0012 -0.0086 0.0025  5   ARG A CD  
23  N NE  . ARG A 3  ? 0.3252 0.3543 0.3245 -0.0075 -0.0267 -0.0035 5   ARG A NE  
24  C CZ  . ARG A 3  ? 0.3275 0.3594 0.3160 0.0017  -0.0153 -0.0067 5   ARG A CZ  
25  N NH1 . ARG A 3  ? 0.3952 0.3858 0.3939 -0.0016 -0.0318 -0.0064 5   ARG A NH1 
26  N NH2 . ARG A 3  ? 0.3067 0.3410 0.3240 -0.0080 -0.0165 0.0026  5   ARG A NH2 
27  N N   . GLU A 4  ? 0.2569 0.2554 0.2291 0.0040  0.0139  0.0098  6   GLU A N   
28  C CA  . GLU A 4  ? 0.2728 0.2724 0.2601 0.0029  0.0055  0.0015  6   GLU A CA  
29  C C   . GLU A 4  ? 0.2742 0.2658 0.2446 0.0030  0.0053  -0.0040 6   GLU A C   
30  O O   . GLU A 4  ? 0.3125 0.2825 0.2420 0.0038  0.0004  -0.0073 6   GLU A O   
31  C CB  . GLU A 4  ? 0.2645 0.2671 0.2529 0.0036  0.0160  0.0067  6   GLU A CB  
32  C CG  . GLU A 4  ? 0.2765 0.2891 0.2835 0.0009  0.0168  0.0122  6   GLU A CG  
33  C CD  . GLU A 4  ? 0.2996 0.3125 0.3252 0.0067  0.0168  0.0064  6   GLU A CD  
34  O OE1 . GLU A 4  ? 0.3236 0.3934 0.4217 -0.0179 0.0498  0.0298  6   GLU A OE1 
35  O OE2 . GLU A 4  ? 0.3253 0.4029 0.4065 0.0129  0.0660  0.0046  6   GLU A OE2 
36  N N   . ILE A 5  ? 0.2617 0.2580 0.2316 0.0091  0.0058  -0.0113 7   ILE A N   
37  C CA  . ILE A 5  ? 0.2602 0.2617 0.2461 0.0045  0.0015  -0.0089 7   ILE A CA  
38  C C   . ILE A 5  ? 0.2682 0.2587 0.2522 0.0055  0.0016  -0.0203 7   ILE A C   
39  O O   . ILE A 5  ? 0.2988 0.2821 0.2760 -0.0076 -0.0101 -0.0388 7   ILE A O   
40  C CB  . ILE A 5  ? 0.2534 0.2494 0.2445 -0.0011 -0.0070 -0.0166 7   ILE A CB  
41  C CG1 . ILE A 5  ? 0.2417 0.2388 0.2371 0.0005  0.0063  0.0061  7   ILE A CG1 
42  C CG2 . ILE A 5  ? 0.2493 0.2849 0.1997 0.0158  -0.0122 -0.0174 7   ILE A CG2 
43  C CD1 . ILE A 5  ? 0.2511 0.2565 0.2466 -0.0051 -0.0020 -0.0079 7   ILE A CD1 
44  N N   . ALA A 6  ? 0.2462 0.2491 0.2388 0.0114  0.0049  -0.0200 8   ALA A N   
45  C CA  . ALA A 6  ? 0.2534 0.2552 0.2394 0.0103  0.0047  -0.0144 8   ALA A CA  
46  C C   . ALA A 6  ? 0.2441 0.2581 0.2318 0.0135  0.0071  -0.0132 8   ALA A C   
47  O O   . ALA A 6  ? 0.2365 0.2491 0.1992 0.0175  0.0172  -0.0279 8   ALA A O   
48  C CB  . ALA A 6  ? 0.2489 0.2336 0.2392 0.0205  0.0086  -0.0193 8   ALA A CB  
49  N N   . ASP A 7  ? 0.2524 0.2641 0.2345 0.0204  0.0076  -0.0131 9   ASP A N   
50  C CA  . ASP A 7  ? 0.2525 0.2586 0.2369 0.0162  0.0076  -0.0088 9   ASP A CA  
51  C C   . ASP A 7  ? 0.2433 0.2531 0.2170 0.0133  0.0079  -0.0079 9   ASP A C   
52  O O   . ASP A 7  ? 0.2521 0.2497 0.1962 0.0262  0.0053  -0.0124 9   ASP A O   
53  C CB  . ASP A 7  ? 0.2687 0.2727 0.2503 0.0226  0.0038  -0.0078 9   ASP A CB  
54  C CG  . ASP A 7  ? 0.3047 0.3144 0.2987 0.0340  0.0011  0.0038  9   ASP A CG  
55  O OD1 . ASP A 7  ? 0.3991 0.3582 0.3445 0.0473  -0.0072 0.0221  9   ASP A OD1 
56  O OD2 . ASP A 7  ? 0.3542 0.3543 0.3328 0.0496  0.0080  -0.0317 9   ASP A OD2 
57  N N   . ASN A 8  ? 0.2225 0.2368 0.2028 0.0131  0.0147  -0.0030 10  ASN A N   
58  C CA  . ASN A 8  ? 0.2113 0.2221 0.2059 0.0134  0.0072  -0.0088 10  ASN A CA  
59  C C   . ASN A 8  ? 0.1895 0.2078 0.1898 0.0182  0.0042  -0.0116 10  ASN A C   
60  O O   . ASN A 8  ? 0.1771 0.2173 0.1493 0.0335  0.0212  -0.0263 10  ASN A O   
61  C CB  . ASN A 8  ? 0.2207 0.2325 0.2150 0.0102  0.0058  -0.0056 10  ASN A CB  
62  C CG  . ASN A 8  ? 0.2076 0.2416 0.2655 0.0345  0.0154  -0.0077 10  ASN A CG  
63  O OD1 . ASN A 8  ? 0.2523 0.3567 0.3658 0.0523  0.0213  0.0087  10  ASN A OD1 
64  N ND2 . ASN A 8  ? 0.2108 0.2811 0.3304 -0.0044 0.0127  0.0113  10  ASN A ND2 
65  N N   . THR A 9  ? 0.1826 0.1975 0.1812 0.0135  0.0034  -0.0109 11  THR A N   
66  C CA  . THR A 9  ? 0.1793 0.1879 0.1754 0.0130  0.0065  -0.0109 11  THR A CA  
67  C C   . THR A 9  ? 0.1671 0.1714 0.1505 0.0111  0.0090  -0.0076 11  THR A C   
68  O O   . THR A 9  ? 0.1650 0.1681 0.1146 0.0396  0.0201  -0.0111 11  THR A O   
69  C CB  . THR A 9  ? 0.1893 0.1973 0.2038 0.0132  0.0015  -0.0047 11  THR A CB  
70  O OG1 . THR A 9  ? 0.2172 0.2332 0.2226 0.0372  -0.0100 -0.0017 11  THR A OG1 
71  C CG2 . THR A 9  ? 0.1980 0.2099 0.2055 0.0031  -0.0031 -0.0052 11  THR A CG2 
72  N N   . TYR A 10 ? 0.1317 0.1465 0.1246 0.0120  0.0178  -0.0057 12  TYR A N   
73  C CA  . TYR A 10 ? 0.1340 0.1543 0.1365 0.0059  0.0098  -0.0030 12  TYR A CA  
74  C C   . TYR A 10 ? 0.1255 0.1386 0.1154 0.0096  0.0173  -0.0042 12  TYR A C   
75  O O   . TYR A 10 ? 0.1359 0.1533 0.1190 0.0100  0.0260  0.0125  12  TYR A O   
76  C CB  . TYR A 10 ? 0.1365 0.1561 0.1552 0.0055  0.0166  -0.0049 12  TYR A CB  
77  C CG  . TYR A 10 ? 0.1371 0.1784 0.1518 -0.0010 0.0168  -0.0026 12  TYR A CG  
78  C CD1 . TYR A 10 ? 0.1541 0.2000 0.2252 -0.0020 0.0075  0.0140  12  TYR A CD1 
79  C CD2 . TYR A 10 ? 0.1528 0.2059 0.1903 -0.0051 0.0124  -0.0077 12  TYR A CD2 
80  C CE1 . TYR A 10 ? 0.1696 0.2087 0.1997 0.0059  0.0230  0.0124  12  TYR A CE1 
81  C CE2 . TYR A 10 ? 0.1626 0.2054 0.2007 -0.0027 0.0103  0.0018  12  TYR A CE2 
82  C CZ  . TYR A 10 ? 0.1574 0.2172 0.1999 -0.0110 0.0226  -0.0005 12  TYR A CZ  
83  O OH  . TYR A 10 ? 0.2056 0.2226 0.2513 0.0072  0.0303  0.0033  12  TYR A OH  
84  N N   . ILE A 11 ? 0.1271 0.1350 0.1147 0.0167  0.0151  -0.0015 13  ILE A N   
85  C CA  . ILE A 11 ? 0.1277 0.1349 0.1198 0.0052  0.0097  0.0009  13  ILE A CA  
86  C C   . ILE A 11 ? 0.1195 0.1275 0.1052 0.0053  0.0083  0.0101  13  ILE A C   
87  O O   . ILE A 11 ? 0.1308 0.1395 0.1096 0.0139  0.0144  0.0088  13  ILE A O   
88  C CB  . ILE A 11 ? 0.1359 0.1458 0.1261 0.0107  0.0044  -0.0044 13  ILE A CB  
89  C CG1 . ILE A 11 ? 0.1872 0.1355 0.1499 -0.0139 -0.0096 -0.0021 13  ILE A CG1 
90  C CG2 . ILE A 11 ? 0.1499 0.1595 0.1563 0.0172  0.0133  -0.0061 13  ILE A CG2 
91  C CD1 . ILE A 11 ? 0.2235 0.1661 0.1457 -0.0206 0.0026  0.0003  13  ILE A CD1 
92  N N   . VAL A 12 ? 0.1215 0.1145 0.1153 0.0125  0.0187  0.0103  14  VAL A N   
93  C CA  . VAL A 12 ? 0.1206 0.1323 0.1231 0.0044  0.0088  0.0031  14  VAL A CA  
94  C C   . VAL A 12 ? 0.1123 0.1303 0.1161 -0.0039 -0.0017 0.0059  14  VAL A C   
95  O O   . VAL A 12 ? 0.1254 0.1239 0.1062 -0.0027 -0.0007 0.0208  14  VAL A O   
96  C CB  . VAL A 12 ? 0.1315 0.1348 0.1428 0.0003  0.0113  0.0095  14  VAL A CB  
97  C CG1 . VAL A 12 ? 0.1037 0.1638 0.1708 0.0324  0.0122  0.0069  14  VAL A CG1 
98  C CG2 . VAL A 12 ? 0.1535 0.1701 0.1759 -0.0117 -0.0121 0.0038  14  VAL A CG2 
99  N N   . LEU A 13 ? 0.1166 0.1185 0.1019 0.0002  -0.0057 -0.0035 15  LEU A N   
100 C CA  . LEU A 13 ? 0.1157 0.1200 0.1118 0.0079  -0.0069 0.0055  15  LEU A CA  
101 C C   . LEU A 13 ? 0.1226 0.1187 0.1176 0.0093  0.0041  -0.0021 15  LEU A C   
102 O O   . LEU A 13 ? 0.1210 0.1155 0.1207 0.0021  0.0025  -0.0096 15  LEU A O   
103 C CB  . LEU A 13 ? 0.1232 0.1213 0.1100 0.0222  -0.0083 0.0123  15  LEU A CB  
104 C CG  . LEU A 13 ? 0.1859 0.1580 0.1738 0.0227  -0.0231 0.0248  15  LEU A CG  
105 C CD1 . LEU A 13 ? 0.2371 0.2221 0.2434 0.0627  -0.0752 0.0359  15  LEU A CD1 
106 C CD2 . LEU A 13 ? 0.2541 0.2230 0.2272 0.0031  -0.0612 -0.0144 15  LEU A CD2 
107 N N   . GLY A 14 ? 0.1099 0.1089 0.1192 -0.0059 -0.0024 0.0040  16  GLY A N   
108 C CA  . GLY A 14 ? 0.1071 0.1109 0.1068 0.0023  0.0009  0.0045  16  GLY A CA  
109 C C   . GLY A 14 ? 0.0946 0.1089 0.1020 -0.0064 -0.0019 0.0030  16  GLY A C   
110 O O   . GLY A 14 ? 0.1085 0.1143 0.1247 0.0035  -0.0182 0.0014  16  GLY A O   
111 N N   . THR A 15 ? 0.1237 0.1105 0.1102 0.0080  -0.0030 0.0112  17  THR A N   
112 C CA  . THR A 15 ? 0.1197 0.1178 0.1265 0.0007  -0.0109 0.0063  17  THR A CA  
113 C C   . THR A 15 ? 0.1182 0.1171 0.1280 0.0050  -0.0002 0.0069  17  THR A C   
114 O O   . THR A 15 ? 0.1151 0.1196 0.1420 0.0157  -0.0027 -0.0064 17  THR A O   
115 C CB  . THR A 15 ? 0.1425 0.1231 0.1562 0.0065  -0.0038 0.0108  17  THR A CB  
116 O OG1 . THR A 15 ? 0.1901 0.1407 0.1527 -0.0040 -0.0450 0.0556  17  THR A OG1 
117 C CG2 . THR A 15 ? 0.1255 0.1354 0.1857 -0.0111 -0.0169 0.0064  17  THR A CG2 
118 N N   . MET A 16 ? 0.1084 0.1209 0.1134 0.0027  -0.0028 -0.0001 18  MET A N   
119 C CA  . MET A 16 ? 0.0968 0.1085 0.1083 0.0014  -0.0016 0.0027  18  MET A CA  
120 C C   . MET A 16 ? 0.1058 0.1041 0.1180 -0.0023 -0.0067 0.0070  18  MET A C   
121 O O   . MET A 16 ? 0.1113 0.0935 0.1169 -0.0048 -0.0083 0.0135  18  MET A O   
122 C CB  . MET A 16 ? 0.1000 0.1231 0.1062 0.0049  -0.0070 0.0006  18  MET A CB  
123 C CG  . MET A 16 ? 0.1282 0.1361 0.1354 -0.0006 -0.0219 0.0014  18  MET A CG  
124 S SD  . MET A 16 ? 0.0713 0.1018 0.0735 0.0088  0.0118  -0.0117 18  MET A SD  
125 C CE  . MET A 16 ? 0.1728 0.1777 0.1846 0.0143  0.0044  -0.0289 18  MET A CE  
126 N N   . THR A 17 ? 0.0940 0.1007 0.1209 -0.0064 0.0078  0.0095  19  THR A N   
127 C CA  . THR A 17 ? 0.1078 0.1055 0.1286 -0.0095 0.0088  0.0025  19  THR A CA  
128 C C   . THR A 17 ? 0.1030 0.1070 0.1297 -0.0166 0.0076  0.0013  19  THR A C   
129 O O   . THR A 17 ? 0.0839 0.1239 0.1287 -0.0217 0.0070  -0.0026 19  THR A O   
130 C CB  . THR A 17 ? 0.1356 0.0992 0.1419 -0.0090 0.0052  0.0023  19  THR A CB  
131 O OG1 . THR A 17 ? 0.1555 0.1295 0.1758 -0.0287 0.0274  -0.0144 19  THR A OG1 
132 C CG2 . THR A 17 ? 0.1363 0.1148 0.2175 0.0135  0.0131  -0.0193 19  THR A CG2 
133 N N   . LEU A 18 ? 0.1214 0.1441 0.1214 -0.0087 0.0207  0.0053  20  LEU A N   
134 C CA  . LEU A 18 ? 0.1387 0.1429 0.1394 0.0023  0.0062  -0.0044 20  LEU A CA  
135 C C   . LEU A 18 ? 0.1439 0.1520 0.1471 0.0008  -0.0044 -0.0104 20  LEU A C   
136 O O   . LEU A 18 ? 0.1480 0.1704 0.1668 0.0119  0.0040  -0.0219 20  LEU A O   
137 C CB  . LEU A 18 ? 0.1785 0.1796 0.1567 0.0064  -0.0018 -0.0001 20  LEU A CB  
138 C CG  . LEU A 18 ? 0.2113 0.1967 0.1923 -0.0295 0.0120  -0.0058 20  LEU A CG  
139 C CD1 . LEU A 18 ? 0.2658 0.2454 0.1643 -0.0023 0.0104  0.0005  20  LEU A CD1 
140 C CD2 . LEU A 18 ? 0.2414 0.1616 0.1727 -0.0081 -0.0209 -0.0080 20  LEU A CD2 
141 N N   . ASN A 19 ? 0.1317 0.1315 0.1396 0.0071  0.0050  -0.0116 21  ASN A N   
142 C CA  . ASN A 19 ? 0.1459 0.1417 0.1484 0.0024  -0.0006 -0.0087 21  ASN A CA  
143 C C   . ASN A 19 ? 0.1222 0.1395 0.1304 -0.0001 0.0076  -0.0074 21  ASN A C   
144 O O   . ASN A 19 ? 0.1149 0.1629 0.1570 0.0049  -0.0038 -0.0398 21  ASN A O   
145 C CB  . ASN A 19 ? 0.1441 0.1330 0.1427 0.0119  0.0015  -0.0135 21  ASN A CB  
146 C CG  . ASN A 19 ? 0.1981 0.1360 0.1737 0.0285  -0.0241 -0.0267 21  ASN A CG  
147 O OD1 . ASN A 19 ? 0.2420 0.1502 0.1805 0.0491  -0.0157 0.0051  21  ASN A OD1 
148 N ND2 . ASN A 19 ? 0.2477 0.1825 0.2576 0.0795  -0.0531 -0.0366 21  ASN A ND2 
149 N N   . ASP A 20 ? 0.1205 0.1369 0.1331 -0.0018 0.0123  -0.0129 22  ASP A N   
150 C CA  . ASP A 20 ? 0.1408 0.1439 0.1398 -0.0036 0.0078  0.0015  22  ASP A CA  
151 C C   . ASP A 20 ? 0.1324 0.1442 0.1341 -0.0006 0.0097  -0.0009 22  ASP A C   
152 O O   . ASP A 20 ? 0.1429 0.1499 0.1191 -0.0024 0.0387  0.0111  22  ASP A O   
153 C CB  . ASP A 20 ? 0.1645 0.1549 0.1573 -0.0042 -0.0012 -0.0011 22  ASP A CB  
154 C CG  . ASP A 20 ? 0.1791 0.1980 0.2063 -0.0159 -0.0216 0.0047  22  ASP A CG  
155 O OD1 . ASP A 20 ? 0.2604 0.2062 0.2462 -0.0177 -0.0468 0.0119  22  ASP A OD1 
156 O OD2 . ASP A 20 ? 0.2239 0.2354 0.2194 -0.0198 -0.0332 0.0225  22  ASP A OD2 
157 N N   . PHE A 21 ? 0.1140 0.1322 0.1206 0.0041  0.0121  -0.0077 23  PHE A N   
158 C CA  . PHE A 21 ? 0.1161 0.1387 0.1324 0.0027  0.0001  0.0005  23  PHE A CA  
159 C C   . PHE A 21 ? 0.1126 0.1358 0.1328 -0.0004 0.0050  -0.0021 23  PHE A C   
160 O O   . PHE A 21 ? 0.0772 0.1511 0.1164 0.0105  0.0041  0.0011  23  PHE A O   
161 C CB  . PHE A 21 ? 0.1236 0.1353 0.1269 0.0060  -0.0088 -0.0003 23  PHE A CB  
162 C CG  . PHE A 21 ? 0.1290 0.1344 0.1116 0.0001  0.0047  -0.0142 23  PHE A CG  
163 C CD1 . PHE A 21 ? 0.1190 0.1392 0.1357 -0.0043 0.0036  -0.0187 23  PHE A CD1 
164 C CD2 . PHE A 21 ? 0.1172 0.1053 0.1452 0.0021  -0.0213 0.0019  23  PHE A CD2 
165 C CE1 . PHE A 21 ? 0.1478 0.1411 0.1433 -0.0110 -0.0199 -0.0162 23  PHE A CE1 
166 C CE2 . PHE A 21 ? 0.1310 0.1284 0.1645 0.0147  -0.0097 -0.0004 23  PHE A CE2 
167 C CZ  . PHE A 21 ? 0.1418 0.1138 0.1441 0.0201  -0.0089 -0.0016 23  PHE A CZ  
168 N N   . ASN A 22 ? 0.1192 0.1452 0.1502 -0.0033 0.0099  -0.0062 24  ASN A N   
169 C CA  . ASN A 22 ? 0.1293 0.1493 0.1501 0.0011  0.0024  -0.0028 24  ASN A CA  
170 C C   . ASN A 22 ? 0.1257 0.1388 0.1594 0.0036  0.0119  -0.0045 24  ASN A C   
171 O O   . ASN A 22 ? 0.1227 0.1742 0.2012 0.0012  0.0358  -0.0017 24  ASN A O   
172 C CB  . ASN A 22 ? 0.1339 0.1483 0.1508 -0.0062 0.0126  0.0068  24  ASN A CB  
173 C CG  . ASN A 22 ? 0.1200 0.1372 0.1258 -0.0055 0.0056  0.0028  24  ASN A CG  
174 O OD1 . ASN A 22 ? 0.1395 0.1227 0.1305 0.0073  -0.0019 -0.0017 24  ASN A OD1 
175 N ND2 . ASN A 22 ? 0.1141 0.1483 0.1424 0.0175  0.0177  -0.0379 24  ASN A ND2 
176 N N   . GLU A 23 ? 0.1493 0.1731 0.1682 0.0028  0.0111  -0.0083 25  GLU A N   
177 C CA  . GLU A 23 ? 0.1627 0.1770 0.1836 -0.0035 0.0091  -0.0022 25  GLU A CA  
178 C C   . GLU A 23 ? 0.1598 0.1847 0.1826 -0.0073 0.0146  -0.0059 25  GLU A C   
179 O O   . GLU A 23 ? 0.1508 0.2057 0.2036 0.0028  0.0363  -0.0114 25  GLU A O   
180 C CB  . GLU A 23 ? 0.1695 0.1914 0.1793 -0.0093 0.0163  -0.0032 25  GLU A CB  
181 C CG  . GLU A 23 ? 0.2004 0.2092 0.2116 0.0038  0.0082  0.0020  25  GLU A CG  
182 C CD  . GLU A 23 ? 0.2238 0.2459 0.2704 -0.0098 -0.0071 0.0073  25  GLU A CD  
183 O OE1 . GLU A 23 ? 0.3148 0.3758 0.3885 0.0132  -0.0557 0.0100  25  GLU A OE1 
184 O OE2 . GLU A 23 ? 0.3497 0.3343 0.3847 0.0011  -0.0146 0.0092  25  GLU A OE2 
185 N N   . TYR A 24 ? 0.1461 0.1747 0.1769 -0.0038 0.0108  -0.0056 26  TYR A N   
186 C CA  . TYR A 24 ? 0.1606 0.1690 0.1688 -0.0051 0.0067  -0.0007 26  TYR A CA  
187 C C   . TYR A 24 ? 0.1404 0.1633 0.1642 -0.0041 0.0117  -0.0077 26  TYR A C   
188 O O   . TYR A 24 ? 0.1464 0.1731 0.1753 0.0077  0.0300  -0.0009 26  TYR A O   
189 C CB  . TYR A 24 ? 0.1645 0.1817 0.1705 0.0005  0.0097  -0.0101 26  TYR A CB  
190 C CG  . TYR A 24 ? 0.1631 0.1773 0.1618 -0.0050 0.0061  -0.0092 26  TYR A CG  
191 C CD1 . TYR A 24 ? 0.1986 0.2081 0.1998 -0.0142 0.0081  -0.0057 26  TYR A CD1 
192 C CD2 . TYR A 24 ? 0.1670 0.1737 0.1753 -0.0034 0.0186  -0.0479 26  TYR A CD2 
193 C CE1 . TYR A 24 ? 0.2091 0.1963 0.1868 -0.0012 0.0230  -0.0080 26  TYR A CE1 
194 C CE2 . TYR A 24 ? 0.2323 0.2063 0.1924 0.0081  -0.0143 -0.0261 26  TYR A CE2 
195 C CZ  . TYR A 24 ? 0.2108 0.1978 0.1792 0.0065  0.0213  -0.0178 26  TYR A CZ  
196 O OH  . TYR A 24 ? 0.2565 0.2178 0.2269 0.0017  0.0004  -0.0248 26  TYR A OH  
197 N N   . PHE A 25 ? 0.1346 0.1547 0.1435 -0.0083 0.0180  -0.0089 27  PHE A N   
198 C CA  . PHE A 25 ? 0.1378 0.1458 0.1461 -0.0036 0.0094  -0.0122 27  PHE A CA  
199 C C   . PHE A 25 ? 0.1327 0.1515 0.1484 -0.0009 0.0157  -0.0055 27  PHE A C   
200 O O   . PHE A 25 ? 0.1306 0.1427 0.1524 -0.0086 0.0105  -0.0104 27  PHE A O   
201 C CB  . PHE A 25 ? 0.1417 0.1436 0.1566 -0.0094 0.0012  -0.0143 27  PHE A CB  
202 C CG  . PHE A 25 ? 0.1325 0.1525 0.1635 -0.0067 0.0075  -0.0391 27  PHE A CG  
203 C CD1 . PHE A 25 ? 0.1086 0.1331 0.1944 -0.0071 0.0194  -0.0655 27  PHE A CD1 
204 C CD2 . PHE A 25 ? 0.1571 0.1697 0.1531 -0.0158 0.0052  -0.0488 27  PHE A CD2 
205 C CE1 . PHE A 25 ? 0.1598 0.1372 0.1606 -0.0033 0.0017  -0.0507 27  PHE A CE1 
206 C CE2 . PHE A 25 ? 0.1550 0.1587 0.1515 -0.0211 -0.0177 -0.0349 27  PHE A CE2 
207 C CZ  . PHE A 25 ? 0.1473 0.1455 0.1714 -0.0090 -0.0130 -0.0208 27  PHE A CZ  
208 N N   . GLU A 26 ? 0.1322 0.1464 0.1502 0.0017  0.0049  -0.0068 28  GLU A N   
209 C CA  . GLU A 26 ? 0.1381 0.1625 0.1606 -0.0038 0.0112  -0.0075 28  GLU A CA  
210 C C   . GLU A 26 ? 0.1303 0.1586 0.1599 -0.0025 0.0064  0.0021  28  GLU A C   
211 O O   . GLU A 26 ? 0.1102 0.1686 0.1610 0.0052  0.0079  0.0086  28  GLU A O   
212 C CB  . GLU A 26 ? 0.1301 0.1648 0.1562 -0.0074 0.0203  -0.0008 28  GLU A CB  
213 C CG  . GLU A 26 ? 0.1419 0.2087 0.1679 0.0010  0.0203  -0.0066 28  GLU A CG  
214 C CD  . GLU A 26 ? 0.1879 0.2308 0.1875 0.0077  0.0178  -0.0058 28  GLU A CD  
215 O OE1 . GLU A 26 ? 0.2598 0.2857 0.2182 0.0156  0.0168  -0.0438 28  GLU A OE1 
216 O OE2 . GLU A 26 ? 0.3153 0.3708 0.2564 0.0132  0.0365  -0.0241 28  GLU A OE2 
217 N N   . THR A 27 ? 0.1040 0.1400 0.1415 0.0017  0.0071  0.0006  29  THR A N   
218 C CA  . THR A 27 ? 0.1282 0.1429 0.1505 0.0014  0.0087  -0.0078 29  THR A CA  
219 C C   . THR A 27 ? 0.1200 0.1259 0.1452 0.0059  0.0074  -0.0052 29  THR A C   
220 O O   . THR A 27 ? 0.1358 0.1380 0.1646 0.0000  0.0140  -0.0024 29  THR A O   
221 C CB  . THR A 27 ? 0.1269 0.1272 0.1328 0.0044  0.0133  -0.0051 29  THR A CB  
222 O OG1 . THR A 27 ? 0.1355 0.1403 0.1811 0.0014  0.0216  -0.0160 29  THR A OG1 
223 C CG2 . THR A 27 ? 0.1474 0.1305 0.1712 0.0130  0.0106  -0.0121 29  THR A CG2 
224 N N   . ASP A 28 ? 0.1380 0.1445 0.1593 -0.0012 0.0073  -0.0065 30  ASP A N   
225 C CA  . ASP A 28 ? 0.1497 0.1655 0.1615 0.0011  0.0063  -0.0053 30  ASP A CA  
226 C C   . ASP A 28 ? 0.1528 0.1608 0.1550 0.0020  0.0106  -0.0046 30  ASP A C   
227 O O   . ASP A 28 ? 0.1592 0.1958 0.1629 -0.0171 0.0173  -0.0074 30  ASP A O   
228 C CB  . ASP A 28 ? 0.1572 0.1666 0.1682 -0.0017 0.0095  -0.0084 30  ASP A CB  
229 C CG  . ASP A 28 ? 0.2332 0.2574 0.2560 -0.0120 -0.0025 -0.0167 30  ASP A CG  
230 O OD1 . ASP A 28 ? 0.3463 0.3020 0.3040 0.0060  0.0146  -0.0063 30  ASP A OD1 
231 O OD2 . ASP A 28 ? 0.3535 0.3615 0.3651 -0.0012 -0.0109 -0.0339 30  ASP A OD2 
232 N N   . LEU A 29 ? 0.1377 0.1534 0.1436 0.0012  0.0226  -0.0033 31  LEU A N   
233 C CA  . LEU A 29 ? 0.1536 0.1597 0.1671 0.0027  0.0145  -0.0027 31  LEU A CA  
234 C C   . LEU A 29 ? 0.1719 0.1755 0.1735 0.0022  0.0160  -0.0034 31  LEU A C   
235 O O   . LEU A 29 ? 0.1818 0.1744 0.1732 0.0209  0.0286  0.0022  31  LEU A O   
236 C CB  . LEU A 29 ? 0.1440 0.1426 0.1590 -0.0023 0.0104  0.0071  31  LEU A CB  
237 C CG  . LEU A 29 ? 0.1646 0.1617 0.1612 -0.0055 0.0050  -0.0102 31  LEU A CG  
238 C CD1 . LEU A 29 ? 0.1493 0.1668 0.1594 -0.0214 0.0370  -0.0215 31  LEU A CD1 
239 C CD2 . LEU A 29 ? 0.2116 0.1926 0.2075 0.0174  0.0187  0.0007  31  LEU A CD2 
240 N N   . GLU A 30 ? 0.1764 0.1864 0.1839 0.0063  0.0166  -0.0021 32  GLU A N   
241 C CA  . GLU A 30 ? 0.1993 0.2038 0.2039 0.0063  0.0101  -0.0052 32  GLU A CA  
242 C C   . GLU A 30 ? 0.1906 0.1946 0.1847 0.0120  0.0142  -0.0010 32  GLU A C   
243 O O   . GLU A 30 ? 0.1969 0.2185 0.1757 0.0392  0.0397  -0.0033 32  GLU A O   
244 C CB  . GLU A 30 ? 0.2201 0.2140 0.2226 0.0087  0.0131  -0.0107 32  GLU A CB  
245 C CG  . GLU A 30 ? 0.2550 0.2596 0.2737 0.0034  0.0046  -0.0038 32  GLU A CG  
246 C CD  . GLU A 30 ? 0.2694 0.2757 0.3035 0.0165  0.0041  -0.0068 32  GLU A CD  
247 O OE1 . GLU A 30 ? 0.3879 0.3735 0.4270 0.0426  -0.0073 -0.0100 32  GLU A OE1 
248 O OE2 . GLU A 30 ? 0.3722 0.3838 0.4187 0.0301  -0.0200 0.0165  32  GLU A OE2 
249 N N   . SER A 31 ? 0.1834 0.1795 0.1639 0.0095  0.0123  -0.0067 33  SER A N   
250 C CA  . SER A 31 ? 0.1839 0.1872 0.1627 0.0012  0.0067  -0.0014 33  SER A CA  
251 C C   . SER A 31 ? 0.1688 0.1856 0.1548 -0.0016 0.0043  -0.0037 33  SER A C   
252 O O   . SER A 31 ? 0.1651 0.1587 0.1430 -0.0098 0.0014  -0.0009 33  SER A O   
253 C CB  . SER A 31 ? 0.2027 0.2112 0.1603 -0.0020 0.0051  -0.0016 33  SER A CB  
254 O OG  . SER A 31 ? 0.2562 0.2247 0.2793 -0.0091 0.0163  0.0151  33  SER A OG  
255 N N   . ASP A 32 ? 0.1894 0.2028 0.1583 0.0155  0.0007  -0.0011 34  ASP A N   
256 C CA  . ASP A 32 ? 0.1935 0.2147 0.1673 0.0075  0.0066  -0.0019 34  ASP A CA  
257 C C   . ASP A 32 ? 0.2021 0.2101 0.1517 0.0027  0.0061  -0.0052 34  ASP A C   
258 O O   . ASP A 32 ? 0.2218 0.2589 0.1600 0.0074  0.0045  0.0074  34  ASP A O   
259 C CB  . ASP A 32 ? 0.2069 0.2346 0.1632 0.0062  -0.0024 -0.0082 34  ASP A CB  
260 C CG  . ASP A 32 ? 0.2572 0.3066 0.2209 0.0057  0.0037  0.0046  34  ASP A CG  
261 O OD1 . ASP A 32 ? 0.2820 0.3507 0.2594 -0.0337 0.0174  -0.0054 34  ASP A OD1 
262 O OD2 . ASP A 32 ? 0.3576 0.4243 0.2405 -0.0032 -0.0035 0.0285  34  ASP A OD2 
263 N N   . ASN A 33 ? 0.1957 0.2225 0.1680 -0.0005 0.0110  -0.0075 35  ASN A N   
264 C CA  . ASN A 33 ? 0.1922 0.2202 0.1765 0.0023  0.0062  0.0020  35  ASN A CA  
265 C C   . ASN A 33 ? 0.1769 0.2079 0.1667 -0.0009 0.0107  0.0013  35  ASN A C   
266 O O   . ASN A 33 ? 0.1679 0.2577 0.1513 0.0033  0.0286  0.0008  35  ASN A O   
267 C CB  . ASN A 33 ? 0.1881 0.2376 0.1783 -0.0005 0.0061  0.0043  35  ASN A CB  
268 C CG  . ASN A 33 ? 0.2059 0.2501 0.1937 -0.0047 0.0196  0.0135  35  ASN A CG  
269 O OD1 . ASN A 33 ? 0.2448 0.3240 0.2882 -0.0050 0.0175  0.0543  35  ASN A OD1 
270 N ND2 . ASN A 33 ? 0.2435 0.2494 0.1901 -0.0162 0.0158  0.0084  35  ASN A ND2 
271 N N   . VAL A 34 ? 0.1583 0.1689 0.1470 0.0071  0.0189  0.0068  36  VAL A N   
272 C CA  . VAL A 34 ? 0.1472 0.1486 0.1295 -0.0035 0.0059  0.0046  36  VAL A CA  
273 C C   . VAL A 34 ? 0.1222 0.1101 0.1126 0.0000  -0.0001 0.0025  36  VAL A C   
274 O O   . VAL A 34 ? 0.1528 0.1167 0.0905 -0.0255 -0.0106 0.0073  36  VAL A O   
275 C CB  . VAL A 34 ? 0.1525 0.1446 0.1257 0.0038  0.0070  0.0074  36  VAL A CB  
276 C CG1 . VAL A 34 ? 0.1630 0.1784 0.1454 0.0232  -0.0171 -0.0040 36  VAL A CG1 
277 C CG2 . VAL A 34 ? 0.2251 0.1832 0.1319 -0.0126 0.0086  0.0175  36  VAL A CG2 
278 N N   . ASP A 35 ? 0.1190 0.1065 0.1038 0.0001  0.0142  0.0014  37  ASP A N   
279 C CA  . ASP A 35 ? 0.1215 0.1062 0.1076 0.0089  0.0073  -0.0028 37  ASP A CA  
280 C C   . ASP A 35 ? 0.1169 0.1023 0.1094 0.0016  0.0132  -0.0018 37  ASP A C   
281 O O   . ASP A 35 ? 0.1175 0.0961 0.1222 0.0040  0.0317  -0.0045 37  ASP A O   
282 C CB  . ASP A 35 ? 0.1469 0.1206 0.1117 0.0114  0.0091  -0.0016 37  ASP A CB  
283 C CG  . ASP A 35 ? 0.1965 0.1335 0.1575 0.0418  -0.0017 0.0025  37  ASP A CG  
284 O OD1 . ASP A 35 ? 0.3556 0.1480 0.1752 0.0564  -0.0299 -0.0800 37  ASP A OD1 
285 O OD2 . ASP A 35 ? 0.3114 0.2180 0.2439 0.1100  0.0722  0.0293  37  ASP A OD2 
286 N N   . THR A 36 ? 0.1070 0.0903 0.0989 0.0030  0.0024  -0.0092 38  THR A N   
287 C CA  . THR A 36 ? 0.1058 0.0920 0.0955 0.0047  0.0034  0.0001  38  THR A CA  
288 C C   . THR A 36 ? 0.0897 0.0969 0.1026 0.0021  0.0017  0.0016  38  THR A C   
289 O O   . THR A 36 ? 0.1198 0.0949 0.1219 0.0055  -0.0013 0.0006  38  THR A O   
290 C CB  . THR A 36 ? 0.1100 0.1094 0.0817 0.0119  0.0064  0.0034  38  THR A CB  
291 O OG1 . THR A 36 ? 0.1156 0.1242 0.1354 -0.0276 -0.0184 0.0156  38  THR A OG1 
292 C CG2 . THR A 36 ? 0.1098 0.1104 0.1121 0.0356  -0.0078 0.0209  38  THR A CG2 
293 N N   . ILE A 37 ? 0.0885 0.0776 0.0881 -0.0016 0.0020  0.0023  39  ILE A N   
294 C CA  . ILE A 37 ? 0.0874 0.0918 0.0897 0.0006  0.0015  0.0014  39  ILE A CA  
295 C C   . ILE A 37 ? 0.0952 0.0900 0.0972 -0.0030 -0.0013 -0.0039 39  ILE A C   
296 O O   . ILE A 37 ? 0.0953 0.0910 0.1185 0.0034  -0.0120 0.0218  39  ILE A O   
297 C CB  . ILE A 37 ? 0.0916 0.0902 0.1011 0.0003  0.0025  -0.0078 39  ILE A CB  
298 C CG1 . ILE A 37 ? 0.0971 0.1006 0.0884 0.0086  -0.0116 0.0140  39  ILE A CG1 
299 C CG2 . ILE A 37 ? 0.1248 0.1303 0.0855 0.0257  -0.0132 -0.0076 39  ILE A CG2 
300 C CD1 . ILE A 37 ? 0.1124 0.1385 0.1315 0.0300  -0.0156 0.0342  39  ILE A CD1 
301 N N   . ALA A 38 ? 0.0970 0.1078 0.0860 0.0024  -0.0061 0.0035  40  ALA A N   
302 C CA  . ALA A 38 ? 0.0980 0.0904 0.0975 -0.0039 -0.0067 -0.0016 40  ALA A CA  
303 C C   . ALA A 38 ? 0.0985 0.0967 0.0936 -0.0043 -0.0033 0.0066  40  ALA A C   
304 O O   . ALA A 38 ? 0.1520 0.0938 0.1004 -0.0009 -0.0051 0.0155  40  ALA A O   
305 C CB  . ALA A 38 ? 0.1009 0.1302 0.1081 -0.0053 -0.0168 0.0004  40  ALA A CB  
306 N N   . GLY A 39 ? 0.1007 0.0895 0.0897 0.0009  -0.0051 0.0105  41  GLY A N   
307 C CA  . GLY A 39 ? 0.1044 0.1040 0.1077 0.0006  -0.0043 0.0023  41  GLY A CA  
308 C C   . GLY A 39 ? 0.0982 0.0946 0.0951 -0.0035 -0.0064 0.0031  41  GLY A C   
309 O O   . GLY A 39 ? 0.1144 0.1041 0.1159 -0.0036 0.0152  0.0258  41  GLY A O   
310 N N   . PHE A 40 ? 0.0917 0.1008 0.0932 0.0079  -0.0056 0.0061  42  PHE A N   
311 C CA  . PHE A 40 ? 0.0956 0.1022 0.1143 0.0036  -0.0019 0.0038  42  PHE A CA  
312 C C   . PHE A 40 ? 0.0958 0.0969 0.0968 -0.0045 -0.0051 0.0066  42  PHE A C   
313 O O   . PHE A 40 ? 0.1148 0.1060 0.0797 0.0079  -0.0102 -0.0080 42  PHE A O   
314 C CB  . PHE A 40 ? 0.0974 0.1215 0.1204 0.0080  -0.0041 0.0037  42  PHE A CB  
315 C CG  . PHE A 40 ? 0.1040 0.1188 0.1342 0.0149  -0.0103 -0.0005 42  PHE A CG  
316 C CD1 . PHE A 40 ? 0.0913 0.0957 0.1391 0.0024  -0.0074 0.0109  42  PHE A CD1 
317 C CD2 . PHE A 40 ? 0.1186 0.1107 0.1418 0.0099  -0.0158 -0.0406 42  PHE A CD2 
318 C CE1 . PHE A 40 ? 0.1074 0.1419 0.1324 -0.0192 -0.0239 0.0071  42  PHE A CE1 
319 C CE2 . PHE A 40 ? 0.1005 0.1314 0.1334 0.0049  -0.0045 0.0034  42  PHE A CE2 
320 C CZ  . PHE A 40 ? 0.1101 0.1196 0.1446 -0.0014 -0.0196 0.0059  42  PHE A CZ  
321 N N   . TYR A 41 ? 0.1090 0.0858 0.0990 0.0028  0.0028  0.0019  43  TYR A N   
322 C CA  . TYR A 41 ? 0.1032 0.0927 0.1039 0.0027  -0.0004 0.0002  43  TYR A CA  
323 C C   . TYR A 41 ? 0.1158 0.1010 0.1091 -0.0025 -0.0025 0.0003  43  TYR A C   
324 O O   . TYR A 41 ? 0.1192 0.1141 0.0964 0.0044  -0.0079 0.0155  43  TYR A O   
325 C CB  . TYR A 41 ? 0.0963 0.0954 0.1028 0.0028  0.0008  0.0057  43  TYR A CB  
326 C CG  . TYR A 41 ? 0.1025 0.0746 0.0902 0.0026  0.0085  -0.0020 43  TYR A CG  
327 C CD1 . TYR A 41 ? 0.0674 0.1030 0.1027 -0.0102 -0.0029 0.0093  43  TYR A CD1 
328 C CD2 . TYR A 41 ? 0.1127 0.1077 0.1001 0.0029  -0.0060 0.0102  43  TYR A CD2 
329 C CE1 . TYR A 41 ? 0.1031 0.1027 0.0830 -0.0059 -0.0126 0.0016  43  TYR A CE1 
330 C CE2 . TYR A 41 ? 0.0873 0.0882 0.1072 0.0021  0.0041  0.0013  43  TYR A CE2 
331 C CZ  . TYR A 41 ? 0.0934 0.0788 0.0825 -0.0010 -0.0116 -0.0046 43  TYR A CZ  
332 O OH  . TYR A 41 ? 0.1404 0.0813 0.1164 0.0183  -0.0142 0.0166  43  TYR A OH  
333 N N   . LEU A 42 ? 0.1121 0.0963 0.1083 0.0065  0.0056  0.0052  44  LEU A N   
334 C CA  . LEU A 42 ? 0.1201 0.1204 0.1228 0.0001  0.0026  0.0055  44  LEU A CA  
335 C C   . LEU A 42 ? 0.1310 0.1335 0.1193 -0.0009 0.0030  0.0065  44  LEU A C   
336 O O   . LEU A 42 ? 0.1407 0.1506 0.1262 -0.0089 0.0075  0.0303  44  LEU A O   
337 C CB  . LEU A 42 ? 0.1078 0.1215 0.1394 0.0053  0.0027  0.0029  44  LEU A CB  
338 C CG  . LEU A 42 ? 0.1609 0.1445 0.2041 0.0249  -0.0118 -0.0001 44  LEU A CG  
339 C CD1 . LEU A 42 ? 0.1155 0.1685 0.2694 0.0399  -0.0341 -0.0203 44  LEU A CD1 
340 C CD2 . LEU A 42 ? 0.1887 0.1302 0.2643 -0.0421 -0.0208 -0.0103 44  LEU A CD2 
341 N N   . THR A 43 ? 0.1480 0.1435 0.1297 -0.0051 -0.0012 0.0096  45  THR A N   
342 C CA  . THR A 43 ? 0.1728 0.1550 0.1405 -0.0069 -0.0010 0.0051  45  THR A CA  
343 C C   . THR A 43 ? 0.1643 0.1591 0.1241 -0.0093 -0.0042 0.0022  45  THR A C   
344 O O   . THR A 43 ? 0.1790 0.1923 0.1213 0.0032  -0.0118 0.0087  45  THR A O   
345 C CB  . THR A 43 ? 0.2067 0.1916 0.1516 -0.0047 -0.0144 -0.0115 45  THR A CB  
346 O OG1 . THR A 43 ? 0.2741 0.2532 0.2441 -0.0232 -0.0263 0.0134  45  THR A OG1 
347 C CG2 . THR A 43 ? 0.2559 0.1133 0.1666 0.0345  -0.0240 0.0036  45  THR A CG2 
348 N N   . GLY A 44 ? 0.1558 0.1570 0.1334 0.0064  -0.0093 0.0060  46  GLY A N   
349 C CA  . GLY A 44 ? 0.1808 0.1744 0.1544 0.0053  -0.0081 0.0076  46  GLY A CA  
350 C C   . GLY A 44 ? 0.1894 0.1802 0.1699 0.0138  -0.0173 0.0063  46  GLY A C   
351 O O   . GLY A 44 ? 0.2401 0.1940 0.1593 0.0368  -0.0513 0.0183  46  GLY A O   
352 N N   . VAL A 45 ? 0.2108 0.1812 0.1686 0.0039  -0.0238 0.0088  47  VAL A N   
353 C CA  . VAL A 45 ? 0.2227 0.2022 0.1994 0.0057  -0.0096 0.0096  47  VAL A CA  
354 C C   . VAL A 45 ? 0.2461 0.2130 0.2088 0.0169  0.0043  0.0130  47  VAL A C   
355 O O   . VAL A 45 ? 0.2814 0.2209 0.2537 0.0224  0.0070  0.0253  47  VAL A O   
356 C CB  . VAL A 45 ? 0.2161 0.2019 0.1959 0.0085  -0.0205 0.0028  47  VAL A CB  
357 C CG1 . VAL A 45 ? 0.1801 0.2368 0.1596 -0.0062 -0.0283 0.0228  47  VAL A CG1 
358 C CG2 . VAL A 45 ? 0.2050 0.1994 0.1754 0.0107  -0.0309 0.0139  47  VAL A CG2 
359 N N   . GLY A 46 ? 0.2571 0.2337 0.2354 0.0105  0.0078  0.0076  48  GLY A N   
360 C CA  . GLY A 46 ? 0.2569 0.2609 0.2471 -0.0024 0.0006  0.0020  48  GLY A CA  
361 C C   . GLY A 46 ? 0.2711 0.2682 0.2533 -0.0089 0.0081  0.0038  48  GLY A C   
362 O O   . GLY A 46 ? 0.2619 0.2970 0.2750 0.0026  0.0121  -0.0065 48  GLY A O   
363 N N   . THR A 47 ? 0.2761 0.2735 0.2677 -0.0090 -0.0033 -0.0050 49  THR A N   
364 C CA  . THR A 47 ? 0.2807 0.2803 0.2715 -0.0110 -0.0045 0.0078  49  THR A CA  
365 C C   . THR A 47 ? 0.2737 0.2799 0.2652 -0.0147 -0.0034 -0.0056 49  THR A C   
366 O O   . THR A 47 ? 0.2802 0.3034 0.2449 -0.0345 0.0092  0.0143  49  THR A O   
367 C CB  . THR A 47 ? 0.3026 0.2915 0.2952 -0.0144 -0.0098 -0.0052 49  THR A CB  
368 O OG1 . THR A 47 ? 0.3799 0.3147 0.3034 -0.0447 -0.0396 0.0262  49  THR A OG1 
369 C CG2 . THR A 47 ? 0.3173 0.3078 0.2943 -0.0186 -0.0350 0.0164  49  THR A CG2 
370 N N   . ILE A 48 ? 0.2382 0.2420 0.2356 0.0011  0.0021  -0.0004 50  ILE A N   
371 C CA  . ILE A 48 ? 0.2424 0.2352 0.2429 0.0005  0.0013  -0.0020 50  ILE A CA  
372 C C   . ILE A 48 ? 0.2325 0.2094 0.2264 -0.0005 0.0123  -0.0041 50  ILE A C   
373 O O   . ILE A 48 ? 0.2777 0.1900 0.2344 0.0049  0.0154  -0.0051 50  ILE A O   
374 C CB  . ILE A 48 ? 0.2225 0.2322 0.2289 0.0078  0.0093  0.0039  50  ILE A CB  
375 C CG1 . ILE A 48 ? 0.2502 0.2514 0.2579 -0.0022 -0.0009 -0.0034 50  ILE A CG1 
376 C CG2 . ILE A 48 ? 0.2158 0.2481 0.2244 0.0206  -0.0067 -0.0183 50  ILE A CG2 
377 C CD1 . ILE A 48 ? 0.2476 0.2767 0.2611 0.0183  -0.0057 0.0172  50  ILE A CD1 
378 N N   . PRO A 49 ? 0.2344 0.1999 0.2131 -0.0072 0.0190  -0.0005 51  PRO A N   
379 C CA  . PRO A 49 ? 0.2074 0.1904 0.2141 -0.0005 0.0068  -0.0008 51  PRO A CA  
380 C C   . PRO A 49 ? 0.2260 0.2074 0.2301 0.0049  0.0053  0.0054  51  PRO A C   
381 O O   . PRO A 49 ? 0.2085 0.1934 0.2532 0.0174  0.0217  0.0197  51  PRO A O   
382 C CB  . PRO A 49 ? 0.1988 0.1938 0.2017 0.0020  0.0124  -0.0078 51  PRO A CB  
383 C CG  . PRO A 49 ? 0.1760 0.1779 0.1772 -0.0095 0.0177  0.0053  51  PRO A CG  
384 C CD  . PRO A 49 ? 0.2352 0.1922 0.2179 -0.0115 0.0181  0.0016  51  PRO A CD  
385 N N   . SER A 50 ? 0.2286 0.2126 0.2332 0.0036  0.0027  0.0004  52  SER A N   
386 C CA  . SER A 50 ? 0.2285 0.2179 0.2384 -0.0020 -0.0006 0.0000  52  SER A CA  
387 C C   . SER A 50 ? 0.2430 0.2364 0.2475 -0.0011 0.0016  0.0003  52  SER A C   
388 O O   . SER A 50 ? 0.2624 0.1851 0.2392 0.0101  0.0032  0.0272  52  SER A O   
389 C CB  . SER A 50 ? 0.2269 0.2132 0.2458 -0.0051 -0.0062 0.0019  52  SER A CB  
390 O OG  . SER A 50 ? 0.2028 0.2261 0.2460 -0.0190 -0.0086 0.0002  52  SER A OG  
391 N N   . GLN A 51 ? 0.2536 0.2574 0.2676 0.0068  -0.0027 0.0002  53  GLN A N   
392 C CA  . GLN A 51 ? 0.2695 0.2734 0.2725 0.0028  -0.0024 -0.0036 53  GLN A CA  
393 C C   . GLN A 51 ? 0.2636 0.2633 0.2768 -0.0003 0.0000  -0.0066 53  GLN A C   
394 O O   . GLN A 51 ? 0.2478 0.2553 0.2654 0.0100  -0.0177 -0.0193 53  GLN A O   
395 C CB  . GLN A 51 ? 0.2781 0.2775 0.2798 0.0030  -0.0037 -0.0029 53  GLN A CB  
396 C CG  . GLN A 51 ? 0.2998 0.3068 0.2978 0.0024  -0.0007 -0.0044 53  GLN A CG  
397 C CD  . GLN A 51 ? 0.3247 0.3300 0.3255 0.0166  -0.0016 0.0023  53  GLN A CD  
398 O OE1 . GLN A 51 ? 0.3873 0.3759 0.4380 0.0467  0.0189  0.0064  53  GLN A OE1 
399 N NE2 . GLN A 51 ? 0.3648 0.4193 0.3944 0.0265  0.0255  -0.0011 53  GLN A NE2 
400 N N   . GLU A 52 ? 0.2692 0.2601 0.2745 0.0027  0.0036  -0.0052 54  GLU A N   
401 C CA  . GLU A 52 ? 0.2703 0.2706 0.2748 -0.0017 -0.0011 -0.0026 54  GLU A CA  
402 C C   . GLU A 52 ? 0.2632 0.2623 0.2741 -0.0019 0.0011  0.0004  54  GLU A C   
403 O O   . GLU A 52 ? 0.2527 0.2476 0.2719 -0.0034 0.0046  0.0021  54  GLU A O   
404 C CB  . GLU A 52 ? 0.2844 0.2792 0.2884 -0.0020 -0.0002 -0.0008 54  GLU A CB  
405 C CG  . GLU A 52 ? 0.3121 0.3099 0.3057 0.0060  -0.0129 -0.0112 54  GLU A CG  
406 C CD  . GLU A 52 ? 0.3243 0.3661 0.3493 0.0079  -0.0127 -0.0310 54  GLU A CD  
407 O OE1 . GLU A 52 ? 0.3426 0.3892 0.3766 0.0283  -0.0179 -0.0478 54  GLU A OE1 
408 O OE2 . GLU A 52 ? 0.3361 0.4054 0.3161 -0.0127 -0.0421 -0.0712 54  GLU A OE2 
409 N N   . GLU A 53 ? 0.2537 0.2564 0.2598 -0.0031 0.0021  -0.0056 55  GLU A N   
410 C CA  . GLU A 53 ? 0.2534 0.2447 0.2520 -0.0059 0.0069  -0.0022 55  GLU A CA  
411 C C   . GLU A 53 ? 0.2445 0.2309 0.2421 -0.0078 0.0077  0.0016  55  GLU A C   
412 O O   . GLU A 53 ? 0.2460 0.2279 0.2358 -0.0016 0.0189  0.0045  55  GLU A O   
413 C CB  . GLU A 53 ? 0.2536 0.2463 0.2538 -0.0066 0.0097  -0.0082 55  GLU A CB  
414 C CG  . GLU A 53 ? 0.2582 0.2522 0.2544 -0.0072 0.0108  -0.0146 55  GLU A CG  
415 C CD  . GLU A 53 ? 0.2772 0.2503 0.2515 -0.0097 0.0202  -0.0116 55  GLU A CD  
416 O OE1 . GLU A 53 ? 0.3389 0.2633 0.2946 0.0172  0.0027  -0.0529 55  GLU A OE1 
417 O OE2 . GLU A 53 ? 0.3220 0.2063 0.2188 -0.0200 0.0457  -0.0174 55  GLU A OE2 
418 N N   . LYS A 54 ? 0.1998 0.1947 0.2307 -0.0120 0.0076  0.0037  56  LYS A N   
419 C CA  . LYS A 54 ? 0.2194 0.2063 0.2258 -0.0121 -0.0029 0.0059  56  LYS A CA  
420 C C   . LYS A 54 ? 0.1687 0.1801 0.2075 -0.0136 -0.0111 0.0185  56  LYS A C   
421 O O   . LYS A 54 ? 0.1991 0.2012 0.2297 -0.0330 -0.0203 0.0241  56  LYS A O   
422 C CB  . LYS A 54 ? 0.2065 0.2010 0.2217 -0.0207 0.0011  0.0157  56  LYS A CB  
423 C CG  . LYS A 54 ? 0.2550 0.2400 0.2550 -0.0129 -0.0061 0.0090  56  LYS A CG  
424 C CD  . LYS A 54 ? 0.2526 0.2457 0.2555 -0.0131 0.0022  0.0026  56  LYS A CD  
425 C CE  . LYS A 54 ? 0.2857 0.2869 0.2749 -0.0049 0.0041  0.0118  56  LYS A CE  
426 N NZ  . LYS A 54 ? 0.3494 0.3132 0.3233 -0.0135 0.0126  0.0197  56  LYS A NZ  
427 N N   . GLU A 55 ? 0.1523 0.1444 0.1788 -0.0105 -0.0122 0.0220  57  GLU A N   
428 C CA  . GLU A 55 ? 0.1401 0.1408 0.1466 -0.0021 -0.0078 0.0145  57  GLU A CA  
429 C C   . GLU A 55 ? 0.1255 0.1305 0.1332 -0.0044 -0.0045 0.0074  57  GLU A C   
430 O O   . GLU A 55 ? 0.1137 0.1401 0.1160 -0.0087 -0.0176 0.0188  57  GLU A O   
431 C CB  . GLU A 55 ? 0.1388 0.1604 0.1551 -0.0004 -0.0056 0.0140  57  GLU A CB  
432 C CG  . GLU A 55 ? 0.1547 0.1902 0.1749 0.0291  0.0046  0.0480  57  GLU A CG  
433 C CD  . GLU A 55 ? 0.1992 0.2666 0.2132 0.0007  0.0279  0.0670  57  GLU A CD  
434 O OE1 . GLU A 55 ? 0.2138 0.3654 0.2283 0.0250  0.0254  0.1061  57  GLU A OE1 
435 O OE2 . GLU A 55 ? 0.1969 0.3007 0.2401 0.0339  0.0502  0.0741  57  GLU A OE2 
436 N N   . HIS A 56 ? 0.1233 0.1173 0.1112 0.0067  -0.0145 0.0053  58  HIS A N   
437 C CA  . HIS A 56 ? 0.1253 0.1159 0.1239 0.0065  -0.0128 0.0004  58  HIS A CA  
438 C C   . HIS A 56 ? 0.1374 0.1249 0.1366 -0.0039 -0.0168 0.0044  58  HIS A C   
439 O O   . HIS A 56 ? 0.1402 0.1429 0.1204 -0.0303 -0.0169 -0.0040 58  HIS A O   
440 C CB  . HIS A 56 ? 0.1139 0.1282 0.1470 0.0119  -0.0056 -0.0020 58  HIS A CB  
441 C CG  . HIS A 56 ? 0.1581 0.1384 0.1559 0.0304  -0.0054 -0.0117 58  HIS A CG  
442 N ND1 . HIS A 56 ? 0.2145 0.1580 0.1770 0.0295  -0.0230 -0.0424 58  HIS A ND1 
443 C CD2 . HIS A 56 ? 0.1824 0.1895 0.1593 -0.0113 0.0591  -0.0249 58  HIS A CD2 
444 C CE1 . HIS A 56 ? 0.1927 0.1373 0.1740 -0.0011 -0.0060 0.0022  58  HIS A CE1 
445 N NE2 . HIS A 56 ? 0.2754 0.1888 0.2112 -0.0122 -0.0051 -0.0229 58  HIS A NE2 
446 N N   . PHE A 57 ? 0.1106 0.1264 0.1210 0.0013  -0.0024 0.0107  59  PHE A N   
447 C CA  . PHE A 57 ? 0.1251 0.1268 0.1325 0.0057  -0.0034 0.0038  59  PHE A CA  
448 C C   . PHE A 57 ? 0.1256 0.1318 0.1375 -0.0022 -0.0047 0.0105  59  PHE A C   
449 O O   . PHE A 57 ? 0.1370 0.1729 0.1257 -0.0038 -0.0178 0.0077  59  PHE A O   
450 C CB  . PHE A 57 ? 0.1377 0.1260 0.1534 0.0117  -0.0043 -0.0041 59  PHE A CB  
451 C CG  . PHE A 57 ? 0.1369 0.1196 0.1373 0.0063  0.0027  -0.0016 59  PHE A CG  
452 C CD1 . PHE A 57 ? 0.1948 0.1258 0.1522 0.0027  -0.0183 -0.0196 59  PHE A CD1 
453 C CD2 . PHE A 57 ? 0.2317 0.1881 0.1912 0.0083  0.0135  -0.0054 59  PHE A CD2 
454 C CE1 . PHE A 57 ? 0.2109 0.1464 0.1954 0.0114  -0.0196 -0.0175 59  PHE A CE1 
455 C CE2 . PHE A 57 ? 0.2037 0.1600 0.1922 0.0022  0.0159  0.0013  59  PHE A CE2 
456 C CZ  . PHE A 57 ? 0.1770 0.1623 0.1805 0.0018  -0.0133 -0.0151 59  PHE A CZ  
457 N N   . GLU A 58 ? 0.1273 0.1425 0.1270 -0.0092 -0.0025 0.0152  60  GLU A N   
458 C CA  . GLU A 58 ? 0.1463 0.1554 0.1667 -0.0023 -0.0007 0.0048  60  GLU A CA  
459 C C   . GLU A 58 ? 0.1427 0.1610 0.1568 -0.0060 -0.0055 0.0054  60  GLU A C   
460 O O   . GLU A 58 ? 0.1356 0.1640 0.1666 -0.0218 0.0086  0.0088  60  GLU A O   
461 C CB  . GLU A 58 ? 0.1436 0.1765 0.1778 0.0046  0.0064  0.0062  60  GLU A CB  
462 C CG  . GLU A 58 ? 0.1964 0.1933 0.2300 0.0166  0.0002  0.0077  60  GLU A CG  
463 C CD  . GLU A 58 ? 0.2159 0.2126 0.2526 0.0038  0.0075  0.0163  60  GLU A CD  
464 O OE1 . GLU A 58 ? 0.2930 0.2571 0.3945 0.0214  0.0379  0.0232  60  GLU A OE1 
465 O OE2 . GLU A 58 ? 0.3346 0.2453 0.3740 -0.0143 0.0190  0.0322  60  GLU A OE2 
466 N N   . VAL A 59 ? 0.1425 0.1554 0.1563 -0.0094 0.0021  0.0025  61  VAL A N   
467 C CA  . VAL A 59 ? 0.1616 0.1644 0.1688 -0.0054 -0.0010 0.0002  61  VAL A CA  
468 C C   . VAL A 59 ? 0.1573 0.1681 0.1680 -0.0031 0.0004  -0.0020 61  VAL A C   
469 O O   . VAL A 59 ? 0.1485 0.1777 0.1699 -0.0205 0.0005  -0.0161 61  VAL A O   
470 C CB  . VAL A 59 ? 0.1659 0.1719 0.1858 -0.0041 -0.0049 -0.0114 61  VAL A CB  
471 C CG1 . VAL A 59 ? 0.1793 0.1982 0.2161 0.0105  -0.0031 -0.0009 61  VAL A CG1 
472 C CG2 . VAL A 59 ? 0.2240 0.1896 0.1990 0.0147  -0.0071 0.0072  61  VAL A CG2 
473 N N   . GLU A 60 ? 0.1743 0.1778 0.1554 -0.0063 0.0044  -0.0079 62  GLU A N   
474 C CA  . GLU A 60 ? 0.1727 0.1918 0.1867 -0.0069 0.0019  -0.0007 62  GLU A CA  
475 C C   . GLU A 60 ? 0.1692 0.1754 0.1796 -0.0085 0.0090  -0.0010 62  GLU A C   
476 O O   . GLU A 60 ? 0.1900 0.1605 0.1641 -0.0233 0.0437  0.0012  62  GLU A O   
477 C CB  . GLU A 60 ? 0.1728 0.1959 0.2009 -0.0077 -0.0046 -0.0005 62  GLU A CB  
478 C CG  . GLU A 60 ? 0.2051 0.2078 0.1935 0.0050  0.0099  -0.0055 62  GLU A CG  
479 C CD  . GLU A 60 ? 0.2287 0.2694 0.2368 -0.0118 0.0087  0.0021  62  GLU A CD  
480 O OE1 . GLU A 60 ? 0.3048 0.3783 0.2384 -0.0165 0.0311  0.0311  62  GLU A OE1 
481 O OE2 . GLU A 60 ? 0.2932 0.3842 0.3038 -0.0413 0.0336  0.0243  62  GLU A OE2 
482 N N   . SER A 61 ? 0.1413 0.1717 0.1759 -0.0090 0.0102  0.0031  63  SER A N   
483 C CA  . SER A 61 ? 0.1578 0.1854 0.1832 -0.0118 0.0060  0.0025  63  SER A CA  
484 C C   . SER A 61 ? 0.1544 0.1817 0.1802 -0.0167 0.0118  0.0009  63  SER A C   
485 O O   . SER A 61 ? 0.1298 0.2100 0.1748 -0.0370 0.0034  0.0053  63  SER A O   
486 C CB  . SER A 61 ? 0.1611 0.1887 0.1895 0.0041  0.0160  0.0099  63  SER A CB  
487 O OG  . SER A 61 ? 0.2013 0.2260 0.2472 -0.0138 0.0121  0.0307  63  SER A OG  
488 N N   . ASN A 62 ? 0.1478 0.1837 0.1734 -0.0257 0.0093  -0.0052 64  ASN A N   
489 C CA  . ASN A 62 ? 0.1493 0.1767 0.1773 -0.0181 0.0053  -0.0047 64  ASN A CA  
490 C C   . ASN A 62 ? 0.1341 0.1746 0.1789 -0.0244 -0.0013 -0.0048 64  ASN A C   
491 O O   . ASN A 62 ? 0.1280 0.1605 0.1769 -0.0288 -0.0085 -0.0268 64  ASN A O   
492 C CB  . ASN A 62 ? 0.1407 0.1832 0.1786 -0.0184 0.0145  -0.0029 64  ASN A CB  
493 C CG  . ASN A 62 ? 0.1491 0.1636 0.1730 -0.0402 0.0105  -0.0083 64  ASN A CG  
494 O OD1 . ASN A 62 ? 0.1722 0.2141 0.1741 -0.0085 0.0138  -0.0113 64  ASN A OD1 
495 N ND2 . ASN A 62 ? 0.1463 0.1881 0.2300 -0.0223 0.0537  -0.0028 64  ASN A ND2 
496 N N   . GLY A 63 ? 0.1521 0.1818 0.1940 -0.0202 -0.0032 -0.0022 65  GLY A N   
497 C CA  . GLY A 63 ? 0.1622 0.1782 0.1874 -0.0104 0.0056  -0.0080 65  GLY A CA  
498 C C   . GLY A 63 ? 0.1846 0.1837 0.1979 -0.0016 0.0064  -0.0104 65  GLY A C   
499 O O   . GLY A 63 ? 0.2059 0.1852 0.2245 0.0049  0.0172  -0.0229 65  GLY A O   
500 N N   . LYS A 64 ? 0.1734 0.1863 0.1939 -0.0106 0.0050  -0.0124 66  LYS A N   
501 C CA  . LYS A 64 ? 0.1852 0.1857 0.1913 -0.0102 0.0048  -0.0063 66  LYS A CA  
502 C C   . LYS A 64 ? 0.1737 0.1798 0.1828 -0.0103 0.0122  -0.0063 66  LYS A C   
503 O O   . LYS A 64 ? 0.2038 0.1787 0.2105 -0.0318 0.0235  -0.0067 66  LYS A O   
504 C CB  . LYS A 64 ? 0.2017 0.2139 0.2156 -0.0155 0.0066  -0.0033 66  LYS A CB  
505 C CG  . LYS A 64 ? 0.2649 0.2544 0.2459 0.0068  0.0034  0.0033  66  LYS A CG  
506 C CD  . LYS A 64 ? 0.2808 0.2641 0.2695 -0.0233 -0.0027 0.0059  66  LYS A CD  
507 C CE  . LYS A 64 ? 0.2782 0.3024 0.2840 0.0047  0.0005  0.0080  66  LYS A CE  
508 N NZ  . LYS A 64 ? 0.2071 0.2702 0.2504 0.0282  0.0281  0.0060  66  LYS A NZ  
509 N N   A HIS A 65 ? 0.1694 0.1804 0.1793 -0.0069 0.0058  -0.0063 67  HIS A N   
510 N N   B HIS A 65 ? 0.1648 0.1748 0.1793 -0.0077 0.0053  -0.0066 67  HIS A N   
511 C CA  A HIS A 65 ? 0.1639 0.1674 0.1722 -0.0043 0.0011  -0.0043 67  HIS A CA  
512 C CA  B HIS A 65 ? 0.1614 0.1647 0.1721 -0.0031 0.0007  -0.0043 67  HIS A CA  
513 C C   A HIS A 65 ? 0.1496 0.1543 0.1707 -0.0077 0.0007  -0.0041 67  HIS A C   
514 C C   B HIS A 65 ? 0.1483 0.1502 0.1691 -0.0062 0.0017  -0.0036 67  HIS A C   
515 O O   A HIS A 65 ? 0.1213 0.1490 0.1858 -0.0103 0.0000  -0.0071 67  HIS A O   
516 O O   B HIS A 65 ? 0.1241 0.1463 0.1805 -0.0033 0.0091  -0.0034 67  HIS A O   
517 C CB  A HIS A 65 ? 0.1739 0.1816 0.1796 -0.0029 -0.0076 -0.0031 67  HIS A CB  
518 C CB  B HIS A 65 ? 0.1674 0.1771 0.1801 -0.0001 -0.0082 -0.0038 67  HIS A CB  
519 C CG  A HIS A 65 ? 0.1825 0.2003 0.1750 -0.0009 0.0059  -0.0042 67  HIS A CG  
520 C CG  B HIS A 65 ? 0.1653 0.1897 0.1893 0.0044  -0.0135 -0.0077 67  HIS A CG  
521 N ND1 A HIS A 65 ? 0.2375 0.2307 0.1862 -0.0199 0.0029  0.0002  67  HIS A ND1 
522 N ND1 B HIS A 65 ? 0.1860 0.1985 0.2103 0.0028  -0.0036 -0.0070 67  HIS A ND1 
523 C CD2 A HIS A 65 ? 0.2162 0.2302 0.1876 -0.0025 0.0070  -0.0050 67  HIS A CD2 
524 C CD2 B HIS A 65 ? 0.1737 0.2011 0.2040 -0.0088 0.0061  -0.0020 67  HIS A CD2 
525 C CE1 A HIS A 65 ? 0.2447 0.2431 0.1739 -0.0114 -0.0007 -0.0073 67  HIS A CE1 
526 C CE1 B HIS A 65 ? 0.1875 0.2086 0.2120 -0.0001 -0.0168 -0.0020 67  HIS A CE1 
527 N NE2 A HIS A 65 ? 0.2447 0.2042 0.2070 -0.0286 0.0053  0.0000  67  HIS A NE2 
528 N NE2 B HIS A 65 ? 0.1540 0.2161 0.1712 -0.0011 -0.0091 0.0028  67  HIS A NE2 
529 N N   . LEU A 66 ? 0.1297 0.1386 0.1569 -0.0040 0.0063  -0.0082 68  LEU A N   
530 C CA  . LEU A 66 ? 0.1381 0.1402 0.1571 -0.0026 -0.0010 0.0018  68  LEU A CA  
531 C C   . LEU A 66 ? 0.1399 0.1339 0.1353 -0.0015 -0.0036 0.0090  68  LEU A C   
532 O O   . LEU A 66 ? 0.1516 0.1345 0.1232 -0.0296 -0.0096 -0.0107 68  LEU A O   
533 C CB  . LEU A 66 ? 0.1427 0.1472 0.1577 0.0071  0.0072  0.0055  68  LEU A CB  
534 C CG  . LEU A 66 ? 0.1811 0.1772 0.2269 -0.0115 -0.0038 0.0042  68  LEU A CG  
535 C CD1 . LEU A 66 ? 0.2108 0.1923 0.2828 0.0018  -0.0025 0.0296  68  LEU A CD1 
536 C CD2 . LEU A 66 ? 0.2510 0.1837 0.2436 -0.0245 0.0317  0.0024  68  LEU A CD2 
537 N N   . GLU A 67 ? 0.1242 0.1234 0.1228 0.0010  -0.0025 -0.0028 69  GLU A N   
538 C CA  . GLU A 67 ? 0.1122 0.1159 0.1277 0.0018  -0.0090 0.0065  69  GLU A CA  
539 C C   . GLU A 67 ? 0.1043 0.1100 0.1083 -0.0011 -0.0093 0.0039  69  GLU A C   
540 O O   . GLU A 67 ? 0.1039 0.1470 0.1132 0.0194  -0.0067 0.0145  69  GLU A O   
541 C CB  . GLU A 67 ? 0.1177 0.1373 0.1199 0.0046  -0.0165 -0.0081 69  GLU A CB  
542 C CG  . GLU A 67 ? 0.1356 0.1218 0.1403 0.0076  0.0084  -0.0027 69  GLU A CG  
543 C CD  . GLU A 67 ? 0.1335 0.1143 0.1515 -0.0087 0.0094  0.0080  69  GLU A CD  
544 O OE1 . GLU A 67 ? 0.1782 0.1606 0.1860 0.0218  0.0420  -0.0043 69  GLU A OE1 
545 O OE2 . GLU A 67 ? 0.2665 0.1687 0.2080 -0.0314 0.0715  -0.0082 69  GLU A OE2 
546 N N   . LEU A 68 ? 0.1014 0.1220 0.1121 0.0020  -0.0124 0.0040  70  LEU A N   
547 C CA  . LEU A 68 ? 0.1189 0.1236 0.1307 0.0003  -0.0034 0.0023  70  LEU A CA  
548 C C   . LEU A 68 ? 0.1149 0.1142 0.1254 -0.0051 -0.0069 0.0072  70  LEU A C   
549 O O   . LEU A 68 ? 0.1105 0.1268 0.1166 -0.0075 -0.0159 0.0170  70  LEU A O   
550 C CB  . LEU A 68 ? 0.0936 0.1247 0.1314 0.0099  0.0074  0.0034  70  LEU A CB  
551 C CG  . LEU A 68 ? 0.1534 0.1423 0.1578 0.0031  -0.0012 -0.0184 70  LEU A CG  
552 C CD1 . LEU A 68 ? 0.1772 0.1669 0.3066 -0.0159 0.0367  -0.0015 70  LEU A CD1 
553 C CD2 . LEU A 68 ? 0.1544 0.1126 0.1975 0.0142  0.0103  0.0059  70  LEU A CD2 
554 N N   . ILE A 69 ? 0.1011 0.1205 0.1164 -0.0017 -0.0011 0.0077  71  ILE A N   
555 C CA  . ILE A 69 ? 0.1166 0.1256 0.1276 0.0018  -0.0018 0.0011  71  ILE A CA  
556 C C   . ILE A 69 ? 0.0998 0.1277 0.1126 -0.0015 0.0043  0.0055  71  ILE A C   
557 O O   . ILE A 69 ? 0.0996 0.1332 0.1156 -0.0043 -0.0047 0.0277  71  ILE A O   
558 C CB  . ILE A 69 ? 0.1209 0.1215 0.1321 0.0030  0.0020  0.0042  71  ILE A CB  
559 C CG1 . ILE A 69 ? 0.1471 0.1395 0.1790 0.0093  0.0061  -0.0124 71  ILE A CG1 
560 C CG2 . ILE A 69 ? 0.1130 0.1479 0.1612 -0.0005 0.0032  0.0048  71  ILE A CG2 
561 C CD1 . ILE A 69 ? 0.1396 0.1471 0.1774 0.0281  0.0076  -0.0187 71  ILE A CD1 
562 N N   . ASN A 70 ? 0.0878 0.1237 0.1105 -0.0055 -0.0010 0.0044  72  ASN A N   
563 C CA  . ASN A 70 ? 0.1070 0.1112 0.1221 0.0022  -0.0038 -0.0033 72  ASN A CA  
564 C C   . ASN A 70 ? 0.0917 0.1120 0.1161 0.0064  -0.0084 -0.0040 72  ASN A C   
565 O O   . ASN A 70 ? 0.1023 0.1148 0.1293 0.0063  -0.0162 -0.0050 72  ASN A O   
566 C CB  . ASN A 70 ? 0.1052 0.1070 0.1423 -0.0016 -0.0130 -0.0029 72  ASN A CB  
567 C CG  . ASN A 70 ? 0.1111 0.0977 0.1293 -0.0108 -0.0009 0.0023  72  ASN A CG  
568 O OD1 . ASN A 70 ? 0.1242 0.1089 0.1289 0.0141  -0.0073 0.0108  72  ASN A OD1 
569 N ND2 . ASN A 70 ? 0.0942 0.1248 0.1278 0.0111  -0.0014 -0.0223 72  ASN A ND2 
570 N N   . ASP A 71 ? 0.1200 0.1055 0.1264 -0.0002 0.0032  0.0003  73  ASP A N   
571 C CA  . ASP A 71 ? 0.1241 0.1200 0.1341 0.0007  -0.0043 0.0003  73  ASP A CA  
572 C C   . ASP A 71 ? 0.1183 0.1253 0.1327 -0.0068 0.0012  -0.0101 73  ASP A C   
573 O O   . ASP A 71 ? 0.1506 0.1405 0.1726 0.0048  -0.0059 -0.0213 73  ASP A O   
574 C CB  . ASP A 71 ? 0.1214 0.1332 0.1327 -0.0049 0.0036  -0.0014 73  ASP A CB  
575 C CG  . ASP A 71 ? 0.1718 0.1662 0.1956 0.0012  -0.0066 -0.0023 73  ASP A CG  
576 O OD1 . ASP A 71 ? 0.2155 0.2439 0.2538 0.0134  0.0414  -0.0527 73  ASP A OD1 
577 O OD2 . ASP A 71 ? 0.2703 0.2469 0.2695 0.0081  -0.0250 0.0168  73  ASP A OD2 
578 N N   . LYS A 72 ? 0.1172 0.1144 0.1375 -0.0024 0.0025  -0.0037 74  LYS A N   
579 C CA  . LYS A 72 ? 0.1287 0.1306 0.1390 -0.0013 0.0003  -0.0068 74  LYS A CA  
580 C C   . LYS A 72 ? 0.1164 0.1339 0.1374 0.0033  0.0005  -0.0076 74  LYS A C   
581 O O   . LYS A 72 ? 0.1273 0.1285 0.1476 -0.0054 0.0141  -0.0236 74  LYS A O   
582 C CB  . LYS A 72 ? 0.1434 0.1464 0.1646 -0.0047 0.0080  -0.0105 74  LYS A CB  
583 C CG  . LYS A 72 ? 0.1890 0.1901 0.1948 0.0088  0.0039  0.0147  74  LYS A CG  
584 C CD  . LYS A 72 ? 0.2267 0.2560 0.2556 -0.0002 -0.0092 0.0015  74  LYS A CD  
585 C CE  . LYS A 72 ? 0.2595 0.2646 0.2770 -0.0084 -0.0186 0.0045  74  LYS A CE  
586 N NZ  . LYS A 72 ? 0.3016 0.3076 0.2898 -0.0068 -0.0037 0.0085  74  LYS A NZ  
587 N N   . VAL A 73 ? 0.1179 0.1377 0.1392 0.0011  -0.0064 -0.0146 75  VAL A N   
588 C CA  . VAL A 73 ? 0.1314 0.1492 0.1524 0.0047  0.0027  -0.0122 75  VAL A CA  
589 C C   . VAL A 73 ? 0.1364 0.1552 0.1629 0.0071  0.0012  -0.0206 75  VAL A C   
590 O O   . VAL A 73 ? 0.1211 0.1525 0.2171 0.0109  -0.0016 -0.0453 75  VAL A O   
591 C CB  . VAL A 73 ? 0.1447 0.1565 0.1463 0.0153  0.0074  -0.0094 75  VAL A CB  
592 C CG1 . VAL A 73 ? 0.1628 0.1981 0.1545 0.0362  0.0467  -0.0343 75  VAL A CG1 
593 C CG2 . VAL A 73 ? 0.1520 0.1793 0.1487 0.0171  -0.0188 -0.0121 75  VAL A CG2 
594 N N   . LYS A 74 ? 0.1365 0.1498 0.1755 0.0088  -0.0031 -0.0215 76  LYS A N   
595 C CA  . LYS A 74 ? 0.1567 0.1754 0.1779 0.0011  0.0037  -0.0104 76  LYS A CA  
596 C C   . LYS A 74 ? 0.1508 0.1657 0.1732 0.0030  0.0007  -0.0079 76  LYS A C   
597 O O   . LYS A 74 ? 0.1423 0.1729 0.1652 -0.0255 0.0082  -0.0150 76  LYS A O   
598 C CB  . LYS A 74 ? 0.1674 0.2093 0.1849 0.0137  -0.0036 -0.0119 76  LYS A CB  
599 C CG  . LYS A 74 ? 0.2360 0.2477 0.2318 0.0004  -0.0034 -0.0039 76  LYS A CG  
600 C CD  . LYS A 74 ? 0.2256 0.2465 0.2341 0.0047  0.0095  -0.0124 76  LYS A CD  
601 C CE  . LYS A 74 ? 0.2866 0.2842 0.2583 -0.0125 0.0020  0.0016  76  LYS A CE  
602 N NZ  . LYS A 74 ? 0.3181 0.2900 0.2740 -0.0022 -0.0080 0.0020  76  LYS A NZ  
603 N N   . ASP A 75 ? 0.1453 0.1394 0.1731 -0.0015 -0.0027 -0.0026 77  ASP A N   
604 C CA  . ASP A 75 ? 0.1526 0.1764 0.1693 -0.0040 -0.0024 0.0020  77  ASP A CA  
605 C C   . ASP A 75 ? 0.1710 0.1836 0.1765 -0.0018 -0.0009 0.0053  77  ASP A C   
606 O O   . ASP A 75 ? 0.1441 0.2320 0.1719 0.0040  -0.0023 0.0061  77  ASP A O   
607 C CB  . ASP A 75 ? 0.1456 0.1504 0.1478 -0.0071 0.0054  0.0027  77  ASP A CB  
608 C CG  . ASP A 75 ? 0.1248 0.1394 0.1536 -0.0012 -0.0097 -0.0031 77  ASP A CG  
609 O OD1 . ASP A 75 ? 0.1261 0.1202 0.1085 0.0041  -0.0049 0.0115  77  ASP A OD1 
610 O OD2 . ASP A 75 ? 0.1402 0.1478 0.1304 0.0302  0.0224  0.0328  77  ASP A OD2 
611 N N   . GLY A 76 ? 0.1880 0.2322 0.2054 -0.0018 -0.0004 0.0054  78  GLY A N   
612 C CA  . GLY A 76 ? 0.2097 0.2225 0.2137 -0.0054 -0.0064 0.0005  78  GLY A CA  
613 C C   . GLY A 76 ? 0.2179 0.2372 0.2303 -0.0050 -0.0130 0.0044  78  GLY A C   
614 O O   . GLY A 76 ? 0.2687 0.2805 0.2754 -0.0112 -0.0235 0.0100  78  GLY A O   
615 N N   A ARG A 77 ? 0.2025 0.2244 0.2144 -0.0099 0.0003  -0.0047 79  ARG A N   
616 N N   B ARG A 77 ? 0.2062 0.2291 0.2162 -0.0088 -0.0002 -0.0049 79  ARG A N   
617 C CA  A ARG A 77 ? 0.1861 0.2087 0.2044 -0.0061 -0.0025 -0.0078 79  ARG A CA  
618 C CA  B ARG A 77 ? 0.1911 0.2136 0.2087 -0.0053 -0.0029 -0.0083 79  ARG A CA  
619 C C   A ARG A 77 ? 0.1610 0.2026 0.2002 -0.0009 -0.0032 -0.0163 79  ARG A C   
620 C C   B ARG A 77 ? 0.1655 0.2064 0.2032 -0.0006 -0.0036 -0.0165 79  ARG A C   
621 O O   A ARG A 77 ? 0.1379 0.1762 0.1864 -0.0010 -0.0104 -0.0224 79  ARG A O   
622 O O   B ARG A 77 ? 0.1435 0.1808 0.1896 -0.0021 -0.0114 -0.0226 79  ARG A O   
623 C CB  A ARG A 77 ? 0.1907 0.2076 0.2099 -0.0124 0.0051  -0.0093 79  ARG A CB  
624 C CB  B ARG A 77 ? 0.2009 0.2162 0.2189 -0.0098 0.0045  -0.0098 79  ARG A CB  
625 C CG  A ARG A 77 ? 0.2029 0.2209 0.2243 -0.0131 0.0042  -0.0076 79  ARG A CG  
626 C CG  B ARG A 77 ? 0.2107 0.2201 0.2355 0.0086  0.0005  -0.0076 79  ARG A CG  
627 C CD  A ARG A 77 ? 0.1999 0.2265 0.2340 -0.0237 -0.0001 -0.0102 79  ARG A CD  
628 C CD  B ARG A 77 ? 0.2584 0.2660 0.2717 -0.0012 -0.0061 -0.0013 79  ARG A CD  
629 N NE  A ARG A 77 ? 0.1861 0.1912 0.1800 0.0024  0.0179  -0.0005 79  ARG A NE  
630 N NE  B ARG A 77 ? 0.2859 0.2666 0.2765 -0.0067 -0.0158 0.0009  79  ARG A NE  
631 C CZ  A ARG A 77 ? 0.1613 0.1775 0.1832 0.0152  0.0114  -0.0066 79  ARG A CZ  
632 C CZ  B ARG A 77 ? 0.2674 0.2627 0.2827 0.0014  0.0041  -0.0096 79  ARG A CZ  
633 N NH1 A ARG A 77 ? 0.2082 0.1997 0.1061 0.0492  0.0646  -0.0153 79  ARG A NH1 
634 N NH1 B ARG A 77 ? 0.2869 0.3044 0.3141 0.0017  0.0054  0.0064  79  ARG A NH1 
635 N NH2 A ARG A 77 ? 0.1745 0.2089 0.1610 -0.0093 0.0275  0.0074  79  ARG A NH2 
636 N NH2 B ARG A 77 ? 0.2986 0.3103 0.3119 0.0030  0.0000  -0.0105 79  ARG A NH2 
637 N N   . VAL A 78 ? 0.1500 0.2164 0.1874 -0.0043 -0.0071 -0.0248 80  VAL A N   
638 C CA  . VAL A 78 ? 0.1576 0.1911 0.1823 -0.0024 -0.0092 -0.0122 80  VAL A CA  
639 C C   . VAL A 78 ? 0.1449 0.1813 0.1856 -0.0029 -0.0172 -0.0137 80  VAL A C   
640 O O   . VAL A 78 ? 0.1770 0.1742 0.2210 0.0042  -0.0482 -0.0203 80  VAL A O   
641 C CB  . VAL A 78 ? 0.1502 0.1960 0.1617 0.0038  -0.0161 0.0021  80  VAL A CB  
642 C CG1 . VAL A 78 ? 0.1457 0.2286 0.1842 0.0061  0.0051  0.0074  80  VAL A CG1 
643 C CG2 . VAL A 78 ? 0.2004 0.2451 0.2032 0.0030  -0.0183 0.0341  80  VAL A CG2 
644 N N   . THR A 79 ? 0.1337 0.1577 0.1498 -0.0019 -0.0036 -0.0144 81  THR A N   
645 C CA  . THR A 79 ? 0.1382 0.1492 0.1510 -0.0022 -0.0030 -0.0068 81  THR A CA  
646 C C   . THR A 79 ? 0.1305 0.1322 0.1324 0.0037  -0.0069 -0.0074 81  THR A C   
647 O O   . THR A 79 ? 0.1330 0.1175 0.1312 0.0018  -0.0008 0.0004  81  THR A O   
648 C CB  . THR A 79 ? 0.1420 0.1543 0.1610 0.0112  0.0039  -0.0009 81  THR A CB  
649 O OG1 . THR A 79 ? 0.1700 0.1691 0.1504 -0.0212 -0.0069 0.0040  81  THR A OG1 
650 C CG2 . THR A 79 ? 0.1078 0.1802 0.1753 0.0183  0.0296  0.0039  81  THR A CG2 
651 N N   . LYS A 80 ? 0.1404 0.1320 0.1338 -0.0019 -0.0007 -0.0069 82  LYS A N   
652 C CA  . LYS A 80 ? 0.1314 0.1342 0.1464 0.0051  -0.0072 0.0007  82  LYS A CA  
653 C C   . LYS A 80 ? 0.1217 0.1173 0.1305 0.0108  -0.0027 -0.0003 82  LYS A C   
654 O O   . LYS A 80 ? 0.1057 0.1348 0.1273 0.0164  -0.0088 0.0028  82  LYS A O   
655 C CB  . LYS A 80 ? 0.1376 0.1490 0.1554 0.0147  -0.0019 0.0032  82  LYS A CB  
656 C CG  . LYS A 80 ? 0.1711 0.1881 0.1709 0.0032  -0.0220 -0.0003 82  LYS A CG  
657 C CD  . LYS A 80 ? 0.2059 0.1966 0.1943 0.0116  -0.0139 -0.0019 82  LYS A CD  
658 C CE  . LYS A 80 ? 0.2173 0.2206 0.2169 0.0081  -0.0057 -0.0019 82  LYS A CE  
659 N NZ  . LYS A 80 ? 0.3046 0.2394 0.2473 0.0044  -0.0091 -0.0039 82  LYS A NZ  
660 N N   . LEU A 81 ? 0.1081 0.1060 0.1138 0.0051  0.0211  0.0067  83  LEU A N   
661 C CA  . LEU A 81 ? 0.1274 0.1228 0.1257 0.0026  0.0009  0.0047  83  LEU A CA  
662 C C   . LEU A 81 ? 0.1227 0.1117 0.1112 0.0017  0.0040  0.0013  83  LEU A C   
663 O O   . LEU A 81 ? 0.1454 0.1072 0.1232 0.0209  0.0173  0.0220  83  LEU A O   
664 C CB  . LEU A 81 ? 0.1210 0.1255 0.1364 0.0119  -0.0145 0.0067  83  LEU A CB  
665 C CG  . LEU A 81 ? 0.1390 0.1124 0.1677 0.0171  0.0029  -0.0062 83  LEU A CG  
666 C CD1 . LEU A 81 ? 0.2422 0.1960 0.2196 0.0341  0.0170  -0.0365 83  LEU A CD1 
667 C CD2 . LEU A 81 ? 0.2507 0.2301 0.1798 0.0102  0.0406  0.0166  83  LEU A CD2 
668 N N   . LYS A 82 ? 0.1269 0.1245 0.0963 0.0036  -0.0053 0.0065  84  LYS A N   
669 C CA  . LYS A 82 ? 0.1388 0.1360 0.1260 0.0030  0.0009  0.0059  84  LYS A CA  
670 C C   . LYS A 82 ? 0.1198 0.1370 0.1145 0.0108  0.0007  0.0044  84  LYS A C   
671 O O   . LYS A 82 ? 0.1108 0.1788 0.1076 0.0002  -0.0038 0.0133  84  LYS A O   
672 C CB  . LYS A 82 ? 0.1635 0.1520 0.1278 -0.0031 0.0019  -0.0015 84  LYS A CB  
673 C CG  . LYS A 82 ? 0.1649 0.1593 0.1709 -0.0067 -0.0076 0.0022  84  LYS A CG  
674 C CD  . LYS A 82 ? 0.1876 0.1619 0.1947 0.0141  0.0022  -0.0021 84  LYS A CD  
675 C CE  . LYS A 82 ? 0.2674 0.2259 0.2224 -0.0088 -0.0110 -0.0049 84  LYS A CE  
676 N NZ  . LYS A 82 ? 0.3289 0.2562 0.2847 -0.0242 -0.0003 -0.0042 84  LYS A NZ  
677 N N   . ILE A 83 ? 0.1102 0.1390 0.1148 0.0029  -0.0008 0.0011  85  ILE A N   
678 C CA  . ILE A 83 ? 0.1260 0.1339 0.1257 0.0055  0.0062  -0.0022 85  ILE A CA  
679 C C   . ILE A 83 ? 0.1285 0.1456 0.1336 0.0106  0.0028  0.0012  85  ILE A C   
680 O O   . ILE A 83 ? 0.1429 0.1589 0.1198 0.0237  0.0023  0.0159  85  ILE A O   
681 C CB  . ILE A 83 ? 0.1240 0.1277 0.1228 -0.0007 0.0010  -0.0067 85  ILE A CB  
682 C CG1 . ILE A 83 ? 0.1583 0.1253 0.1508 -0.0063 0.0029  -0.0138 85  ILE A CG1 
683 C CG2 . ILE A 83 ? 0.1338 0.1648 0.1591 -0.0124 -0.0127 -0.0066 85  ILE A CG2 
684 C CD1 . ILE A 83 ? 0.1585 0.1829 0.1138 0.0351  0.0470  0.0226  85  ILE A CD1 
685 N N   . LEU A 84 ? 0.1227 0.1528 0.1444 0.0150  0.0062  0.0018  86  LEU A N   
686 C CA  . LEU A 84 ? 0.1427 0.1522 0.1501 0.0106  0.0042  -0.0051 86  LEU A CA  
687 C C   . LEU A 84 ? 0.1471 0.1609 0.1605 0.0029  0.0090  -0.0059 86  LEU A C   
688 O O   . LEU A 84 ? 0.1276 0.1584 0.1509 0.0121  0.0062  -0.0190 86  LEU A O   
689 C CB  . LEU A 84 ? 0.1444 0.1499 0.1578 0.0041  -0.0018 0.0010  86  LEU A CB  
690 C CG  . LEU A 84 ? 0.1922 0.1861 0.2093 0.0110  -0.0197 0.0007  86  LEU A CG  
691 C CD1 . LEU A 84 ? 0.2155 0.2620 0.2354 -0.0116 -0.0248 -0.0057 86  LEU A CD1 
692 C CD2 . LEU A 84 ? 0.2161 0.2417 0.2144 -0.0254 -0.0323 0.0282  86  LEU A CD2 
693 N N   . VAL A 85 ? 0.1505 0.1756 0.1718 0.0104  0.0028  -0.0055 87  VAL A N   
694 C CA  . VAL A 85 ? 0.1761 0.1910 0.1926 0.0079  0.0026  -0.0112 87  VAL A CA  
695 C C   . VAL A 85 ? 0.1864 0.2072 0.2009 0.0147  0.0034  -0.0116 87  VAL A C   
696 O O   . VAL A 85 ? 0.1960 0.2436 0.2011 0.0237  -0.0005 -0.0232 87  VAL A O   
697 C CB  . VAL A 85 ? 0.1788 0.1889 0.1941 0.0083  -0.0016 -0.0137 87  VAL A CB  
698 C CG1 . VAL A 85 ? 0.1834 0.2256 0.2392 -0.0003 -0.0161 -0.0116 87  VAL A CG1 
699 C CG2 . VAL A 85 ? 0.1604 0.1737 0.2095 0.0156  -0.0061 0.0030  87  VAL A CG2 
700 N N   . SER A 86 ? 0.1667 0.2240 0.2275 0.0150  0.0033  -0.0114 88  SER A N   
701 C CA  . SER A 86 ? 0.2268 0.2427 0.2447 0.0029  0.0012  -0.0095 88  SER A CA  
702 C C   . SER A 86 ? 0.2417 0.2686 0.2877 0.0118  0.0042  0.0029  88  SER A C   
703 O O   . SER A 86 ? 0.2982 0.3166 0.3242 0.0223  0.0069  0.0073  88  SER A O   
704 C CB  . SER A 86 ? 0.2311 0.2427 0.2553 0.0092  0.0073  -0.0056 88  SER A CB  
705 O OG  . SER A 86 ? 0.1705 0.2513 0.2174 -0.0045 0.0050  -0.0056 88  SER A OG  
706 O O   . HOH B .  ? 0.1425 0.1377 0.2748 -0.0070 -0.0968 -0.0044 101 HOH A O   
707 O O   . HOH B .  ? 0.1769 0.1697 0.2675 0.0206  -0.0121 0.0532  102 HOH A O   
708 O O   . HOH B .  ? 0.6455 0.0802 0.5337 -0.1727 0.2931  -0.0316 103 HOH A O   
709 O O   . HOH B .  ? 0.1855 0.1371 0.1100 0.0318  -0.0121 0.0549  104 HOH A O   
710 O O   . HOH B .  ? 0.2055 0.1209 0.1874 0.0015  -0.0015 -0.0093 105 HOH A O   
711 O O   . HOH B .  ? 0.1987 0.2602 0.1878 0.0511  0.0250  0.0975  106 HOH A O   
712 O O   . HOH B .  ? 1.1567 0.2321 1.0636 0.1328  0.9292  -0.1202 107 HOH A O   
713 O O   . HOH B .  ? 0.1980 0.1102 0.3156 -0.0163 0.0614  0.0082  108 HOH A O   
714 O O   . HOH B .  ? 0.1587 0.1962 0.1386 0.0005  0.0184  0.0372  109 HOH A O   
715 O O   . HOH B .  ? 0.1760 0.1994 0.2029 0.0449  -0.0366 0.0162  110 HOH A O   
716 O O   . HOH B .  ? 0.0911 0.1611 0.2862 -0.0246 -0.0461 -0.0146 111 HOH A O   
717 O O   . HOH B .  ? 0.2194 0.1353 0.1151 -0.0469 -0.0103 -0.0256 112 HOH A O   
718 O O   . HOH B .  ? 0.3144 0.2899 0.1552 -0.1230 0.0891  -0.0297 113 HOH A O   
719 O O   . HOH B .  ? 0.2016 0.1732 0.2096 0.0829  -0.0490 -0.0259 114 HOH A O   
720 O O   . HOH B .  ? 0.1723 0.1752 0.3378 0.0063  0.0443  0.0686  115 HOH A O   
721 O O   . HOH B .  ? 0.2189 0.1646 0.3843 -0.0326 0.1212  -0.0370 116 HOH A O   
722 O O   . HOH B .  ? 0.1373 0.2495 0.3817 -0.0039 0.0304  -0.1341 117 HOH A O   
723 O O   . HOH B .  ? 0.1473 0.2225 0.2554 -0.0138 -0.0311 -0.0398 118 HOH A O   
724 O O   . HOH B .  ? 0.2764 0.2017 0.1824 0.0494  -0.0501 0.0007  119 HOH A O   
725 O O   . HOH B .  ? 0.2117 0.3196 0.1590 0.0119  -0.0539 0.0487  120 HOH A O   
726 O O   . HOH B .  ? 0.2917 0.2362 0.2337 -0.0391 0.0332  0.0485  121 HOH A O   
727 O O   . HOH B .  ? 0.2854 0.3393 0.1531 -0.1353 0.0183  -0.0190 122 HOH A O   
728 O O   . HOH B .  ? 0.2632 0.2380 0.2686 0.0442  0.0420  -0.0142 123 HOH A O   
729 O O   . HOH B .  ? 0.2578 0.1681 0.2052 0.0915  -0.0191 0.0189  124 HOH A O   
730 O O   . HOH B .  ? 0.2567 0.2453 0.2237 0.0563  0.0459  0.0161  125 HOH A O   
731 O O   . HOH B .  ? 0.2653 0.2529 0.1630 -0.0341 0.0643  0.0042  126 HOH A O   
732 O O   . HOH B .  ? 0.2917 0.2228 0.2669 -0.0952 0.0290  -0.0386 127 HOH A O   
733 O O   . HOH B .  ? 0.1870 0.5931 0.2201 -0.0358 0.0375  0.0322  128 HOH A O   
734 O O   . HOH B .  ? 0.2824 0.2391 0.2073 0.0542  -0.0232 -0.0530 129 HOH A O   
735 O O   . HOH B .  ? 0.3505 0.3318 0.1757 -0.0198 0.0016  -0.0320 130 HOH A O   
736 O O   . HOH B .  ? 0.2005 0.2328 0.3290 0.0209  -0.1329 0.0120  131 HOH A O   
737 O O   . HOH B .  ? 0.3074 0.1900 0.2674 0.0782  -0.0642 -0.0381 132 HOH A O   
738 O O   . HOH B .  ? 0.2827 0.3491 0.2349 0.0771  -0.0553 0.0263  133 HOH A O   
739 O O   . HOH B .  ? 0.4033 0.2488 0.2220 0.1127  -0.0279 -0.0146 134 HOH A O   
740 O O   . HOH B .  ? 0.3389 0.2957 0.2281 0.0409  0.0440  0.0637  135 HOH A O   
741 O O   . HOH B .  ? 0.3581 0.3517 0.1822 0.0108  -0.0073 -0.0285 136 HOH A O   
742 O O   . HOH B .  ? 0.2784 0.3327 0.2139 -0.0340 0.0240  -0.0257 137 HOH A O   
743 O O   . HOH B .  ? 0.3398 0.2295 0.4499 0.1313  0.0471  0.1093  138 HOH A O   
744 O O   . HOH B .  ? 0.2704 0.2019 0.3640 0.1334  0.0090  -0.0568 139 HOH A O   
745 O O   . HOH B .  ? 0.5124 0.2260 0.5461 -0.0608 -0.2127 0.0802  140 HOH A O   
746 O O   . HOH B .  ? 0.4871 0.2617 0.3093 0.1598  0.0127  -0.1002 141 HOH A O   
747 O O   . HOH B .  ? 0.4905 0.7608 0.3294 0.2274  -0.0596 -0.0129 142 HOH A O   
748 O O   . HOH B .  ? 0.2705 0.2084 0.3644 0.0446  0.0651  0.0551  143 HOH A O   
749 O O   . HOH B .  ? 0.4822 0.3411 0.2323 -0.0256 -0.0938 -0.0054 144 HOH A O   
750 O O   . HOH B .  ? 0.2557 0.2503 0.3123 -0.0178 0.0300  -0.0170 145 HOH A O   
751 O O   . HOH B .  ? 0.3352 0.3047 0.3490 -0.0946 -0.0522 -0.0480 146 HOH A O   
752 O O   . HOH B .  ? 0.2073 0.3599 0.1817 -0.0279 -0.0015 0.0020  147 HOH A O   
753 O O   . HOH B .  ? 0.3934 0.3990 0.2719 -0.0174 0.0517  -0.1358 148 HOH A O   
754 O O   . HOH B .  ? 0.3982 0.4059 0.3061 -0.1477 -0.0831 -0.0346 149 HOH A O   
755 O O   . HOH B .  ? 0.2644 0.3182 0.4745 0.0971  -0.0590 -0.0152 150 HOH A O   
756 O O   . HOH B .  ? 0.3125 0.3005 0.4087 -0.0848 -0.0189 0.0143  151 HOH A O   
757 O O   . HOH B .  ? 0.3691 0.2438 0.4496 -0.0664 -0.0327 0.1820  152 HOH A O   
758 O O   . HOH B .  ? 0.4209 0.3915 0.1573 -0.1320 -0.0362 -0.0700 153 HOH A O   
759 O O   . HOH B .  ? 0.6052 0.4291 0.1236 0.1784  0.2297  0.1206  154 HOH A O   
760 O O   . HOH B .  ? 0.3367 0.2894 0.1893 -0.0500 -0.0072 0.0280  155 HOH A O   
761 O O   . HOH B .  ? 0.5061 0.2001 0.4362 0.0451  0.0877  -0.0491 156 HOH A O   
762 O O   . HOH B .  ? 0.5168 0.4088 0.4910 0.0107  0.1522  0.0302  157 HOH A O   
763 O O   . HOH B .  ? 0.2048 0.4210 0.3602 0.0410  0.0215  -0.0201 158 HOH A O   
764 O O   . HOH B .  ? 0.3043 0.5066 0.2523 0.0009  0.0682  0.1094  159 HOH A O   
765 O O   . HOH B .  ? 0.5206 0.2972 0.2567 -0.0118 0.1839  -0.0066 160 HOH A O   
766 O O   . HOH B .  ? 0.6958 0.2388 0.2225 -0.1038 -0.0424 0.0080  161 HOH A O   
767 O O   . HOH B .  ? 0.4611 0.4299 0.3073 -0.0571 0.1565  -0.0153 162 HOH A O   
768 O O   . HOH B .  ? 1.2229 0.3663 0.8957 0.0424  0.1186  -0.0395 163 HOH A O   
769 O O   . HOH B .  ? 0.3651 0.3703 0.3872 0.0599  -0.0638 -0.0838 164 HOH A O   
770 O O   . HOH B .  ? 0.2669 0.3464 0.6063 0.0723  -0.1000 -0.1327 165 HOH A O   
771 O O   . HOH B .  ? 0.4454 0.3453 0.4997 -0.0645 -0.2546 0.0957  166 HOH A O   
772 O O   . HOH B .  ? 0.5734 0.4294 0.5504 -0.0042 0.0626  -0.0976 167 HOH A O   
773 O O   . HOH B .  ? 0.2279 0.3168 0.4628 0.0011  0.0051  -0.0019 168 HOH A O   
774 O O   . HOH B .  ? 0.2843 0.3184 0.5705 0.0074  -0.0559 0.0016  169 HOH A O   
775 O O   . HOH B .  ? 0.3897 0.3791 0.5817 0.0307  0.1704  0.0692  170 HOH A O   
776 O O   . HOH B .  ? 0.4725 0.3903 0.2844 0.0712  0.0880  -0.0144 171 HOH A O   
777 O O   . HOH B .  ? 0.4184 0.9291 0.0888 -0.1289 0.0096  -0.0476 172 HOH A O   
778 O O   . HOH B .  ? 0.2823 0.4512 0.5264 0.0790  -0.1972 -0.1363 173 HOH A O   
779 O O   . HOH B .  ? 0.3120 0.2684 0.5681 0.0683  -0.0789 -0.1215 174 HOH A O   
780 O O   . HOH B .  ? 0.3483 0.2687 0.2795 0.0358  -0.0025 0.0363  175 HOH A O   
781 O O   . HOH B .  ? 0.5546 0.4662 0.3724 0.0398  -0.1391 0.0168  176 HOH A O   
782 O O   . HOH B .  ? 0.5144 0.5046 0.2553 -0.2736 -0.0119 -0.0437 177 HOH A O   
783 O O   . HOH B .  ? 0.5367 0.2917 0.2725 -0.0346 -0.1883 -0.0023 178 HOH A O   
784 O O   . HOH B .  ? 0.6679 1.1412 0.5104 -0.2248 0.1321  0.1557  179 HOH A O   
785 O O   . HOH B .  ? 0.5176 0.3287 0.5003 0.0226  0.0681  0.0524  180 HOH A O   
786 O O   . HOH B .  ? 0.4290 0.4228 0.4971 0.0757  -0.0836 -0.1648 181 HOH A O   
787 O O   . HOH B .  ? 0.2807 0.3149 0.6176 0.0533  0.1572  0.0884  182 HOH A O   
788 O O   . HOH B .  ? 0.4340 0.2602 0.7962 -0.0124 0.2309  -0.0026 183 HOH A O   
789 O O   . HOH B .  ? 0.3582 0.7894 0.6543 0.4138  -0.3603 -0.2313 184 HOH A O   
790 O O   . HOH B .  ? 0.5497 0.6234 1.2892 -0.0558 0.0954  -0.0383 185 HOH A O   
791 O O   . HOH B .  ? 0.3222 0.7294 0.2665 -0.0408 -0.1473 0.0446  186 HOH A O   
792 O O   . HOH B .  ? 0.3241 0.2210 0.7668 -0.0038 -0.0626 0.0466  187 HOH A O   
793 O O   . HOH B .  ? 0.5627 1.1603 0.4568 -0.3339 -0.0632 0.1777  188 HOH A O   
794 O O   . HOH B .  ? 0.3209 0.5133 0.4109 0.0590  -0.0256 0.0348  189 HOH A O   
795 O O   . HOH B .  ? 0.6733 0.7543 0.2831 0.0761  0.1089  -0.0893 190 HOH A O   
796 O O   . HOH B .  ? 0.4626 1.1365 0.6889 -0.3776 -0.0378 -0.2040 191 HOH A O   
797 O O   . HOH B .  ? 0.6248 1.2182 0.2884 0.1790  0.0095  -0.3629 192 HOH A O   
798 O O   . HOH B .  ? 0.2460 0.3166 0.4104 -0.0585 -0.0001 -0.0707 193 HOH A O   
799 O O   . HOH B .  ? 0.7540 0.4140 0.5956 -0.1154 0.3076  0.0984  194 HOH A O   
800 O O   . HOH B .  ? 0.4430 0.5470 0.4465 0.2250  -0.0087 0.1529  195 HOH A O   
801 O O   . HOH B .  ? 0.5446 0.4322 0.2671 0.1397  -0.0609 -0.1565 196 HOH A O   
802 O O   . HOH B .  ? 0.4227 0.3751 0.7730 0.0442  -0.1802 -0.2113 197 HOH A O   
803 O O   . HOH B .  ? 0.3960 0.2306 0.6502 0.0020  0.1417  -0.0342 198 HOH A O   
804 O O   . HOH B .  ? 0.2920 0.3794 0.3350 0.0701  0.0073  -0.1026 199 HOH A O   
805 O O   . HOH B .  ? 0.5125 0.2916 0.1676 0.0551  0.0089  0.0103  200 HOH A O   
# 
